data_6HTI
#
_entry.id   6HTI
#
_cell.length_a   70.730
_cell.length_b   70.730
_cell.length_c   98.350
_cell.angle_alpha   75.70
_cell.angle_beta   78.01
_cell.angle_gamma   85.80
#
_symmetry.space_group_name_H-M   'P 1'
#
loop_
_entity.id
_entity.type
_entity.pdbx_description
1 polymer 'Histone deacetylase'
2 non-polymer 'ZINC ION'
3 non-polymer 'POTASSIUM ION'
4 non-polymer GLYCEROL
5 non-polymer ~{N}-[2-chloranyl-5-(oxidanylcarbamoyl)phenyl]-1-benzothiophene-7-carboxamide
6 water water
#
_entity_poly.entity_id   1
_entity_poly.type   'polypeptide(L)'
_entity_poly.pdbx_seq_one_letter_code
;HMSVGIVYGDQYRQLCCSSPKFGDRYALVMDLINAYKLIPELSRVPPLQWDSPSRMYEAVTAFHSTEYVDALKKLQMLHC
EEKELTADDELLMDSFSLNYDCPGFPSVFDYSLAAVQGSLAAASALICRHCEVVINWGGGWHHAKRSEASGFCYLNDIVL
AIHRLVSSTPPETSPNRQTRVLYVDLDLHHGDGVEEAFWYSPRVVTFSVHHASPGFFPGTGTWNMVDNDKLPIFLNGAGR
GRFSAFNLPLEEGINDLDWSNAIGPILDSLNIVIQPSYVVVQCGADCLATDPHRIFRLTNFYPNLNLDSDCDSECSLSGY
LYAIKKILSWKVPTLILGGGGYNFPDTARLWTRVTALTIEEVKGKKMTISPEIPEHSYFSRYGPDFELDIDYFPHESHNK
TLDSIQKHHRRILEQLRNYADLNKLIYDYDQVYQLYNLTGMGSLVPR
;
_entity_poly.pdbx_strand_id   A,B,C,D
#
# COMPACT_ATOMS: atom_id res chain seq x y z
N SER A 3 15.69 15.15 -31.08
CA SER A 3 17.12 15.08 -30.87
C SER A 3 17.55 13.67 -30.45
N VAL A 4 18.87 13.48 -30.34
CA VAL A 4 19.45 12.26 -29.79
C VAL A 4 19.92 12.56 -28.37
N GLY A 5 19.33 11.88 -27.39
CA GLY A 5 19.71 12.09 -26.00
C GLY A 5 20.75 11.10 -25.53
N ILE A 6 21.54 11.49 -24.53
CA ILE A 6 22.50 10.58 -23.92
C ILE A 6 22.55 10.83 -22.43
N VAL A 7 22.53 9.76 -21.65
CA VAL A 7 22.44 9.87 -20.18
C VAL A 7 23.83 10.05 -19.60
N TYR A 8 24.04 11.17 -18.92
CA TYR A 8 25.26 11.35 -18.16
C TYR A 8 25.07 12.48 -17.16
N GLY A 9 26.05 12.60 -16.26
CA GLY A 9 26.08 13.60 -15.21
C GLY A 9 27.27 13.27 -14.32
N ASP A 10 27.65 14.21 -13.47
CA ASP A 10 28.86 14.04 -12.65
C ASP A 10 28.70 12.93 -11.61
N GLN A 11 27.64 12.96 -10.80
CA GLN A 11 27.45 11.88 -9.83
C GLN A 11 27.24 10.54 -10.53
N TYR A 12 26.44 10.55 -11.61
CA TYR A 12 26.15 9.34 -12.37
C TYR A 12 27.44 8.67 -12.82
N ARG A 13 28.37 9.49 -13.32
CA ARG A 13 29.66 8.95 -13.74
C ARG A 13 30.42 8.33 -12.59
N GLN A 14 30.45 9.00 -11.43
CA GLN A 14 31.15 8.43 -10.27
C GLN A 14 30.53 7.10 -9.88
N LEU A 15 29.21 7.01 -9.90
CA LEU A 15 28.54 5.79 -9.47
C LEU A 15 28.71 4.66 -10.48
N CYS A 16 28.57 4.96 -11.78
CA CYS A 16 28.80 3.94 -12.81
C CYS A 16 30.23 3.43 -12.84
N CYS A 17 31.16 4.17 -12.24
CA CYS A 17 32.57 3.78 -12.20
C CYS A 17 32.95 3.20 -10.84
N SER A 18 31.98 2.88 -10.00
CA SER A 18 32.27 2.52 -8.62
C SER A 18 32.26 1.02 -8.39
N SER A 19 32.14 0.19 -9.47
CA SER A 19 32.02 -1.24 -9.22
C SER A 19 33.35 -1.95 -9.48
N PRO A 20 33.61 -3.06 -8.78
CA PRO A 20 34.87 -3.79 -9.04
C PRO A 20 34.95 -4.38 -10.42
N LYS A 21 33.84 -4.90 -10.97
CA LYS A 21 33.89 -5.61 -12.25
C LYS A 21 34.07 -4.65 -13.42
N PHE A 22 33.29 -3.58 -13.45
CA PHE A 22 33.32 -2.70 -14.62
C PHE A 22 34.22 -1.49 -14.43
N GLY A 23 34.82 -1.31 -13.25
CA GLY A 23 35.88 -0.34 -13.07
C GLY A 23 35.50 1.01 -13.63
N ASP A 24 36.39 1.59 -14.44
CA ASP A 24 36.18 2.89 -15.04
C ASP A 24 35.69 2.81 -16.50
N ARG A 25 35.08 1.69 -16.91
CA ARG A 25 34.67 1.55 -18.30
C ARG A 25 33.79 2.71 -18.76
N TYR A 26 32.82 3.11 -17.93
CA TYR A 26 31.89 4.15 -18.35
C TYR A 26 32.63 5.45 -18.63
N ALA A 27 33.65 5.73 -17.84
CA ALA A 27 34.44 6.94 -18.03
C ALA A 27 35.19 6.90 -19.36
N LEU A 28 35.78 5.76 -19.72
CA LEU A 28 36.42 5.66 -21.02
C LEU A 28 35.41 5.88 -22.14
N VAL A 29 34.24 5.26 -22.03
CA VAL A 29 33.21 5.41 -23.05
C VAL A 29 32.84 6.88 -23.23
N MET A 30 32.42 7.54 -22.15
CA MET A 30 31.97 8.91 -22.29
C MET A 30 33.10 9.85 -22.68
N ASP A 31 34.32 9.57 -22.21
CA ASP A 31 35.46 10.42 -22.53
C ASP A 31 35.92 10.22 -23.97
N LEU A 32 35.69 9.06 -24.57
CA LEU A 32 36.01 8.91 -25.99
C LEU A 32 34.97 9.61 -26.86
N ILE A 33 33.69 9.52 -26.47
CA ILE A 33 32.63 10.24 -27.16
C ILE A 33 32.88 11.74 -27.11
N ASN A 34 33.32 12.23 -25.95
CA ASN A 34 33.64 13.64 -25.79
C ASN A 34 34.89 14.00 -26.58
N ALA A 35 35.91 13.14 -26.56
CA ALA A 35 37.13 13.40 -27.32
C ALA A 35 36.86 13.53 -28.81
N TYR A 36 35.83 12.85 -29.32
CA TYR A 36 35.48 12.91 -30.72
C TYR A 36 34.52 14.07 -31.04
N LYS A 37 34.27 14.96 -30.07
CA LYS A 37 33.45 16.14 -30.26
C LYS A 37 32.00 15.80 -30.59
N LEU A 38 31.48 14.72 -30.01
CA LEU A 38 30.08 14.34 -30.21
C LEU A 38 29.14 14.93 -29.17
N ILE A 39 29.66 15.36 -28.02
CA ILE A 39 28.79 15.89 -26.96
C ILE A 39 27.94 17.08 -27.41
N PRO A 40 28.47 18.08 -28.13
CA PRO A 40 27.61 19.20 -28.56
C PRO A 40 26.48 18.78 -29.49
N GLU A 41 26.56 17.60 -30.11
CA GLU A 41 25.49 17.11 -30.97
C GLU A 41 24.36 16.47 -30.19
N LEU A 42 24.56 16.21 -28.90
CA LEU A 42 23.67 15.36 -28.12
C LEU A 42 22.99 16.15 -27.03
N SER A 43 21.80 15.71 -26.65
CA SER A 43 21.04 16.33 -25.56
C SER A 43 21.26 15.51 -24.29
N ARG A 44 21.86 16.12 -23.26
CA ARG A 44 22.06 15.40 -22.01
C ARG A 44 20.73 15.09 -21.35
N VAL A 45 20.51 13.81 -21.06
CA VAL A 45 19.35 13.36 -20.29
C VAL A 45 19.79 13.12 -18.85
N PRO A 46 19.29 13.88 -17.88
CA PRO A 46 19.72 13.69 -16.49
C PRO A 46 19.06 12.46 -15.87
N PRO A 47 19.81 11.66 -15.12
CA PRO A 47 19.21 10.51 -14.45
C PRO A 47 18.06 10.94 -13.55
N LEU A 48 17.06 10.07 -13.43
CA LEU A 48 15.90 10.35 -12.59
C LEU A 48 16.26 10.34 -11.10
N GLN A 49 15.69 11.29 -10.35
CA GLN A 49 15.80 11.29 -8.91
C GLN A 49 14.40 11.39 -8.33
N TRP A 50 14.22 10.83 -7.13
CA TRP A 50 12.91 10.66 -6.52
C TRP A 50 12.72 11.59 -5.33
N ASP A 51 11.45 11.81 -4.98
CA ASP A 51 11.07 12.76 -3.95
C ASP A 51 11.06 12.17 -2.55
N SER A 52 11.30 10.88 -2.41
CA SER A 52 11.26 10.23 -1.11
C SER A 52 11.76 8.79 -1.27
N PRO A 53 12.20 8.17 -0.18
CA PRO A 53 12.46 6.72 -0.21
C PRO A 53 11.27 5.93 -0.69
N SER A 54 10.06 6.29 -0.25
CA SER A 54 8.87 5.54 -0.66
C SER A 54 8.67 5.59 -2.16
N ARG A 55 8.94 6.75 -2.77
CA ARG A 55 8.79 6.88 -4.20
C ARG A 55 9.85 6.06 -4.94
N MET A 56 11.08 6.05 -4.43
CA MET A 56 12.12 5.19 -5.02
C MET A 56 11.72 3.72 -4.94
N TYR A 57 11.25 3.27 -3.77
CA TYR A 57 10.83 1.88 -3.63
C TYR A 57 9.68 1.54 -4.56
N GLU A 58 8.73 2.47 -4.72
CA GLU A 58 7.61 2.25 -5.62
C GLU A 58 8.07 2.05 -7.05
N ALA A 59 9.09 2.81 -7.48
CA ALA A 59 9.62 2.65 -8.82
C ALA A 59 10.33 1.31 -8.97
N VAL A 60 11.19 0.97 -8.02
CA VAL A 60 12.04 -0.22 -8.19
C VAL A 60 11.23 -1.49 -8.00
N THR A 61 10.26 -1.46 -7.08
CA THR A 61 9.46 -2.67 -6.86
C THR A 61 8.34 -2.82 -7.87
N ALA A 62 8.31 -2.00 -8.92
CA ALA A 62 7.43 -2.29 -10.05
C ALA A 62 7.82 -3.62 -10.69
N PHE A 63 9.09 -3.99 -10.56
CA PHE A 63 9.57 -5.30 -10.97
C PHE A 63 10.11 -6.11 -9.81
N HIS A 64 11.02 -5.56 -9.02
CA HIS A 64 11.73 -6.32 -8.01
C HIS A 64 10.87 -6.42 -6.75
N SER A 65 11.10 -7.48 -5.98
CA SER A 65 10.36 -7.63 -4.72
C SER A 65 10.93 -6.67 -3.68
N THR A 66 10.08 -6.27 -2.72
CA THR A 66 10.56 -5.39 -1.65
C THR A 66 11.65 -6.07 -0.84
N GLU A 67 11.48 -7.36 -0.54
CA GLU A 67 12.50 -8.06 0.25
C GLU A 67 13.84 -8.07 -0.47
N TYR A 68 13.84 -8.24 -1.78
CA TYR A 68 15.10 -8.23 -2.52
C TYR A 68 15.75 -6.83 -2.50
N VAL A 69 14.96 -5.78 -2.74
CA VAL A 69 15.50 -4.42 -2.64
C VAL A 69 16.01 -4.15 -1.23
N ASP A 70 15.28 -4.57 -0.20
CA ASP A 70 15.77 -4.41 1.17
C ASP A 70 17.10 -5.13 1.37
N ALA A 71 17.23 -6.34 0.83
CA ALA A 71 18.46 -7.10 0.98
C ALA A 71 19.63 -6.45 0.26
N LEU A 72 19.38 -5.93 -0.95
CA LEU A 72 20.44 -5.23 -1.70
C LEU A 72 20.90 -3.96 -0.97
N LYS A 73 19.96 -3.23 -0.37
CA LYS A 73 20.35 -2.06 0.41
C LYS A 73 21.13 -2.46 1.66
N LYS A 74 20.74 -3.56 2.32
CA LYS A 74 21.47 -4.02 3.50
C LYS A 74 22.87 -4.47 3.10
N LEU A 75 23.00 -5.11 1.94
CA LEU A 75 24.32 -5.53 1.48
C LEU A 75 25.27 -4.34 1.38
N GLN A 76 24.80 -3.23 0.79
CA GLN A 76 25.61 -2.02 0.73
C GLN A 76 26.00 -1.54 2.13
N MET A 77 25.01 -1.43 3.03
CA MET A 77 25.31 -0.95 4.37
C MET A 77 26.33 -1.86 5.08
N LEU A 78 26.18 -3.17 4.95
CA LEU A 78 27.14 -4.08 5.56
C LEU A 78 28.53 -3.93 4.94
N HIS A 79 28.59 -3.74 3.63
CA HIS A 79 29.91 -3.56 3.04
C HIS A 79 30.51 -2.19 3.32
N CYS A 80 29.78 -1.29 3.99
CA CYS A 80 30.34 -0.03 4.42
C CYS A 80 30.81 -0.05 5.88
N GLU A 81 30.77 -1.21 6.53
CA GLU A 81 31.37 -1.41 7.84
C GLU A 81 32.52 -2.40 7.72
N GLU A 82 33.45 -2.35 8.68
CA GLU A 82 34.63 -3.20 8.60
C GLU A 82 34.34 -4.63 9.04
N LYS A 83 33.36 -4.83 9.92
CA LYS A 83 33.08 -6.17 10.42
C LYS A 83 32.62 -7.08 9.29
N GLU A 84 32.95 -8.37 9.43
CA GLU A 84 32.46 -9.37 8.50
C GLU A 84 30.96 -9.60 8.73
N LEU A 85 30.30 -10.15 7.71
CA LEU A 85 28.89 -10.49 7.85
C LEU A 85 28.68 -11.63 8.85
N THR A 86 27.55 -11.61 9.53
CA THR A 86 27.17 -12.75 10.34
C THR A 86 26.71 -13.89 9.44
N ALA A 87 26.70 -15.10 10.03
CA ALA A 87 26.17 -16.27 9.33
C ALA A 87 24.73 -16.04 8.87
N ASP A 88 23.89 -15.42 9.71
CA ASP A 88 22.52 -15.14 9.30
C ASP A 88 22.48 -14.17 8.12
N ASP A 89 23.34 -13.15 8.13
CA ASP A 89 23.34 -12.23 6.98
C ASP A 89 23.91 -12.90 5.72
N GLU A 90 24.90 -13.79 5.85
CA GLU A 90 25.34 -14.56 4.68
C GLU A 90 24.19 -15.39 4.10
N LEU A 91 23.41 -16.06 4.94
CA LEU A 91 22.28 -16.86 4.46
C LEU A 91 21.24 -15.99 3.77
N LEU A 92 20.93 -14.84 4.37
CA LEU A 92 20.02 -13.88 3.73
C LEU A 92 20.51 -13.48 2.34
N MET A 93 21.79 -13.15 2.22
CA MET A 93 22.29 -12.76 0.90
C MET A 93 22.27 -13.95 -0.06
N ASP A 94 22.61 -15.14 0.43
CA ASP A 94 22.54 -16.33 -0.41
C ASP A 94 21.13 -16.53 -0.98
N SER A 95 20.09 -16.19 -0.21
CA SER A 95 18.72 -16.45 -0.67
C SER A 95 18.30 -15.54 -1.83
N PHE A 96 19.07 -14.47 -2.10
CA PHE A 96 18.86 -13.58 -3.24
C PHE A 96 19.99 -13.67 -4.28
N SER A 97 20.89 -14.65 -4.13
CA SER A 97 22.08 -14.83 -4.98
C SER A 97 22.98 -13.59 -5.00
N LEU A 98 23.02 -12.88 -3.87
CA LEU A 98 23.92 -11.73 -3.71
C LEU A 98 25.25 -12.23 -3.18
N ASN A 99 25.98 -12.93 -4.07
CA ASN A 99 27.15 -13.69 -3.67
C ASN A 99 27.87 -14.10 -4.95
N TYR A 100 29.01 -14.76 -4.78
CA TYR A 100 29.77 -15.32 -5.91
C TYR A 100 29.97 -14.27 -6.99
N ASP A 101 29.35 -14.41 -8.16
CA ASP A 101 29.56 -13.45 -9.24
C ASP A 101 28.79 -12.15 -9.07
N CYS A 102 27.94 -12.05 -8.05
CA CYS A 102 27.24 -10.82 -7.72
C CYS A 102 27.57 -10.40 -6.29
N PRO A 103 28.83 -10.08 -6.02
CA PRO A 103 29.25 -9.78 -4.66
C PRO A 103 28.79 -8.41 -4.20
N GLY A 104 28.86 -8.22 -2.89
CA GLY A 104 28.70 -6.90 -2.34
C GLY A 104 29.99 -6.08 -2.43
N PHE A 105 29.80 -4.77 -2.43
CA PHE A 105 30.85 -3.78 -2.36
C PHE A 105 30.24 -2.49 -1.81
N PRO A 106 31.04 -1.54 -1.37
CA PRO A 106 30.48 -0.42 -0.58
C PRO A 106 29.44 0.41 -1.31
N SER A 107 29.43 0.43 -2.64
CA SER A 107 28.44 1.19 -3.39
C SER A 107 27.47 0.33 -4.22
N VAL A 108 27.26 -0.94 -3.83
CA VAL A 108 26.52 -1.87 -4.71
C VAL A 108 25.09 -1.41 -4.96
N PHE A 109 24.40 -0.86 -3.95
CA PHE A 109 23.05 -0.38 -4.17
C PHE A 109 23.04 0.91 -4.99
N ASP A 110 23.85 1.90 -4.60
CA ASP A 110 23.88 3.16 -5.35
C ASP A 110 24.26 2.93 -6.80
N TYR A 111 25.21 2.00 -7.04
CA TYR A 111 25.66 1.68 -8.41
C TYR A 111 24.53 1.06 -9.22
N SER A 112 23.85 0.08 -8.63
CA SER A 112 22.75 -0.61 -9.31
C SER A 112 21.57 0.32 -9.53
N LEU A 113 21.22 1.09 -8.51
CA LEU A 113 20.12 2.04 -8.67
C LEU A 113 20.44 3.08 -9.74
N ALA A 114 21.71 3.49 -9.87
CA ALA A 114 22.04 4.52 -10.84
C ALA A 114 21.61 4.08 -12.24
N ALA A 115 21.88 2.84 -12.62
CA ALA A 115 21.49 2.40 -13.96
C ALA A 115 19.99 2.49 -14.15
N VAL A 116 19.23 2.16 -13.11
CA VAL A 116 17.77 2.32 -13.15
C VAL A 116 17.39 3.79 -13.34
N GLN A 117 18.03 4.69 -12.58
CA GLN A 117 17.76 6.11 -12.72
C GLN A 117 18.03 6.58 -14.14
N GLY A 118 19.11 6.10 -14.76
CA GLY A 118 19.43 6.53 -16.11
C GLY A 118 18.43 6.02 -17.14
N SER A 119 18.11 4.73 -17.08
CA SER A 119 17.24 4.17 -18.11
C SER A 119 15.78 4.60 -17.94
N LEU A 120 15.31 4.81 -16.70
CA LEU A 120 13.98 5.40 -16.50
C LEU A 120 13.93 6.82 -17.05
N ALA A 121 14.95 7.64 -16.77
CA ALA A 121 14.97 8.97 -17.36
C ALA A 121 15.01 8.89 -18.88
N ALA A 122 15.72 7.91 -19.41
CA ALA A 122 15.77 7.74 -20.85
C ALA A 122 14.39 7.41 -21.40
N ALA A 123 13.66 6.50 -20.75
CA ALA A 123 12.29 6.22 -21.19
C ALA A 123 11.44 7.47 -21.17
N SER A 124 11.54 8.26 -20.10
CA SER A 124 10.67 9.43 -19.98
C SER A 124 10.89 10.42 -21.11
N ALA A 125 12.16 10.60 -21.52
CA ALA A 125 12.48 11.54 -22.60
C ALA A 125 11.87 11.11 -23.91
N LEU A 126 11.85 9.79 -24.16
CA LEU A 126 11.15 9.29 -25.34
C LEU A 126 9.65 9.51 -25.22
N ILE A 127 9.08 9.29 -24.04
CA ILE A 127 7.62 9.36 -23.89
C ILE A 127 7.13 10.78 -24.15
N CYS A 128 7.76 11.76 -23.50
CA CYS A 128 7.37 13.16 -23.71
C CYS A 128 7.88 13.73 -25.02
N ARG A 129 8.54 12.91 -25.86
CA ARG A 129 9.01 13.27 -27.19
C ARG A 129 10.10 14.34 -27.17
N HIS A 130 10.81 14.51 -26.05
CA HIS A 130 11.99 15.39 -26.06
C HIS A 130 13.08 14.84 -26.96
N CYS A 131 13.23 13.52 -27.02
CA CYS A 131 14.24 12.87 -27.84
C CYS A 131 13.58 11.80 -28.71
N GLU A 132 14.11 11.62 -29.91
CA GLU A 132 13.69 10.52 -30.77
C GLU A 132 14.45 9.24 -30.47
N VAL A 133 15.70 9.37 -30.00
CA VAL A 133 16.51 8.25 -29.53
C VAL A 133 17.21 8.73 -28.26
N VAL A 134 17.36 7.82 -27.29
CA VAL A 134 18.17 8.09 -26.11
C VAL A 134 19.13 6.94 -25.90
N ILE A 135 20.39 7.26 -25.59
CA ILE A 135 21.45 6.31 -25.30
C ILE A 135 21.77 6.32 -23.81
N ASN A 136 21.96 5.13 -23.22
CA ASN A 136 22.44 5.02 -21.83
C ASN A 136 23.53 3.95 -21.76
N TRP A 137 24.80 4.38 -21.87
CA TRP A 137 25.90 3.43 -21.77
C TRP A 137 26.19 2.99 -20.34
N GLY A 138 25.47 3.52 -19.35
CA GLY A 138 25.57 3.00 -18.01
C GLY A 138 24.51 1.96 -17.65
N GLY A 139 23.64 1.60 -18.57
CA GLY A 139 22.54 0.67 -18.35
C GLY A 139 22.66 -0.58 -19.22
N GLY A 140 21.65 -1.45 -19.17
CA GLY A 140 21.61 -2.65 -19.98
C GLY A 140 21.78 -3.96 -19.20
N TRP A 141 21.35 -3.98 -17.94
CA TRP A 141 21.70 -5.06 -17.01
C TRP A 141 20.62 -6.14 -17.04
N HIS A 142 20.67 -6.92 -18.11
CA HIS A 142 19.55 -7.72 -18.54
C HIS A 142 19.36 -9.03 -17.76
N HIS A 143 20.30 -9.45 -16.90
CA HIS A 143 20.15 -10.74 -16.23
C HIS A 143 19.41 -10.69 -14.91
N ALA A 144 19.28 -9.50 -14.31
CA ALA A 144 18.67 -9.42 -12.98
C ALA A 144 17.20 -9.84 -13.03
N LYS A 145 16.76 -10.58 -12.01
CA LYS A 145 15.42 -11.14 -11.90
C LYS A 145 14.70 -10.48 -10.73
N ARG A 146 13.41 -10.78 -10.62
CA ARG A 146 12.56 -10.12 -9.63
C ARG A 146 13.19 -10.13 -8.24
N SER A 147 13.68 -11.29 -7.78
CA SER A 147 14.28 -11.42 -6.45
C SER A 147 15.65 -12.11 -6.53
N GLU A 148 16.44 -11.86 -7.57
CA GLU A 148 17.71 -12.57 -7.70
C GLU A 148 18.69 -11.74 -8.52
N ALA A 149 19.91 -11.53 -7.99
CA ALA A 149 21.00 -11.00 -8.80
C ALA A 149 21.61 -12.09 -9.66
N SER A 150 22.13 -11.71 -10.82
CA SER A 150 22.68 -12.69 -11.74
C SER A 150 23.60 -11.98 -12.72
N GLY A 151 24.79 -12.54 -12.94
CA GLY A 151 25.66 -12.02 -14.01
C GLY A 151 26.13 -10.60 -13.80
N PHE A 152 26.42 -10.23 -12.57
CA PHE A 152 26.75 -8.87 -12.14
C PHE A 152 25.66 -7.87 -12.49
N CYS A 153 24.43 -8.33 -12.67
CA CYS A 153 23.27 -7.47 -12.81
C CYS A 153 22.49 -7.54 -11.51
N TYR A 154 22.33 -6.41 -10.84
CA TYR A 154 21.63 -6.39 -9.56
C TYR A 154 20.21 -5.84 -9.64
N LEU A 155 19.99 -4.82 -10.44
CA LEU A 155 18.64 -4.33 -10.71
C LEU A 155 18.44 -4.26 -12.21
N ASN A 156 17.27 -4.65 -12.67
CA ASN A 156 17.05 -4.74 -14.11
C ASN A 156 16.51 -3.40 -14.61
N ASP A 157 17.43 -2.51 -14.98
CA ASP A 157 17.04 -1.19 -15.51
C ASP A 157 16.25 -1.33 -16.80
N ILE A 158 16.53 -2.37 -17.61
CA ILE A 158 15.81 -2.55 -18.87
C ILE A 158 14.33 -2.85 -18.64
N VAL A 159 14.04 -3.83 -17.78
CA VAL A 159 12.65 -4.16 -17.45
C VAL A 159 11.92 -2.93 -16.92
N LEU A 160 12.57 -2.17 -16.04
CA LEU A 160 11.88 -1.01 -15.46
C LEU A 160 11.63 0.06 -16.53
N ALA A 161 12.59 0.27 -17.44
CA ALA A 161 12.35 1.19 -18.54
C ALA A 161 11.24 0.71 -19.45
N ILE A 162 11.23 -0.60 -19.78
CA ILE A 162 10.20 -1.10 -20.70
C ILE A 162 8.82 -1.03 -20.03
N HIS A 163 8.75 -1.34 -18.74
CA HIS A 163 7.49 -1.16 -18.01
C HIS A 163 6.99 0.27 -18.13
N ARG A 164 7.88 1.26 -17.96
CA ARG A 164 7.47 2.65 -18.11
C ARG A 164 6.95 2.92 -19.52
N LEU A 165 7.68 2.45 -20.55
CA LEU A 165 7.25 2.67 -21.93
C LEU A 165 5.88 2.05 -22.23
N VAL A 166 5.68 0.78 -21.85
CA VAL A 166 4.43 0.13 -22.25
C VAL A 166 3.24 0.71 -21.50
N SER A 167 3.46 1.22 -20.29
CA SER A 167 2.40 1.74 -19.46
C SER A 167 2.09 3.20 -19.71
N SER A 168 2.60 3.77 -20.80
CA SER A 168 2.52 5.23 -20.98
C SER A 168 1.30 5.67 -21.78
N THR A 179 -0.06 0.24 -27.07
CA THR A 179 1.40 0.38 -26.97
C THR A 179 2.08 -0.98 -27.00
N ARG A 180 3.00 -1.15 -27.94
CA ARG A 180 3.81 -2.35 -28.03
C ARG A 180 5.28 -1.95 -28.07
N VAL A 181 6.13 -2.74 -27.42
CA VAL A 181 7.56 -2.48 -27.37
C VAL A 181 8.30 -3.68 -27.97
N LEU A 182 9.25 -3.42 -28.86
CA LEU A 182 10.14 -4.45 -29.34
C LEU A 182 11.47 -4.34 -28.62
N TYR A 183 11.89 -5.40 -27.94
CA TYR A 183 13.16 -5.44 -27.24
C TYR A 183 14.14 -6.31 -28.02
N VAL A 184 15.32 -5.76 -28.29
CA VAL A 184 16.35 -6.43 -29.09
C VAL A 184 17.61 -6.48 -28.24
N ASP A 185 18.13 -7.69 -28.04
CA ASP A 185 19.26 -7.93 -27.14
C ASP A 185 20.42 -8.46 -27.98
N LEU A 186 21.44 -7.63 -28.19
CA LEU A 186 22.60 -7.93 -29.04
C LEU A 186 23.81 -8.49 -28.27
N ASP A 187 23.71 -8.58 -26.94
CA ASP A 187 24.78 -9.06 -26.07
C ASP A 187 25.18 -10.50 -26.42
N LEU A 188 26.42 -10.85 -26.03
CA LEU A 188 26.87 -12.22 -26.25
C LEU A 188 26.00 -13.21 -25.51
N HIS A 189 25.42 -12.78 -24.42
CA HIS A 189 24.64 -13.64 -23.53
C HIS A 189 23.14 -13.48 -23.74
N HIS A 190 22.41 -14.55 -23.47
CA HIS A 190 20.96 -14.52 -23.55
C HIS A 190 20.38 -13.52 -22.56
N GLY A 191 19.49 -12.65 -23.04
CA GLY A 191 18.78 -11.69 -22.20
C GLY A 191 17.66 -12.33 -21.38
N ASP A 192 18.03 -13.17 -20.42
CA ASP A 192 17.05 -14.02 -19.72
C ASP A 192 16.17 -13.24 -18.75
N GLY A 193 16.73 -12.26 -18.03
CA GLY A 193 15.92 -11.54 -17.06
C GLY A 193 14.79 -10.74 -17.71
N VAL A 194 15.09 -10.10 -18.84
CA VAL A 194 14.08 -9.33 -19.57
C VAL A 194 13.06 -10.27 -20.20
N GLU A 195 13.54 -11.33 -20.85
CA GLU A 195 12.65 -12.36 -21.39
C GLU A 195 11.67 -12.86 -20.34
N GLU A 196 12.18 -13.16 -19.13
CA GLU A 196 11.33 -13.78 -18.11
C GLU A 196 10.29 -12.79 -17.59
N ALA A 197 10.70 -11.54 -17.39
CA ALA A 197 9.79 -10.52 -16.89
C ALA A 197 8.56 -10.38 -17.76
N PHE A 198 8.73 -10.56 -19.07
CA PHE A 198 7.63 -10.32 -20.02
C PHE A 198 7.14 -11.60 -20.68
N TRP A 199 7.45 -12.75 -20.07
CA TRP A 199 7.08 -14.06 -20.58
C TRP A 199 5.58 -14.20 -20.86
N TYR A 200 4.74 -13.60 -20.03
CA TYR A 200 3.28 -13.65 -20.19
C TYR A 200 2.69 -12.39 -20.85
N SER A 201 3.50 -11.51 -21.40
CA SER A 201 2.99 -10.23 -21.92
CA SER A 201 3.01 -10.23 -21.92
C SER A 201 3.16 -10.16 -23.43
N PRO A 202 2.07 -10.16 -24.20
CA PRO A 202 2.22 -10.05 -25.67
C PRO A 202 2.65 -8.67 -26.15
N ARG A 203 2.50 -7.61 -25.35
CA ARG A 203 2.81 -6.28 -25.84
C ARG A 203 4.30 -5.95 -25.76
N VAL A 204 5.08 -6.77 -25.09
CA VAL A 204 6.53 -6.64 -25.06
C VAL A 204 7.09 -7.87 -25.76
N VAL A 205 7.49 -7.72 -27.02
CA VAL A 205 8.12 -8.82 -27.75
C VAL A 205 9.63 -8.73 -27.50
N THR A 206 10.23 -9.80 -27.00
CA THR A 206 11.66 -9.84 -26.73
C THR A 206 12.36 -10.70 -27.76
N PHE A 207 13.54 -10.27 -28.19
CA PHE A 207 14.34 -11.00 -29.18
C PHE A 207 15.80 -10.91 -28.76
N SER A 208 16.40 -12.05 -28.47
CA SER A 208 17.80 -12.09 -28.09
C SER A 208 18.54 -12.92 -29.12
N VAL A 209 19.69 -12.41 -29.56
CA VAL A 209 20.66 -13.19 -30.32
C VAL A 209 21.88 -13.34 -29.41
N HIS A 210 22.45 -14.54 -29.36
CA HIS A 210 23.47 -14.81 -28.34
C HIS A 210 24.23 -16.08 -28.69
N HIS A 211 25.35 -16.26 -28.01
CA HIS A 211 25.95 -17.59 -27.98
C HIS A 211 25.21 -18.48 -26.98
N ALA A 212 25.01 -19.74 -27.33
CA ALA A 212 24.57 -20.75 -26.39
C ALA A 212 25.29 -22.06 -26.67
N SER A 213 25.74 -22.71 -25.59
CA SER A 213 26.42 -24.00 -25.68
C SER A 213 26.41 -24.62 -24.28
N PRO A 214 26.62 -25.92 -24.16
CA PRO A 214 26.46 -26.58 -22.86
C PRO A 214 27.42 -26.00 -21.83
N GLY A 215 26.86 -25.59 -20.70
CA GLY A 215 27.63 -24.99 -19.64
C GLY A 215 27.83 -23.48 -19.75
N PHE A 216 27.43 -22.87 -20.88
CA PHE A 216 27.65 -21.44 -21.09
C PHE A 216 26.55 -20.61 -20.44
N PHE A 217 26.95 -19.56 -19.72
CA PHE A 217 26.01 -18.68 -19.01
C PHE A 217 25.02 -17.96 -19.93
N PRO A 218 23.74 -17.81 -19.51
CA PRO A 218 23.05 -18.33 -18.33
C PRO A 218 22.40 -19.67 -18.60
N GLY A 219 22.49 -20.13 -19.85
CA GLY A 219 22.05 -21.46 -20.20
C GLY A 219 20.75 -21.52 -20.96
N THR A 220 19.99 -20.42 -21.01
CA THR A 220 18.69 -20.35 -21.64
C THR A 220 18.81 -19.75 -23.05
N GLY A 221 17.67 -19.55 -23.71
CA GLY A 221 17.69 -19.00 -25.05
C GLY A 221 17.98 -20.03 -26.12
N THR A 222 17.68 -21.30 -25.87
CA THR A 222 18.01 -22.35 -26.82
C THR A 222 17.09 -23.53 -26.54
N TRP A 223 17.32 -24.62 -27.29
CA TRP A 223 16.51 -25.83 -27.11
C TRP A 223 16.51 -26.25 -25.66
N ASN A 224 15.32 -26.60 -25.17
CA ASN A 224 15.04 -26.77 -23.75
C ASN A 224 14.93 -28.25 -23.42
N MET A 225 15.62 -28.66 -22.37
CA MET A 225 16.09 -30.02 -22.24
C MET A 225 15.27 -30.93 -21.32
N LYS A 230 11.66 -36.85 -23.26
CA LYS A 230 11.07 -35.92 -24.23
C LYS A 230 12.13 -35.38 -25.17
N LEU A 231 11.68 -34.77 -26.24
CA LEU A 231 12.64 -34.12 -27.14
C LEU A 231 12.75 -32.65 -26.80
N PRO A 232 13.94 -32.04 -26.90
CA PRO A 232 14.07 -30.63 -26.53
C PRO A 232 13.33 -29.73 -27.51
N ILE A 233 12.48 -28.86 -26.97
CA ILE A 233 11.74 -27.90 -27.77
C ILE A 233 12.19 -26.49 -27.38
N PHE A 234 11.75 -25.50 -28.18
CA PHE A 234 12.02 -24.08 -27.95
C PHE A 234 10.81 -23.47 -27.27
N LEU A 235 10.93 -23.13 -25.99
CA LEU A 235 9.89 -22.35 -25.33
C LEU A 235 9.92 -20.92 -25.86
N ASN A 236 8.73 -20.27 -25.91
CA ASN A 236 8.66 -18.96 -26.54
C ASN A 236 7.64 -18.02 -25.89
N GLY A 237 7.34 -18.18 -24.61
CA GLY A 237 6.33 -17.40 -23.93
C GLY A 237 5.15 -18.26 -23.51
N ALA A 238 4.31 -17.69 -22.66
CA ALA A 238 3.22 -18.48 -22.07
C ALA A 238 2.02 -17.59 -21.79
N GLY A 239 0.88 -18.24 -21.55
CA GLY A 239 -0.36 -17.50 -21.40
C GLY A 239 -0.68 -16.70 -22.65
N ARG A 240 -1.09 -15.45 -22.45
CA ARG A 240 -1.32 -14.56 -23.59
C ARG A 240 -0.03 -14.10 -24.23
N GLY A 241 1.11 -14.38 -23.62
CA GLY A 241 2.40 -14.09 -24.19
C GLY A 241 2.99 -15.22 -24.99
N ARG A 242 2.22 -16.25 -25.31
CA ARG A 242 2.79 -17.33 -26.09
C ARG A 242 3.25 -16.78 -27.44
N PHE A 243 4.40 -17.28 -27.89
CA PHE A 243 5.06 -16.91 -29.15
C PHE A 243 5.72 -15.54 -29.12
N SER A 244 5.72 -14.85 -27.98
CA SER A 244 6.18 -13.46 -27.90
C SER A 244 7.63 -13.33 -27.42
N ALA A 245 8.34 -14.42 -27.15
CA ALA A 245 9.75 -14.34 -26.79
C ALA A 245 10.57 -15.09 -27.84
N PHE A 246 11.41 -14.36 -28.55
CA PHE A 246 12.17 -14.90 -29.67
C PHE A 246 13.64 -15.05 -29.30
N ASN A 247 14.29 -16.07 -29.87
CA ASN A 247 15.69 -16.36 -29.57
C ASN A 247 16.41 -16.89 -30.79
N LEU A 248 17.66 -16.47 -30.94
CA LEU A 248 18.55 -16.99 -31.99
C LEU A 248 19.90 -17.32 -31.36
N PRO A 249 20.09 -18.58 -30.95
CA PRO A 249 21.41 -19.01 -30.45
C PRO A 249 22.33 -19.34 -31.62
N LEU A 250 23.60 -18.96 -31.47
CA LEU A 250 24.60 -19.15 -32.51
C LEU A 250 25.84 -19.85 -31.95
N GLU A 251 26.49 -20.68 -32.78
CA GLU A 251 27.73 -21.29 -32.35
C GLU A 251 28.86 -20.26 -32.43
N GLU A 252 29.96 -20.56 -31.75
CA GLU A 252 31.07 -19.63 -31.64
C GLU A 252 31.75 -19.39 -33.00
N GLY A 253 32.47 -18.28 -33.05
CA GLY A 253 33.26 -17.93 -34.22
C GLY A 253 32.58 -17.09 -35.28
N ILE A 254 31.35 -16.63 -35.06
CA ILE A 254 30.60 -16.00 -36.14
C ILE A 254 31.15 -14.60 -36.41
N ASN A 255 31.26 -14.22 -37.70
CA ASN A 255 31.82 -12.94 -38.09
C ASN A 255 30.70 -11.92 -38.37
N ASP A 256 31.11 -10.69 -38.71
CA ASP A 256 30.19 -9.59 -38.97
C ASP A 256 29.11 -9.96 -39.99
N LEU A 257 29.53 -10.42 -41.18
CA LEU A 257 28.59 -10.64 -42.27
C LEU A 257 27.56 -11.72 -41.91
N ASP A 258 28.03 -12.84 -41.35
CA ASP A 258 27.12 -13.95 -41.08
C ASP A 258 26.17 -13.62 -39.93
N TRP A 259 26.69 -12.96 -38.89
CA TRP A 259 25.81 -12.48 -37.83
C TRP A 259 24.81 -11.46 -38.37
N SER A 260 25.28 -10.56 -39.25
CA SER A 260 24.39 -9.58 -39.86
C SER A 260 23.30 -10.26 -40.70
N ASN A 261 23.70 -11.23 -41.52
CA ASN A 261 22.70 -11.95 -42.33
C ASN A 261 21.78 -12.81 -41.47
N ALA A 262 22.25 -13.25 -40.31
CA ALA A 262 21.44 -14.07 -39.42
C ALA A 262 20.29 -13.28 -38.80
N ILE A 263 20.54 -12.05 -38.34
CA ILE A 263 19.51 -11.31 -37.61
C ILE A 263 18.78 -10.26 -38.46
N GLY A 264 19.36 -9.84 -39.59
CA GLY A 264 18.79 -8.80 -40.42
C GLY A 264 17.34 -9.02 -40.80
N PRO A 265 17.05 -10.15 -41.45
CA PRO A 265 15.65 -10.43 -41.81
C PRO A 265 14.76 -10.65 -40.60
N ILE A 266 15.28 -11.16 -39.48
CA ILE A 266 14.44 -11.32 -38.29
C ILE A 266 14.01 -9.95 -37.77
N LEU A 267 14.95 -9.01 -37.66
CA LEU A 267 14.66 -7.66 -37.20
C LEU A 267 13.61 -6.98 -38.08
N ASP A 268 13.83 -7.02 -39.41
CA ASP A 268 12.89 -6.41 -40.33
C ASP A 268 11.51 -7.05 -40.26
N SER A 269 11.44 -8.38 -40.10
CA SER A 269 10.12 -8.99 -40.01
C SER A 269 9.43 -8.62 -38.70
N LEU A 270 10.21 -8.53 -37.61
CA LEU A 270 9.61 -8.17 -36.33
C LEU A 270 9.03 -6.76 -36.35
N ASN A 271 9.72 -5.81 -36.99
CA ASN A 271 9.19 -4.47 -37.10
C ASN A 271 7.94 -4.41 -37.99
N ILE A 272 7.94 -5.19 -39.09
CA ILE A 272 6.80 -5.17 -40.01
C ILE A 272 5.55 -5.70 -39.32
N VAL A 273 5.69 -6.78 -38.55
CA VAL A 273 4.53 -7.44 -37.95
C VAL A 273 4.14 -6.79 -36.64
N ILE A 274 5.12 -6.53 -35.75
CA ILE A 274 4.81 -5.96 -34.44
C ILE A 274 4.34 -4.51 -34.58
N GLN A 275 4.93 -3.76 -35.51
CA GLN A 275 4.74 -2.32 -35.61
C GLN A 275 4.90 -1.65 -34.25
N PRO A 276 6.09 -1.73 -33.66
CA PRO A 276 6.23 -1.29 -32.26
C PRO A 276 6.16 0.22 -32.13
N SER A 277 5.68 0.66 -30.96
CA SER A 277 5.70 2.08 -30.61
C SER A 277 7.06 2.52 -30.08
N TYR A 278 7.83 1.59 -29.52
CA TYR A 278 9.18 1.84 -29.03
C TYR A 278 10.05 0.64 -29.29
N VAL A 279 11.33 0.89 -29.56
CA VAL A 279 12.35 -0.16 -29.64
C VAL A 279 13.35 0.05 -28.50
N VAL A 280 13.68 -1.02 -27.80
CA VAL A 280 14.72 -0.99 -26.77
C VAL A 280 15.81 -1.95 -27.22
N VAL A 281 17.03 -1.45 -27.40
CA VAL A 281 18.15 -2.24 -27.90
C VAL A 281 19.20 -2.34 -26.80
N GLN A 282 19.53 -3.56 -26.41
CA GLN A 282 20.68 -3.81 -25.55
C GLN A 282 21.87 -4.10 -26.45
N CYS A 283 22.94 -3.35 -26.27
CA CYS A 283 24.08 -3.36 -27.18
C CYS A 283 25.36 -3.84 -26.50
N GLY A 284 25.27 -4.88 -25.65
CA GLY A 284 26.45 -5.42 -24.98
C GLY A 284 27.57 -5.70 -25.94
N ALA A 285 28.80 -5.33 -25.59
CA ALA A 285 29.93 -5.33 -26.51
C ALA A 285 30.76 -6.59 -26.42
N ASP A 286 30.26 -7.63 -25.75
CA ASP A 286 31.09 -8.80 -25.54
C ASP A 286 31.10 -9.74 -26.74
N CYS A 287 30.42 -9.39 -27.84
CA CYS A 287 30.52 -10.10 -29.10
C CYS A 287 31.74 -9.69 -29.90
N LEU A 288 32.44 -8.65 -29.49
CA LEU A 288 33.60 -8.20 -30.26
C LEU A 288 34.66 -9.29 -30.26
N ALA A 289 35.33 -9.42 -31.41
CA ALA A 289 36.39 -10.43 -31.55
C ALA A 289 37.48 -10.26 -30.51
N THR A 290 37.65 -9.06 -29.97
CA THR A 290 38.71 -8.75 -29.01
C THR A 290 38.24 -8.79 -27.57
N ASP A 291 36.97 -9.05 -27.32
CA ASP A 291 36.53 -9.27 -25.95
C ASP A 291 37.27 -10.48 -25.38
N PRO A 292 37.61 -10.47 -24.08
CA PRO A 292 38.26 -11.66 -23.49
C PRO A 292 37.41 -12.92 -23.48
N HIS A 293 36.09 -12.84 -23.74
CA HIS A 293 35.32 -14.06 -23.92
C HIS A 293 35.84 -14.84 -25.13
N ARG A 294 36.16 -14.13 -26.21
CA ARG A 294 36.71 -14.71 -27.42
C ARG A 294 35.78 -15.79 -27.99
N ILE A 295 34.50 -15.42 -28.14
CA ILE A 295 33.48 -16.31 -28.70
C ILE A 295 33.09 -15.91 -30.11
N PHE A 296 32.52 -14.71 -30.26
CA PHE A 296 32.15 -14.18 -31.58
C PHE A 296 33.29 -13.32 -32.11
N ARG A 297 33.21 -13.01 -33.41
CA ARG A 297 34.23 -12.24 -34.13
C ARG A 297 33.68 -10.95 -34.72
N LEU A 298 32.79 -10.25 -34.01
CA LEU A 298 32.29 -8.99 -34.54
C LEU A 298 33.34 -7.88 -34.35
N THR A 299 33.17 -6.80 -35.09
CA THR A 299 34.08 -5.65 -35.08
C THR A 299 33.29 -4.37 -34.83
N ASN A 300 34.01 -3.24 -34.81
CA ASN A 300 33.40 -1.91 -34.91
C ASN A 300 33.67 -1.26 -36.27
N PHE A 301 34.00 -2.06 -37.28
CA PHE A 301 34.44 -1.50 -38.54
C PHE A 301 33.31 -0.78 -39.25
N TYR A 302 33.66 0.33 -39.92
CA TYR A 302 32.68 1.20 -40.57
C TYR A 302 33.30 1.72 -41.86
N PRO A 303 32.98 1.10 -43.00
CA PRO A 303 33.57 1.53 -44.28
C PRO A 303 33.15 2.93 -44.72
N LEU A 317 31.51 -4.50 -42.58
CA LEU A 317 30.71 -3.63 -41.71
C LEU A 317 30.39 -4.32 -40.38
N SER A 318 30.59 -3.59 -39.30
CA SER A 318 30.26 -4.11 -37.97
C SER A 318 28.83 -4.62 -37.93
N GLY A 319 28.66 -5.85 -37.42
CA GLY A 319 27.32 -6.37 -37.17
C GLY A 319 26.51 -5.45 -36.28
N TYR A 320 27.15 -4.91 -35.24
CA TYR A 320 26.51 -3.95 -34.35
C TYR A 320 25.98 -2.73 -35.11
N LEU A 321 26.84 -2.12 -35.95
CA LEU A 321 26.40 -0.92 -36.68
C LEU A 321 25.40 -1.25 -37.76
N TYR A 322 25.49 -2.45 -38.36
CA TYR A 322 24.47 -2.88 -39.29
C TYR A 322 23.11 -2.98 -38.60
N ALA A 323 23.09 -3.60 -37.40
CA ALA A 323 21.85 -3.78 -36.66
C ALA A 323 21.26 -2.44 -36.22
N ILE A 324 22.10 -1.58 -35.63
CA ILE A 324 21.62 -0.30 -35.13
C ILE A 324 21.11 0.56 -36.28
N LYS A 325 21.81 0.56 -37.42
CA LYS A 325 21.36 1.35 -38.56
C LYS A 325 20.01 0.85 -39.06
N LYS A 326 19.84 -0.47 -39.16
CA LYS A 326 18.55 -1.02 -39.58
C LYS A 326 17.44 -0.59 -38.63
N ILE A 327 17.65 -0.78 -37.33
CA ILE A 327 16.63 -0.42 -36.34
C ILE A 327 16.27 1.05 -36.44
N LEU A 328 17.27 1.93 -36.59
CA LEU A 328 16.99 3.37 -36.63
C LEU A 328 16.26 3.76 -37.92
N SER A 329 16.49 3.02 -39.01
CA SER A 329 15.80 3.31 -40.26
C SER A 329 14.29 3.14 -40.15
N TRP A 330 13.80 2.49 -39.10
CA TRP A 330 12.37 2.31 -38.89
C TRP A 330 11.69 3.59 -38.42
N LYS A 331 12.45 4.57 -37.93
CA LYS A 331 11.94 5.82 -37.36
C LYS A 331 10.94 5.55 -36.23
N VAL A 332 11.30 4.62 -35.36
CA VAL A 332 10.56 4.34 -34.12
C VAL A 332 11.36 4.91 -32.96
N PRO A 333 10.73 5.58 -31.99
CA PRO A 333 11.47 6.02 -30.81
C PRO A 333 12.20 4.83 -30.16
N THR A 334 13.48 5.03 -29.87
CA THR A 334 14.36 3.91 -29.54
C THR A 334 15.27 4.26 -28.39
N LEU A 335 15.43 3.29 -27.48
CA LEU A 335 16.36 3.35 -26.36
C LEU A 335 17.52 2.41 -26.66
N ILE A 336 18.74 2.93 -26.62
CA ILE A 336 19.94 2.15 -26.83
C ILE A 336 20.69 2.05 -25.50
N LEU A 337 20.91 0.83 -25.04
CA LEU A 337 21.55 0.59 -23.75
C LEU A 337 22.89 -0.12 -23.95
N GLY A 338 23.70 -0.08 -22.89
CA GLY A 338 24.94 -0.83 -22.88
C GLY A 338 24.74 -2.27 -22.47
N GLY A 339 25.60 -2.76 -21.59
CA GLY A 339 25.59 -4.14 -21.17
C GLY A 339 26.99 -4.68 -21.02
N GLY A 340 27.20 -5.93 -21.45
CA GLY A 340 28.50 -6.55 -21.27
C GLY A 340 29.56 -5.89 -22.15
N GLY A 341 30.80 -6.26 -21.89
CA GLY A 341 31.93 -5.70 -22.62
C GLY A 341 33.10 -5.58 -21.68
N TYR A 342 34.07 -6.49 -21.80
CA TYR A 342 35.12 -6.61 -20.80
C TYR A 342 36.49 -6.19 -21.32
N ASN A 343 36.58 -5.80 -22.59
CA ASN A 343 37.73 -5.08 -23.12
C ASN A 343 37.26 -3.63 -23.13
N PHE A 344 37.67 -2.86 -22.13
CA PHE A 344 37.12 -1.51 -21.97
C PHE A 344 37.48 -0.59 -23.12
N PRO A 345 38.74 -0.49 -23.57
CA PRO A 345 39.00 0.41 -24.70
C PRO A 345 38.22 0.03 -25.95
N ASP A 346 38.12 -1.26 -26.26
CA ASP A 346 37.41 -1.65 -27.46
C ASP A 346 35.90 -1.47 -27.30
N THR A 347 35.36 -1.63 -26.09
CA THR A 347 33.95 -1.30 -25.87
C THR A 347 33.71 0.20 -26.08
N ALA A 348 34.63 1.06 -25.62
CA ALA A 348 34.53 2.49 -25.93
C ALA A 348 34.60 2.74 -27.45
N ARG A 349 35.51 2.03 -28.13
CA ARG A 349 35.63 2.15 -29.58
C ARG A 349 34.32 1.82 -30.30
N LEU A 350 33.63 0.77 -29.85
CA LEU A 350 32.38 0.40 -30.50
C LEU A 350 31.28 1.43 -30.18
N TRP A 351 31.08 1.70 -28.88
CA TRP A 351 29.95 2.54 -28.50
C TRP A 351 30.14 3.97 -28.99
N THR A 352 31.39 4.41 -29.17
CA THR A 352 31.62 5.72 -29.78
C THR A 352 31.13 5.73 -31.23
N ARG A 353 31.37 4.64 -31.98
CA ARG A 353 30.83 4.57 -33.33
C ARG A 353 29.30 4.41 -33.34
N VAL A 354 28.75 3.63 -32.41
CA VAL A 354 27.29 3.53 -32.31
C VAL A 354 26.70 4.91 -32.07
N THR A 355 27.33 5.70 -31.20
CA THR A 355 26.80 7.02 -30.89
C THR A 355 26.85 7.93 -32.11
N ALA A 356 27.94 7.87 -32.86
CA ALA A 356 28.06 8.72 -34.05
C ALA A 356 27.05 8.31 -35.13
N LEU A 357 26.87 6.99 -35.33
CA LEU A 357 25.87 6.51 -36.27
C LEU A 357 24.48 7.00 -35.91
N THR A 358 24.14 7.00 -34.63
CA THR A 358 22.81 7.43 -34.23
C THR A 358 22.59 8.90 -34.55
N ILE A 359 23.61 9.73 -34.30
CA ILE A 359 23.51 11.15 -34.65
C ILE A 359 23.27 11.32 -36.16
N GLU A 360 24.00 10.55 -36.96
CA GLU A 360 23.90 10.64 -38.42
C GLU A 360 22.51 10.22 -38.91
N GLU A 361 22.01 9.10 -38.41
CA GLU A 361 20.73 8.58 -38.89
C GLU A 361 19.57 9.45 -38.43
N VAL A 362 19.64 9.98 -37.21
CA VAL A 362 18.49 10.66 -36.65
C VAL A 362 18.42 12.10 -37.11
N LYS A 363 19.54 12.81 -36.99
CA LYS A 363 19.61 14.23 -37.35
C LYS A 363 19.86 14.45 -38.83
N GLY A 364 20.39 13.46 -39.55
CA GLY A 364 20.69 13.63 -40.97
C GLY A 364 21.93 14.44 -41.25
N LYS A 365 22.99 14.23 -40.48
CA LYS A 365 24.08 15.19 -40.38
C LYS A 365 25.40 14.42 -40.31
N LYS A 366 26.23 14.58 -41.32
CA LYS A 366 27.43 13.76 -41.45
C LYS A 366 28.32 13.89 -40.22
N MET A 367 28.73 12.74 -39.68
CA MET A 367 29.66 12.67 -38.56
C MET A 367 30.98 12.13 -39.09
N THR A 368 32.02 12.96 -39.06
CA THR A 368 33.33 12.63 -39.60
C THR A 368 34.28 12.30 -38.46
N ILE A 369 34.44 11.01 -38.18
CA ILE A 369 35.30 10.55 -37.10
C ILE A 369 36.69 10.27 -37.64
N SER A 370 37.70 10.83 -36.99
CA SER A 370 39.09 10.55 -37.37
C SER A 370 39.46 9.10 -37.03
N PRO A 371 40.21 8.43 -37.91
CA PRO A 371 40.61 7.03 -37.63
C PRO A 371 41.63 6.90 -36.50
N GLU A 372 42.16 8.00 -36.01
CA GLU A 372 43.10 8.02 -34.91
C GLU A 372 42.38 8.49 -33.64
N ILE A 373 42.61 7.78 -32.53
CA ILE A 373 42.08 8.21 -31.23
C ILE A 373 42.60 9.61 -30.93
N PRO A 374 41.74 10.59 -30.63
CA PRO A 374 42.25 11.92 -30.24
C PRO A 374 42.92 11.86 -28.88
N GLU A 375 43.82 12.82 -28.64
CA GLU A 375 44.43 12.93 -27.32
C GLU A 375 43.38 13.37 -26.31
N HIS A 376 43.42 12.76 -25.13
CA HIS A 376 42.47 13.00 -24.04
C HIS A 376 42.93 12.18 -22.84
N SER A 377 42.18 12.26 -21.74
CA SER A 377 42.66 11.74 -20.45
C SER A 377 43.05 10.27 -20.54
N TYR A 378 42.30 9.48 -21.32
CA TYR A 378 42.52 8.04 -21.40
C TYR A 378 43.22 7.63 -22.69
N PHE A 379 43.87 8.57 -23.40
CA PHE A 379 44.54 8.25 -24.65
C PHE A 379 45.47 7.07 -24.51
N SER A 380 46.16 6.97 -23.36
CA SER A 380 47.18 5.94 -23.19
C SER A 380 46.58 4.54 -23.15
N ARG A 381 45.30 4.42 -22.81
CA ARG A 381 44.65 3.12 -22.78
C ARG A 381 44.38 2.55 -24.17
N TYR A 382 44.54 3.36 -25.22
CA TYR A 382 44.27 2.91 -26.58
C TYR A 382 45.53 2.47 -27.31
N GLY A 383 46.62 2.26 -26.58
CA GLY A 383 47.84 1.72 -27.16
C GLY A 383 47.66 0.28 -27.61
N PRO A 384 48.60 -0.21 -28.43
CA PRO A 384 49.76 0.59 -28.84
C PRO A 384 49.60 1.32 -30.17
N ASP A 385 48.46 1.16 -30.86
CA ASP A 385 48.28 1.76 -32.18
C ASP A 385 47.41 3.00 -32.19
N PHE A 386 46.49 3.15 -31.23
CA PHE A 386 45.71 4.38 -31.07
C PHE A 386 44.79 4.65 -32.26
N GLU A 387 44.28 3.60 -32.85
CA GLU A 387 43.28 3.70 -33.92
C GLU A 387 41.88 3.43 -33.38
N LEU A 388 40.89 3.96 -34.09
CA LEU A 388 39.51 3.73 -33.69
C LEU A 388 39.02 2.33 -34.06
N ASP A 389 39.50 1.75 -35.16
CA ASP A 389 39.22 0.35 -35.47
C ASP A 389 39.84 -0.54 -34.40
N ILE A 390 39.11 -1.57 -33.97
CA ILE A 390 39.73 -2.53 -33.05
C ILE A 390 40.85 -3.28 -33.76
N ASP A 391 41.73 -3.88 -32.95
CA ASP A 391 42.93 -4.57 -33.43
C ASP A 391 42.58 -6.03 -33.74
N TYR A 392 41.94 -6.21 -34.88
CA TYR A 392 41.52 -7.54 -35.28
C TYR A 392 41.56 -7.64 -36.79
N PHE A 393 42.09 -8.75 -37.30
CA PHE A 393 42.02 -9.00 -38.73
C PHE A 393 41.22 -10.27 -39.01
N PRO A 394 40.05 -10.14 -39.66
CA PRO A 394 39.25 -11.29 -40.11
C PRO A 394 39.99 -12.13 -41.13
N ASP A 403 23.19 -23.59 -42.77
CA ASP A 403 22.21 -24.64 -42.58
C ASP A 403 21.50 -24.52 -41.22
N SER A 404 22.29 -24.39 -40.16
CA SER A 404 21.71 -24.24 -38.83
C SER A 404 20.96 -22.91 -38.72
N ILE A 405 21.46 -21.87 -39.39
CA ILE A 405 20.77 -20.57 -39.34
C ILE A 405 19.51 -20.59 -40.21
N GLN A 406 19.50 -21.30 -41.33
CA GLN A 406 18.29 -21.43 -42.13
C GLN A 406 17.18 -22.13 -41.36
N LYS A 407 17.52 -23.17 -40.61
CA LYS A 407 16.53 -23.86 -39.77
C LYS A 407 15.94 -22.90 -38.74
N HIS A 408 16.78 -22.08 -38.10
CA HIS A 408 16.28 -21.14 -37.10
C HIS A 408 15.33 -20.13 -37.72
N HIS A 409 15.66 -19.64 -38.92
CA HIS A 409 14.78 -18.69 -39.62
C HIS A 409 13.43 -19.32 -39.90
N ARG A 410 13.42 -20.57 -40.37
CA ARG A 410 12.14 -21.27 -40.58
C ARG A 410 11.35 -21.36 -39.28
N ARG A 411 12.01 -21.74 -38.18
CA ARG A 411 11.34 -21.80 -36.89
C ARG A 411 10.84 -20.43 -36.47
N ILE A 412 11.69 -19.40 -36.61
CA ILE A 412 11.33 -18.06 -36.16
C ILE A 412 10.19 -17.48 -37.02
N LEU A 413 10.18 -17.77 -38.33
CA LEU A 413 9.10 -17.30 -39.19
C LEU A 413 7.76 -17.86 -38.74
N GLU A 414 7.73 -19.15 -38.46
CA GLU A 414 6.52 -19.82 -37.99
C GLU A 414 6.06 -19.23 -36.66
N GLN A 415 7.02 -18.95 -35.77
CA GLN A 415 6.66 -18.35 -34.47
C GLN A 415 6.05 -16.97 -34.66
N LEU A 416 6.62 -16.16 -35.56
CA LEU A 416 6.08 -14.82 -35.80
C LEU A 416 4.68 -14.87 -36.40
N ARG A 417 4.49 -15.79 -37.34
CA ARG A 417 3.15 -16.07 -37.87
C ARG A 417 2.19 -16.48 -36.76
N ASN A 418 2.59 -17.44 -35.91
CA ASN A 418 1.77 -17.85 -34.77
C ASN A 418 1.50 -16.67 -33.82
N TYR A 419 2.53 -15.88 -33.51
CA TYR A 419 2.33 -14.69 -32.68
C TYR A 419 1.33 -13.74 -33.31
N ALA A 420 1.47 -13.50 -34.62
CA ALA A 420 0.55 -12.60 -35.31
C ALA A 420 -0.86 -13.17 -35.30
N ASP A 421 -1.00 -14.47 -35.56
CA ASP A 421 -2.31 -15.11 -35.52
C ASP A 421 -2.96 -14.93 -34.15
N LEU A 422 -2.23 -15.27 -33.09
CA LEU A 422 -2.80 -15.24 -31.75
C LEU A 422 -3.26 -13.83 -31.37
N ASN A 423 -2.54 -12.81 -31.82
CA ASN A 423 -2.75 -11.43 -31.40
C ASN A 423 -3.53 -10.59 -32.44
N LYS A 424 -4.14 -11.25 -33.42
CA LYS A 424 -5.00 -10.62 -34.44
C LYS A 424 -4.29 -9.47 -35.16
N LEU A 425 -2.99 -9.63 -35.40
CA LEU A 425 -2.24 -8.70 -36.23
C LEU A 425 -2.27 -9.20 -37.68
N ILE A 426 -2.44 -8.27 -38.60
CA ILE A 426 -2.48 -8.59 -40.02
C ILE A 426 -1.27 -7.98 -40.69
N TYR A 427 -0.72 -8.70 -41.68
CA TYR A 427 0.51 -8.35 -42.36
C TYR A 427 0.65 -9.25 -43.58
N ASP A 428 1.35 -8.75 -44.59
CA ASP A 428 1.59 -9.55 -45.79
C ASP A 428 2.49 -10.72 -45.42
N TYR A 429 1.93 -11.93 -45.39
CA TYR A 429 2.75 -13.09 -45.06
C TYR A 429 3.87 -13.28 -46.08
N ASP A 430 3.54 -13.17 -47.37
CA ASP A 430 4.55 -13.42 -48.39
C ASP A 430 5.59 -12.31 -48.45
N GLN A 431 5.21 -11.06 -48.17
CA GLN A 431 6.23 -10.01 -48.07
C GLN A 431 7.16 -10.25 -46.90
N VAL A 432 6.66 -10.84 -45.81
CA VAL A 432 7.51 -11.17 -44.68
C VAL A 432 8.39 -12.39 -45.00
N TYR A 433 7.77 -13.47 -45.49
CA TYR A 433 8.51 -14.65 -45.91
C TYR A 433 9.60 -14.31 -46.92
N GLN A 434 9.36 -13.28 -47.75
CA GLN A 434 10.35 -12.89 -48.74
C GLN A 434 11.57 -12.23 -48.12
N LEU A 435 11.46 -11.70 -46.90
CA LEU A 435 12.61 -11.07 -46.26
C LEU A 435 13.74 -12.06 -46.02
N TYR A 436 13.43 -13.35 -45.91
CA TYR A 436 14.44 -14.36 -45.64
C TYR A 436 14.85 -15.12 -46.90
N SER B 3 16.67 46.73 13.98
CA SER B 3 15.73 46.83 12.87
C SER B 3 15.63 45.51 12.12
N VAL B 4 14.44 44.93 12.03
CA VAL B 4 14.24 43.70 11.27
C VAL B 4 13.67 44.07 9.91
N GLY B 5 14.43 43.78 8.85
CA GLY B 5 13.99 44.06 7.51
C GLY B 5 13.29 42.87 6.86
N ILE B 6 12.45 43.16 5.87
CA ILE B 6 11.80 42.12 5.07
C ILE B 6 11.70 42.62 3.64
N VAL B 7 12.06 41.75 2.69
CA VAL B 7 12.07 42.15 1.29
C VAL B 7 10.66 42.02 0.71
N TYR B 8 10.14 43.13 0.16
CA TYR B 8 8.90 43.06 -0.59
C TYR B 8 8.69 44.33 -1.41
N GLY B 9 7.73 44.25 -2.31
CA GLY B 9 7.38 45.33 -3.20
C GLY B 9 6.33 44.82 -4.16
N ASP B 10 5.63 45.76 -4.80
CA ASP B 10 4.49 45.34 -5.63
C ASP B 10 4.96 44.52 -6.82
N GLN B 11 5.92 45.05 -7.59
CA GLN B 11 6.42 44.29 -8.72
C GLN B 11 7.15 43.02 -8.26
N TYR B 12 7.88 43.11 -7.15
CA TYR B 12 8.57 41.93 -6.62
C TYR B 12 7.59 40.81 -6.31
N ARG B 13 6.47 41.15 -5.66
CA ARG B 13 5.44 40.17 -5.39
C ARG B 13 4.90 39.55 -6.67
N GLN B 14 4.66 40.37 -7.70
CA GLN B 14 4.12 39.85 -8.95
C GLN B 14 5.09 38.85 -9.56
N LEU B 15 6.38 39.21 -9.62
CA LEU B 15 7.38 38.31 -10.20
C LEU B 15 7.57 37.05 -9.36
N CYS B 16 7.63 37.18 -8.03
CA CYS B 16 7.73 36.00 -7.18
C CYS B 16 6.52 35.08 -7.33
N CYS B 17 5.38 35.58 -7.80
CA CYS B 17 4.20 34.74 -7.97
C CYS B 17 3.97 34.32 -9.41
N SER B 18 4.98 34.43 -10.27
CA SER B 18 4.79 34.27 -11.71
C SER B 18 5.28 32.92 -12.25
N SER B 19 5.73 31.98 -11.36
CA SER B 19 6.28 30.71 -11.79
C SER B 19 5.24 29.60 -11.71
N PRO B 20 5.38 28.59 -12.56
CA PRO B 20 4.47 27.44 -12.52
C PRO B 20 4.57 26.63 -11.24
N LYS B 21 5.79 26.42 -10.70
CA LYS B 21 5.93 25.51 -9.56
C LYS B 21 5.51 26.17 -8.25
N PHE B 22 5.86 27.44 -8.03
CA PHE B 22 5.56 28.03 -6.72
C PHE B 22 4.32 28.92 -6.74
N GLY B 23 3.65 29.08 -7.87
CA GLY B 23 2.37 29.77 -7.94
C GLY B 23 2.33 31.03 -7.08
N ASP B 24 1.31 31.13 -6.22
CA ASP B 24 1.10 32.31 -5.37
C ASP B 24 1.61 32.12 -3.94
N ARG B 25 2.54 31.18 -3.71
CA ARG B 25 3.03 30.94 -2.36
C ARG B 25 3.55 32.22 -1.70
N TYR B 26 4.36 33.00 -2.42
CA TYR B 26 4.93 34.22 -1.81
C TYR B 26 3.82 35.19 -1.38
N ALA B 27 2.74 35.29 -2.16
CA ALA B 27 1.62 36.16 -1.78
C ALA B 27 0.96 35.65 -0.50
N LEU B 28 0.73 34.34 -0.41
CA LEU B 28 0.15 33.78 0.82
C LEU B 28 1.03 34.10 2.03
N VAL B 29 2.34 33.90 1.91
CA VAL B 29 3.26 34.13 3.03
C VAL B 29 3.21 35.59 3.46
N MET B 30 3.41 36.50 2.51
CA MET B 30 3.44 37.91 2.89
C MET B 30 2.08 38.39 3.39
N ASP B 31 0.98 37.84 2.84
CA ASP B 31 -0.33 38.32 3.27
C ASP B 31 -0.71 37.78 4.64
N LEU B 32 -0.23 36.59 4.99
CA LEU B 32 -0.45 36.11 6.37
C LEU B 32 0.34 36.95 7.36
N ILE B 33 1.58 37.28 7.00
CA ILE B 33 2.37 38.17 7.85
C ILE B 33 1.66 39.50 8.01
N ASN B 34 1.09 39.99 6.92
CA ASN B 34 0.32 41.24 6.96
C ASN B 34 -0.94 41.08 7.81
N ALA B 35 -1.64 39.96 7.65
CA ALA B 35 -2.91 39.77 8.36
C ALA B 35 -2.70 39.71 9.87
N TYR B 36 -1.56 39.15 10.31
CA TYR B 36 -1.20 39.11 11.73
C TYR B 36 -0.60 40.42 12.23
N LYS B 37 -0.67 41.49 11.42
CA LYS B 37 -0.21 42.84 11.78
C LYS B 37 1.28 42.88 12.11
N LEU B 38 2.10 42.08 11.41
CA LEU B 38 3.54 42.12 11.61
C LEU B 38 4.23 43.15 10.71
N ILE B 39 3.57 43.56 9.63
CA ILE B 39 4.23 44.43 8.66
C ILE B 39 4.61 45.77 9.27
N PRO B 40 3.82 46.41 10.13
CA PRO B 40 4.27 47.67 10.76
C PRO B 40 5.52 47.53 11.64
N GLU B 41 5.85 46.31 12.10
CA GLU B 41 7.04 46.09 12.92
C GLU B 41 8.32 45.99 12.12
N LEU B 42 8.21 45.85 10.80
CA LEU B 42 9.31 45.48 9.95
C LEU B 42 9.69 46.62 9.02
N SER B 43 10.98 46.67 8.68
CA SER B 43 11.50 47.64 7.71
CA SER B 43 11.50 47.64 7.71
C SER B 43 11.43 47.02 6.32
N ARG B 44 10.72 47.67 5.39
CA ARG B 44 10.66 47.13 4.03
C ARG B 44 12.02 47.34 3.38
N VAL B 45 12.60 46.27 2.86
CA VAL B 45 13.85 46.36 2.12
C VAL B 45 13.52 46.23 0.64
N PRO B 46 13.73 47.27 -0.17
CA PRO B 46 13.33 47.19 -1.57
C PRO B 46 14.35 46.41 -2.37
N PRO B 47 13.90 45.60 -3.32
CA PRO B 47 14.84 44.82 -4.11
C PRO B 47 15.79 45.74 -4.87
N LEU B 48 17.00 45.25 -5.07
CA LEU B 48 18.03 45.99 -5.79
C LEU B 48 17.67 46.10 -7.28
N GLN B 49 17.79 47.30 -7.83
CA GLN B 49 17.69 47.43 -9.27
C GLN B 49 18.97 48.09 -9.77
N TRP B 50 19.27 47.84 -11.04
CA TRP B 50 20.53 48.28 -11.63
C TRP B 50 20.33 49.42 -12.61
N ASP B 51 21.45 50.08 -12.92
CA ASP B 51 21.52 51.27 -13.75
C ASP B 51 21.68 50.97 -15.23
N SER B 52 21.90 49.71 -15.60
CA SER B 52 22.11 49.33 -16.99
C SER B 52 22.05 47.81 -17.10
N PRO B 53 21.74 47.28 -18.28
CA PRO B 53 21.96 45.85 -18.51
C PRO B 53 23.39 45.39 -18.19
N SER B 54 24.41 46.20 -18.51
CA SER B 54 25.77 45.77 -18.20
C SER B 54 25.99 45.62 -16.70
N ARG B 55 25.40 46.51 -15.91
CA ARG B 55 25.56 46.44 -14.47
C ARG B 55 24.84 45.22 -13.90
N MET B 56 23.65 44.89 -14.43
CA MET B 56 22.97 43.68 -13.97
C MET B 56 23.80 42.44 -14.30
N TYR B 57 24.42 42.42 -15.47
CA TYR B 57 25.20 41.26 -15.86
C TYR B 57 26.43 41.10 -14.97
N GLU B 58 27.08 42.21 -14.63
CA GLU B 58 28.23 42.15 -13.73
C GLU B 58 27.83 41.55 -12.41
N ALA B 59 26.68 41.93 -11.88
CA ALA B 59 26.22 41.38 -10.61
C ALA B 59 25.97 39.87 -10.73
N VAL B 60 25.19 39.45 -11.75
CA VAL B 60 24.79 38.05 -11.82
C VAL B 60 26.00 37.17 -12.16
N THR B 61 26.90 37.64 -13.03
CA THR B 61 28.06 36.84 -13.42
C THR B 61 29.21 36.94 -12.42
N ALA B 62 28.99 37.56 -11.26
CA ALA B 62 29.94 37.35 -10.18
C ALA B 62 30.01 35.87 -9.81
N PHE B 63 28.92 35.13 -10.04
CA PHE B 63 28.90 33.68 -9.88
C PHE B 63 28.60 32.95 -11.17
N HIS B 64 27.51 33.28 -11.85
CA HIS B 64 27.08 32.49 -12.99
C HIS B 64 27.89 32.85 -14.24
N SER B 65 28.00 31.91 -15.17
CA SER B 65 28.71 32.20 -16.41
C SER B 65 27.90 33.16 -17.30
N THR B 66 28.61 33.96 -18.12
CA THR B 66 27.89 34.82 -19.05
C THR B 66 27.02 33.99 -19.99
N GLU B 67 27.51 32.83 -20.43
CA GLU B 67 26.78 32.02 -21.39
C GLU B 67 25.51 31.45 -20.79
N TYR B 68 25.56 31.10 -19.50
CA TYR B 68 24.36 30.60 -18.83
C TYR B 68 23.31 31.71 -18.70
N VAL B 69 23.74 32.90 -18.28
CA VAL B 69 22.82 34.02 -18.16
C VAL B 69 22.20 34.35 -19.51
N ASP B 70 23.02 34.38 -20.57
CA ASP B 70 22.51 34.59 -21.92
C ASP B 70 21.43 33.59 -22.26
N ALA B 71 21.69 32.31 -21.98
CA ALA B 71 20.72 31.28 -22.31
C ALA B 71 19.44 31.44 -21.50
N LEU B 72 19.57 31.81 -20.23
CA LEU B 72 18.36 31.97 -19.42
C LEU B 72 17.52 33.13 -19.94
N LYS B 73 18.17 34.25 -20.32
CA LYS B 73 17.44 35.36 -20.92
C LYS B 73 16.78 34.94 -22.22
N LYS B 74 17.47 34.13 -23.02
CA LYS B 74 16.90 33.72 -24.31
C LYS B 74 15.71 32.78 -24.11
N LEU B 75 15.81 31.89 -23.12
CA LEU B 75 14.70 31.00 -22.82
C LEU B 75 13.43 31.80 -22.51
N GLN B 76 13.56 32.89 -21.75
CA GLN B 76 12.41 33.73 -21.47
C GLN B 76 11.88 34.37 -22.74
N MET B 77 12.76 34.94 -23.55
CA MET B 77 12.33 35.52 -24.82
C MET B 77 11.57 34.48 -25.66
N LEU B 78 12.07 33.24 -25.70
CA LEU B 78 11.43 32.23 -26.53
C LEU B 78 10.03 31.90 -26.00
N HIS B 79 9.92 31.75 -24.68
CA HIS B 79 8.62 31.44 -24.11
C HIS B 79 7.66 32.63 -24.18
N CYS B 80 8.14 33.82 -24.49
CA CYS B 80 7.24 34.94 -24.69
C CYS B 80 6.71 35.05 -26.11
N GLU B 81 7.31 34.35 -27.06
CA GLU B 81 6.82 34.34 -28.43
C GLU B 81 6.08 33.04 -28.72
N GLU B 82 5.46 32.98 -29.88
CA GLU B 82 4.53 31.88 -30.14
C GLU B 82 5.24 30.63 -30.63
N LYS B 83 6.15 30.75 -31.59
CA LYS B 83 6.70 29.58 -32.25
C LYS B 83 7.47 28.69 -31.28
N GLU B 84 7.60 27.42 -31.66
CA GLU B 84 8.39 26.47 -30.90
C GLU B 84 9.89 26.75 -31.09
N LEU B 85 10.68 26.12 -30.23
CA LEU B 85 12.12 26.25 -30.31
C LEU B 85 12.68 25.49 -31.51
N THR B 86 13.82 25.94 -32.01
CA THR B 86 14.56 25.18 -33.02
C THR B 86 15.34 24.05 -32.35
N ALA B 87 15.80 23.10 -33.17
CA ALA B 87 16.58 21.99 -32.62
C ALA B 87 17.88 22.47 -32.01
N ASP B 88 18.48 23.52 -32.57
CA ASP B 88 19.67 24.07 -31.93
C ASP B 88 19.32 24.80 -30.64
N ASP B 89 18.17 25.49 -30.61
CA ASP B 89 17.70 26.13 -29.37
C ASP B 89 17.49 25.10 -28.28
N GLU B 90 16.83 23.99 -28.61
CA GLU B 90 16.64 22.91 -27.64
C GLU B 90 17.98 22.40 -27.12
N LEU B 91 18.94 22.15 -28.02
CA LEU B 91 20.25 21.68 -27.58
C LEU B 91 20.92 22.69 -26.66
N LEU B 92 20.83 23.98 -27.00
CA LEU B 92 21.43 25.01 -26.15
C LEU B 92 20.82 24.98 -24.75
N MET B 93 19.49 24.91 -24.67
CA MET B 93 18.86 24.83 -23.35
C MET B 93 19.23 23.54 -22.62
N ASP B 94 19.30 22.42 -23.34
CA ASP B 94 19.70 21.17 -22.69
C ASP B 94 21.10 21.25 -22.09
N SER B 95 22.01 22.02 -22.72
CA SER B 95 23.39 22.11 -22.25
C SER B 95 23.53 22.87 -20.93
N PHE B 96 22.47 23.58 -20.50
CA PHE B 96 22.42 24.26 -19.21
C PHE B 96 21.35 23.67 -18.29
N SER B 97 20.81 22.51 -18.64
CA SER B 97 19.77 21.84 -17.84
C SER B 97 18.52 22.74 -17.67
N LEU B 98 18.23 23.55 -18.68
CA LEU B 98 17.01 24.38 -18.74
C LEU B 98 15.90 23.55 -19.40
N ASN B 99 15.50 22.49 -18.70
CA ASN B 99 14.55 21.52 -19.20
C ASN B 99 14.01 20.73 -18.03
N TYR B 100 13.10 19.79 -18.32
CA TYR B 100 12.57 18.83 -17.37
C TYR B 100 12.05 19.51 -16.11
N ASP B 101 12.80 19.44 -15.00
CA ASP B 101 12.34 20.05 -13.75
C ASP B 101 12.69 21.52 -13.62
N CYS B 102 13.45 22.05 -14.58
CA CYS B 102 13.73 23.49 -14.67
C CYS B 102 13.24 24.02 -16.01
N PRO B 103 11.94 23.96 -16.27
CA PRO B 103 11.42 24.41 -17.57
C PRO B 103 11.49 25.91 -17.75
N GLY B 104 11.41 26.32 -19.02
CA GLY B 104 11.15 27.71 -19.30
C GLY B 104 9.69 28.06 -19.07
N PHE B 105 9.47 29.34 -18.82
CA PHE B 105 8.13 29.92 -18.82
C PHE B 105 8.28 31.40 -19.15
N PRO B 106 7.17 32.11 -19.42
CA PRO B 106 7.31 33.49 -19.92
C PRO B 106 8.14 34.41 -19.03
N SER B 107 8.17 34.17 -17.72
CA SER B 107 8.85 35.07 -16.79
C SER B 107 10.10 34.46 -16.16
N VAL B 108 10.66 33.39 -16.74
CA VAL B 108 11.65 32.59 -16.03
C VAL B 108 12.86 33.43 -15.68
N PHE B 109 13.32 34.31 -16.58
CA PHE B 109 14.46 35.15 -16.23
C PHE B 109 14.08 36.19 -15.18
N ASP B 110 12.97 36.91 -15.39
CA ASP B 110 12.55 37.96 -14.45
C ASP B 110 12.27 37.37 -13.07
N TYR B 111 11.67 36.18 -13.03
CA TYR B 111 11.42 35.49 -11.76
C TYR B 111 12.72 35.15 -11.04
N SER B 112 13.66 34.52 -11.76
CA SER B 112 14.96 34.11 -11.20
C SER B 112 15.74 35.30 -10.71
N LEU B 113 15.79 36.35 -11.53
CA LEU B 113 16.55 37.55 -11.19
C LEU B 113 15.96 38.25 -9.98
N ALA B 114 14.63 38.18 -9.82
CA ALA B 114 14.00 38.89 -8.73
C ALA B 114 14.52 38.41 -7.38
N ALA B 115 14.69 37.09 -7.22
CA ALA B 115 15.24 36.59 -5.96
C ALA B 115 16.65 37.11 -5.73
N VAL B 116 17.45 37.18 -6.80
CA VAL B 116 18.77 37.82 -6.70
C VAL B 116 18.63 39.27 -6.25
N GLN B 117 17.70 40.01 -6.87
CA GLN B 117 17.48 41.41 -6.51
C GLN B 117 17.13 41.54 -5.05
N GLY B 118 16.28 40.63 -4.56
CA GLY B 118 15.87 40.71 -3.17
C GLY B 118 17.00 40.34 -2.22
N SER B 119 17.73 39.28 -2.53
CA SER B 119 18.76 38.83 -1.61
C SER B 119 19.98 39.75 -1.62
N LEU B 120 20.33 40.35 -2.77
CA LEU B 120 21.44 41.31 -2.76
C LEU B 120 21.06 42.54 -1.94
N ALA B 121 19.82 42.98 -2.06
CA ALA B 121 19.37 44.13 -1.29
C ALA B 121 19.40 43.83 0.20
N ALA B 122 18.95 42.62 0.59
CA ALA B 122 19.01 42.21 1.99
C ALA B 122 20.45 42.22 2.50
N ALA B 123 21.39 41.65 1.75
CA ALA B 123 22.80 41.70 2.15
C ALA B 123 23.27 43.13 2.34
N SER B 124 22.90 44.02 1.41
CA SER B 124 23.35 45.41 1.50
C SER B 124 22.82 46.10 2.75
N ALA B 125 21.59 45.81 3.13
CA ALA B 125 21.01 46.42 4.34
C ALA B 125 21.69 45.93 5.60
N LEU B 126 22.23 44.71 5.59
CA LEU B 126 23.02 44.24 6.72
C LEU B 126 24.37 44.95 6.75
N ILE B 127 25.00 45.09 5.59
CA ILE B 127 26.36 45.63 5.52
C ILE B 127 26.38 47.08 6.03
N CYS B 128 25.40 47.89 5.63
CA CYS B 128 25.37 49.27 6.09
C CYS B 128 24.73 49.40 7.46
N ARG B 129 24.40 48.27 8.09
CA ARG B 129 23.84 48.22 9.45
C ARG B 129 22.46 48.87 9.52
N HIS B 130 21.78 49.05 8.40
CA HIS B 130 20.41 49.55 8.48
C HIS B 130 19.48 48.55 9.15
N CYS B 131 19.79 47.26 9.01
CA CYS B 131 19.01 46.18 9.60
C CYS B 131 19.94 45.22 10.33
N GLU B 132 19.49 44.69 11.45
CA GLU B 132 20.26 43.67 12.14
C GLU B 132 19.95 42.28 11.59
N VAL B 133 18.72 42.08 11.15
CA VAL B 133 18.32 40.86 10.46
C VAL B 133 17.51 41.30 9.23
N VAL B 134 17.63 40.56 8.12
CA VAL B 134 16.74 40.76 6.98
C VAL B 134 16.16 39.43 6.54
N ILE B 135 14.85 39.42 6.25
CA ILE B 135 14.12 38.24 5.78
C ILE B 135 13.76 38.43 4.31
N ASN B 136 14.06 37.41 3.49
CA ASN B 136 13.60 37.40 2.11
C ASN B 136 12.90 36.07 1.83
N TRP B 137 11.57 36.07 1.93
CA TRP B 137 10.82 34.84 1.65
C TRP B 137 10.63 34.61 0.15
N GLY B 138 11.18 35.49 -0.69
CA GLY B 138 11.28 35.16 -2.10
C GLY B 138 12.59 34.56 -2.52
N GLY B 139 13.55 34.41 -1.61
CA GLY B 139 14.87 33.91 -1.94
C GLY B 139 15.08 32.52 -1.38
N GLY B 140 16.30 32.01 -1.57
CA GLY B 140 16.71 30.73 -0.98
C GLY B 140 16.96 29.61 -1.98
N TRP B 141 17.34 29.96 -3.22
CA TRP B 141 17.38 28.97 -4.31
C TRP B 141 18.77 28.32 -4.39
N HIS B 142 18.99 27.37 -3.47
CA HIS B 142 20.32 26.87 -3.15
C HIS B 142 20.89 25.88 -4.17
N HIS B 143 20.08 25.34 -5.09
CA HIS B 143 20.55 24.30 -6.00
C HIS B 143 21.22 24.84 -7.27
N ALA B 144 20.96 26.09 -7.67
CA ALA B 144 21.49 26.56 -8.96
C ALA B 144 23.03 26.60 -8.95
N LYS B 145 23.64 26.19 -10.08
CA LYS B 145 25.08 26.14 -10.21
C LYS B 145 25.55 27.22 -11.17
N ARG B 146 26.88 27.37 -11.28
CA ARG B 146 27.47 28.40 -12.13
C ARG B 146 26.84 28.42 -13.52
N SER B 147 26.70 27.25 -14.14
CA SER B 147 26.18 27.13 -15.49
C SER B 147 25.11 26.06 -15.59
N GLU B 148 24.24 25.94 -14.59
CA GLU B 148 23.26 24.86 -14.65
C GLU B 148 22.11 25.19 -13.71
N ALA B 149 20.88 25.14 -14.24
CA ALA B 149 19.69 25.17 -13.38
C ALA B 149 19.47 23.81 -12.74
N SER B 150 18.95 23.81 -11.51
CA SER B 150 18.72 22.54 -10.83
C SER B 150 17.59 22.73 -9.83
N GLY B 151 16.67 21.79 -9.77
CA GLY B 151 15.70 21.78 -8.66
C GLY B 151 14.77 22.98 -8.60
N PHE B 152 14.38 23.49 -9.77
CA PHE B 152 13.65 24.75 -9.97
C PHE B 152 14.40 25.96 -9.43
N CYS B 153 15.72 25.85 -9.29
CA CYS B 153 16.59 26.96 -8.91
C CYS B 153 17.35 27.37 -10.17
N TYR B 154 17.10 28.59 -10.66
CA TYR B 154 17.74 29.04 -11.90
C TYR B 154 18.92 29.97 -11.68
N LEU B 155 18.83 30.83 -10.69
CA LEU B 155 19.93 31.70 -10.31
C LEU B 155 20.11 31.56 -8.81
N ASN B 156 21.36 31.48 -8.36
CA ASN B 156 21.62 31.25 -6.96
C ASN B 156 21.73 32.60 -6.26
N ASP B 157 20.61 33.05 -5.71
CA ASP B 157 20.59 34.30 -4.98
C ASP B 157 21.39 34.21 -3.68
N ILE B 158 21.48 33.00 -3.11
CA ILE B 158 22.21 32.80 -1.87
C ILE B 158 23.71 33.03 -2.10
N VAL B 159 24.26 32.40 -3.13
CA VAL B 159 25.68 32.57 -3.43
C VAL B 159 26.01 34.03 -3.69
N LEU B 160 25.16 34.71 -4.46
CA LEU B 160 25.41 36.11 -4.78
C LEU B 160 25.34 36.98 -3.52
N ALA B 161 24.37 36.73 -2.64
CA ALA B 161 24.30 37.49 -1.40
C ALA B 161 25.50 37.23 -0.49
N ILE B 162 25.89 35.96 -0.36
CA ILE B 162 27.04 35.61 0.47
C ILE B 162 28.29 36.28 -0.09
N HIS B 163 28.45 36.27 -1.41
CA HIS B 163 29.62 36.91 -2.00
C HIS B 163 29.67 38.40 -1.66
N ARG B 164 28.51 39.07 -1.66
CA ARG B 164 28.48 40.48 -1.29
C ARG B 164 28.88 40.68 0.17
N LEU B 165 28.33 39.85 1.06
CA LEU B 165 28.67 39.97 2.48
C LEU B 165 30.16 39.72 2.72
N VAL B 166 30.70 38.67 2.09
CA VAL B 166 32.02 38.23 2.51
C VAL B 166 33.10 39.18 2.00
N SER B 167 32.84 39.91 0.91
CA SER B 167 33.84 40.84 0.42
C SER B 167 33.62 42.25 0.95
N SER B 168 32.63 42.45 1.82
CA SER B 168 32.35 43.73 2.44
C SER B 168 33.39 44.05 3.51
N THR B 169 33.51 45.34 3.80
CA THR B 169 34.47 45.81 4.79
C THR B 169 33.78 46.28 6.06
N THR B 179 36.59 38.85 7.60
CA THR B 179 35.14 38.67 7.42
C THR B 179 34.80 37.23 7.03
N ARG B 180 34.09 36.52 7.92
CA ARG B 180 33.67 35.15 7.66
C ARG B 180 32.16 35.10 7.66
N VAL B 181 31.61 34.23 6.82
CA VAL B 181 30.17 34.02 6.77
C VAL B 181 29.89 32.55 7.13
N LEU B 182 28.94 32.33 8.04
CA LEU B 182 28.40 30.99 8.30
C LEU B 182 27.08 30.83 7.56
N TYR B 183 26.99 29.83 6.69
CA TYR B 183 25.76 29.52 5.96
C TYR B 183 25.13 28.28 6.57
N VAL B 184 23.87 28.39 6.96
CA VAL B 184 23.12 27.32 7.59
C VAL B 184 21.93 26.97 6.70
N ASP B 185 21.85 25.72 6.28
CA ASP B 185 20.84 25.32 5.30
C ASP B 185 19.88 24.33 5.95
N LEU B 186 18.67 24.79 6.28
CA LEU B 186 17.71 23.98 7.02
C LEU B 186 16.73 23.25 6.13
N ASP B 187 16.81 23.44 4.82
CA ASP B 187 15.95 22.79 3.84
C ASP B 187 16.00 21.27 3.97
N LEU B 188 14.93 20.62 3.51
CA LEU B 188 14.89 19.16 3.48
C LEU B 188 15.99 18.59 2.60
N HIS B 189 16.43 19.37 1.60
CA HIS B 189 17.41 18.94 0.61
C HIS B 189 18.79 19.50 0.91
N HIS B 190 19.82 18.75 0.52
CA HIS B 190 21.20 19.23 0.62
C HIS B 190 21.43 20.51 -0.16
N GLY B 191 22.04 21.50 0.48
CA GLY B 191 22.27 22.78 -0.19
C GLY B 191 23.48 22.75 -1.12
N ASP B 192 23.38 21.96 -2.19
CA ASP B 192 24.57 21.58 -2.96
C ASP B 192 25.18 22.76 -3.72
N GLY B 193 24.35 23.65 -4.28
CA GLY B 193 24.89 24.73 -5.08
C GLY B 193 25.71 25.72 -4.27
N VAL B 194 25.25 26.05 -3.06
CA VAL B 194 26.00 26.95 -2.20
C VAL B 194 27.28 26.28 -1.72
N GLU B 195 27.20 25.01 -1.28
CA GLU B 195 28.39 24.28 -0.90
C GLU B 195 29.41 24.26 -2.03
N GLU B 196 28.95 23.99 -3.25
CA GLU B 196 29.87 23.89 -4.38
C GLU B 196 30.56 25.21 -4.66
N ALA B 197 29.80 26.31 -4.61
CA ALA B 197 30.38 27.61 -4.89
C ALA B 197 31.53 27.94 -3.97
N PHE B 198 31.47 27.48 -2.72
CA PHE B 198 32.44 27.85 -1.69
C PHE B 198 33.31 26.67 -1.28
N TRP B 199 33.38 25.64 -2.13
CA TRP B 199 34.11 24.42 -1.83
C TRP B 199 35.56 24.70 -1.47
N TYR B 200 36.17 25.68 -2.13
CA TYR B 200 37.58 26.03 -1.92
C TYR B 200 37.77 27.30 -1.09
N SER B 201 36.76 27.75 -0.37
CA SER B 201 36.82 29.03 0.33
CA SER B 201 36.80 29.03 0.33
C SER B 201 36.68 28.84 1.83
N PRO B 202 37.72 29.11 2.61
CA PRO B 202 37.60 28.99 4.07
C PRO B 202 36.77 30.10 4.72
N ARG B 203 36.58 31.24 4.04
CA ARG B 203 35.88 32.35 4.69
C ARG B 203 34.37 32.24 4.60
N VAL B 204 33.84 31.27 3.87
CA VAL B 204 32.42 30.93 3.90
C VAL B 204 32.32 29.49 4.34
N VAL B 205 31.85 29.25 5.57
CA VAL B 205 31.64 27.90 6.08
C VAL B 205 30.19 27.52 5.81
N THR B 206 29.98 26.40 5.13
CA THR B 206 28.62 25.96 4.86
C THR B 206 28.27 24.80 5.77
N PHE B 207 27.02 24.78 6.26
CA PHE B 207 26.51 23.65 7.05
C PHE B 207 25.10 23.37 6.59
N SER B 208 24.85 22.16 6.08
CA SER B 208 23.53 21.75 5.63
C SER B 208 23.08 20.53 6.44
N VAL B 209 21.85 20.58 6.97
CA VAL B 209 21.18 19.41 7.55
C VAL B 209 20.03 19.05 6.59
N HIS B 210 19.87 17.75 6.32
CA HIS B 210 18.98 17.38 5.22
C HIS B 210 18.71 15.90 5.32
N HIS B 211 17.72 15.46 4.54
CA HIS B 211 17.58 14.04 4.30
C HIS B 211 18.50 13.62 3.15
N ALA B 212 19.04 12.41 3.27
CA ALA B 212 19.81 11.79 2.19
C ALA B 212 19.53 10.30 2.21
N SER B 213 19.36 9.73 1.03
CA SER B 213 19.05 8.32 0.84
C SER B 213 19.22 8.00 -0.64
N PRO B 214 19.41 6.74 -0.99
CA PRO B 214 19.71 6.40 -2.38
C PRO B 214 18.62 6.88 -3.34
N GLY B 215 19.02 7.64 -4.34
CA GLY B 215 18.10 8.16 -5.33
C GLY B 215 17.37 9.44 -4.95
N PHE B 216 17.58 9.95 -3.74
CA PHE B 216 16.85 11.14 -3.31
C PHE B 216 17.62 12.38 -3.73
N PHE B 217 16.91 13.33 -4.30
CA PHE B 217 17.50 14.56 -4.83
C PHE B 217 18.21 15.39 -3.76
N PRO B 218 19.39 15.97 -4.06
CA PRO B 218 20.20 15.91 -5.29
C PRO B 218 21.30 14.86 -5.22
N GLY B 219 21.41 14.19 -4.08
CA GLY B 219 22.25 13.01 -3.95
C GLY B 219 23.52 13.23 -3.16
N THR B 220 23.90 14.48 -2.91
CA THR B 220 25.14 14.84 -2.25
C THR B 220 24.89 15.14 -0.78
N GLY B 221 25.94 15.58 -0.08
CA GLY B 221 25.83 15.85 1.34
C GLY B 221 25.85 14.63 2.22
N THR B 222 26.49 13.55 1.79
CA THR B 222 26.48 12.32 2.57
C THR B 222 27.74 11.51 2.23
N TRP B 223 27.80 10.29 2.73
CA TRP B 223 28.98 9.45 2.55
C TRP B 223 29.31 9.32 1.07
N ASN B 224 30.61 9.26 0.79
CA ASN B 224 31.12 9.22 -0.58
C ASN B 224 31.71 7.86 -0.90
N LEU B 231 36.49 1.98 3.63
CA LEU B 231 35.28 2.57 4.23
C LEU B 231 34.94 3.90 3.56
N PRO B 232 33.66 4.26 3.54
CA PRO B 232 33.28 5.56 2.98
C PRO B 232 33.77 6.71 3.85
N ILE B 233 33.91 7.87 3.21
CA ILE B 233 34.32 9.10 3.87
C ILE B 233 33.38 10.24 3.47
N PHE B 234 33.45 11.31 4.25
CA PHE B 234 32.76 12.56 3.96
C PHE B 234 33.72 13.53 3.32
N LEU B 235 33.46 13.93 2.08
CA LEU B 235 34.18 15.06 1.51
C LEU B 235 33.74 16.32 2.25
N ASN B 236 34.67 17.26 2.45
CA ASN B 236 34.31 18.42 3.27
C ASN B 236 34.98 19.71 2.79
N GLY B 237 35.23 19.82 1.49
CA GLY B 237 35.94 20.95 0.91
C GLY B 237 37.32 20.55 0.42
N ALA B 238 37.94 21.47 -0.31
CA ALA B 238 39.22 21.14 -0.92
C ALA B 238 40.11 22.38 -0.98
N GLY B 239 41.41 22.14 -1.16
CA GLY B 239 42.36 23.23 -1.21
C GLY B 239 42.33 24.03 0.08
N ARG B 240 42.27 25.34 -0.05
CA ARG B 240 42.19 26.19 1.13
C ARG B 240 40.86 26.03 1.82
N GLY B 241 39.87 25.46 1.14
CA GLY B 241 38.57 25.23 1.73
C GLY B 241 38.39 23.89 2.42
N ARG B 242 39.45 23.12 2.64
CA ARG B 242 39.31 21.82 3.31
C ARG B 242 38.76 22.00 4.72
N PHE B 243 37.80 21.15 5.08
CA PHE B 243 37.12 21.14 6.38
C PHE B 243 36.09 22.24 6.52
N SER B 244 35.81 23.02 5.47
CA SER B 244 34.91 24.17 5.58
C SER B 244 33.51 23.89 5.05
N ALA B 245 33.20 22.67 4.65
CA ALA B 245 31.85 22.33 4.19
C ALA B 245 31.34 21.22 5.10
N PHE B 246 30.32 21.54 5.90
CA PHE B 246 29.79 20.63 6.91
C PHE B 246 28.43 20.07 6.45
N ASN B 247 28.18 18.79 6.76
CA ASN B 247 26.93 18.15 6.38
C ASN B 247 26.44 17.20 7.46
N LEU B 248 25.12 17.21 7.69
CA LEU B 248 24.50 16.25 8.58
C LEU B 248 23.32 15.63 7.85
N PRO B 249 23.51 14.49 7.21
CA PRO B 249 22.37 13.78 6.60
C PRO B 249 21.61 12.98 7.64
N LEU B 250 20.29 13.00 7.53
CA LEU B 250 19.43 12.37 8.52
C LEU B 250 18.46 11.43 7.82
N GLU B 251 18.12 10.35 8.52
CA GLU B 251 17.13 9.40 8.05
C GLU B 251 15.74 10.00 8.12
N GLU B 252 14.80 9.42 7.38
CA GLU B 252 13.46 9.96 7.38
C GLU B 252 12.78 9.79 8.74
N GLY B 253 11.81 10.67 8.97
CA GLY B 253 10.86 10.57 10.07
C GLY B 253 11.22 11.37 11.30
N ILE B 254 12.25 12.19 11.24
CA ILE B 254 12.73 12.88 12.43
C ILE B 254 11.75 13.95 12.88
N ASN B 255 11.58 14.05 14.21
CA ASN B 255 10.62 14.98 14.82
C ASN B 255 11.32 16.26 15.29
N ASP B 256 10.52 17.17 15.87
CA ASP B 256 11.04 18.48 16.27
C ASP B 256 12.19 18.36 17.25
N LEU B 257 11.99 17.59 18.33
CA LEU B 257 12.99 17.56 19.39
C LEU B 257 14.28 16.90 18.91
N ASP B 258 14.17 15.80 18.17
CA ASP B 258 15.37 15.09 17.74
C ASP B 258 16.16 15.90 16.72
N TRP B 259 15.48 16.60 15.81
CA TRP B 259 16.17 17.49 14.86
C TRP B 259 16.78 18.66 15.60
N SER B 260 16.05 19.19 16.58
CA SER B 260 16.56 20.27 17.42
C SER B 260 17.84 19.85 18.14
N ASN B 261 17.80 18.71 18.83
CA ASN B 261 18.99 18.22 19.52
C ASN B 261 20.09 17.82 18.56
N ALA B 262 19.76 17.49 17.31
CA ALA B 262 20.80 17.12 16.35
C ALA B 262 21.62 18.33 15.95
N ILE B 263 20.98 19.47 15.64
CA ILE B 263 21.73 20.58 15.08
C ILE B 263 22.10 21.66 16.10
N GLY B 264 21.41 21.73 17.24
CA GLY B 264 21.67 22.76 18.22
C GLY B 264 23.12 22.92 18.66
N PRO B 265 23.70 21.84 19.20
CA PRO B 265 25.11 21.93 19.64
C PRO B 265 26.05 22.17 18.48
N ILE B 266 25.73 21.66 17.29
CA ILE B 266 26.60 21.87 16.15
C ILE B 266 26.58 23.33 15.74
N LEU B 267 25.38 23.94 15.70
CA LEU B 267 25.28 25.37 15.42
C LEU B 267 26.07 26.20 16.43
N ASP B 268 25.86 25.93 17.73
CA ASP B 268 26.54 26.72 18.75
C ASP B 268 28.05 26.57 18.64
N SER B 269 28.54 25.36 18.37
CA SER B 269 29.97 25.11 18.21
C SER B 269 30.51 25.84 17.00
N LEU B 270 29.75 25.84 15.89
CA LEU B 270 30.22 26.55 14.70
C LEU B 270 30.34 28.04 14.99
N ASN B 271 29.37 28.60 15.71
CA ASN B 271 29.48 30.00 16.10
C ASN B 271 30.71 30.26 16.97
N ILE B 272 30.95 29.38 17.95
CA ILE B 272 32.07 29.62 18.86
C ILE B 272 33.40 29.62 18.12
N VAL B 273 33.57 28.69 17.18
CA VAL B 273 34.87 28.53 16.54
C VAL B 273 35.02 29.47 15.35
N ILE B 274 33.98 29.60 14.53
CA ILE B 274 34.13 30.41 13.33
C ILE B 274 34.03 31.90 13.65
N GLN B 275 33.26 32.27 14.66
CA GLN B 275 33.01 33.66 14.99
C GLN B 275 32.59 34.43 13.74
N PRO B 276 31.52 33.99 13.08
CA PRO B 276 31.14 34.63 11.79
C PRO B 276 30.74 36.08 11.98
N SER B 277 31.04 36.89 10.96
CA SER B 277 30.59 38.28 10.88
C SER B 277 29.15 38.39 10.40
N TYR B 278 28.68 37.41 9.64
CA TYR B 278 27.32 37.33 9.12
C TYR B 278 26.91 35.87 9.14
N VAL B 279 25.61 35.64 9.37
CA VAL B 279 25.03 34.30 9.23
C VAL B 279 23.96 34.38 8.14
N VAL B 280 23.92 33.39 7.27
CA VAL B 280 22.90 33.28 6.24
C VAL B 280 22.18 31.97 6.44
N VAL B 281 20.86 32.04 6.67
CA VAL B 281 20.06 30.85 7.00
C VAL B 281 19.08 30.64 5.85
N GLN B 282 19.14 29.46 5.23
CA GLN B 282 18.10 29.03 4.31
C GLN B 282 17.07 28.24 5.14
N CYS B 283 15.81 28.64 5.07
CA CYS B 283 14.76 28.12 5.93
CA CYS B 283 14.74 28.14 5.92
C CYS B 283 13.65 27.44 5.11
N GLY B 284 14.02 26.70 4.09
CA GLY B 284 13.05 25.92 3.33
C GLY B 284 12.13 25.12 4.24
N ALA B 285 10.83 25.12 3.93
CA ALA B 285 9.77 24.58 4.80
C ALA B 285 9.41 23.13 4.46
N ASP B 286 10.17 22.47 3.60
CA ASP B 286 9.78 21.13 3.17
C ASP B 286 10.12 20.04 4.19
N CYS B 287 10.64 20.40 5.39
CA CYS B 287 10.77 19.45 6.49
C CYS B 287 9.48 19.31 7.28
N LEU B 288 8.49 20.17 7.03
CA LEU B 288 7.24 20.10 7.77
C LEU B 288 6.61 18.72 7.58
N ALA B 289 5.98 18.22 8.63
CA ALA B 289 5.31 16.92 8.58
C ALA B 289 4.21 16.89 7.52
N THR B 290 3.68 18.05 7.16
CA THR B 290 2.59 18.16 6.20
C THR B 290 3.06 18.59 4.82
N ASP B 291 4.36 18.67 4.61
CA ASP B 291 4.86 18.90 3.26
C ASP B 291 4.58 17.65 2.42
N PRO B 292 4.25 17.81 1.12
CA PRO B 292 3.93 16.63 0.31
C PRO B 292 5.08 15.64 0.17
N HIS B 293 6.33 16.04 0.46
CA HIS B 293 7.44 15.09 0.49
C HIS B 293 7.22 13.99 1.53
N ARG B 294 6.65 14.37 2.68
CA ARG B 294 6.34 13.45 3.76
C ARG B 294 7.59 12.69 4.19
N ILE B 295 8.67 13.44 4.46
CA ILE B 295 9.95 12.84 4.88
C ILE B 295 10.24 13.11 6.35
N PHE B 296 10.40 14.37 6.71
CA PHE B 296 10.59 14.76 8.11
C PHE B 296 9.24 15.10 8.74
N ARG B 297 9.24 15.24 10.07
CA ARG B 297 8.00 15.48 10.81
C ARG B 297 8.11 16.74 11.66
N LEU B 298 8.71 17.80 11.11
CA LEU B 298 8.80 19.06 11.82
C LEU B 298 7.43 19.77 11.83
N THR B 299 7.25 20.66 12.82
CA THR B 299 6.04 21.44 12.89
C THR B 299 6.36 22.94 12.93
N ASN B 300 5.31 23.75 13.11
CA ASN B 300 5.43 25.16 13.42
C ASN B 300 4.91 25.48 14.82
N PHE B 301 4.84 24.46 15.70
CA PHE B 301 4.24 24.64 17.02
C PHE B 301 5.07 25.54 17.92
N TYR B 302 4.39 26.37 18.71
CA TYR B 302 5.09 27.30 19.60
C TYR B 302 4.37 27.33 20.95
N PRO B 303 4.96 26.76 22.00
CA PRO B 303 4.34 26.67 23.33
C PRO B 303 4.18 28.00 24.05
N SER B 316 7.53 21.03 23.45
CA SER B 316 7.06 20.69 22.12
C SER B 316 7.19 21.86 21.15
N LEU B 317 8.42 22.22 20.84
CA LEU B 317 8.74 23.43 20.08
C LEU B 317 9.22 23.07 18.67
N SER B 318 8.70 23.78 17.68
CA SER B 318 9.16 23.66 16.29
C SER B 318 10.68 23.62 16.22
N GLY B 319 11.20 22.61 15.53
CA GLY B 319 12.63 22.60 15.27
C GLY B 319 13.11 23.85 14.57
N TYR B 320 12.32 24.32 13.59
CA TYR B 320 12.67 25.54 12.88
C TYR B 320 12.78 26.70 13.84
N LEU B 321 11.80 26.86 14.72
CA LEU B 321 11.79 28.01 15.61
C LEU B 321 12.93 27.90 16.63
N TYR B 322 13.21 26.67 17.10
CA TYR B 322 14.34 26.45 17.99
C TYR B 322 15.65 26.88 17.33
N ALA B 323 15.86 26.46 16.09
CA ALA B 323 17.10 26.80 15.38
C ALA B 323 17.21 28.31 15.16
N ILE B 324 16.13 28.94 14.69
CA ILE B 324 16.16 30.37 14.42
C ILE B 324 16.38 31.13 15.72
N LYS B 325 15.71 30.71 16.80
CA LYS B 325 15.95 31.38 18.07
C LYS B 325 17.41 31.25 18.50
N LYS B 326 18.02 30.07 18.34
CA LYS B 326 19.40 29.89 18.75
C LYS B 326 20.33 30.77 17.91
N ILE B 327 20.16 30.74 16.59
CA ILE B 327 21.00 31.54 15.70
C ILE B 327 20.90 33.01 16.06
N LEU B 328 19.68 33.49 16.31
CA LEU B 328 19.52 34.92 16.60
C LEU B 328 20.07 35.29 17.98
N SER B 329 20.14 34.31 18.90
CA SER B 329 20.71 34.58 20.21
C SER B 329 22.18 34.97 20.13
N TRP B 330 22.86 34.64 19.03
CA TRP B 330 24.27 34.98 18.86
C TRP B 330 24.50 36.47 18.62
N LYS B 331 23.45 37.22 18.24
CA LYS B 331 23.53 38.66 17.94
C LYS B 331 24.54 38.96 16.85
N VAL B 332 24.53 38.15 15.80
CA VAL B 332 25.33 38.35 14.59
C VAL B 332 24.36 38.76 13.48
N PRO B 333 24.69 39.77 12.68
CA PRO B 333 23.81 40.17 11.57
C PRO B 333 23.47 38.98 10.69
N THR B 334 22.17 38.80 10.41
CA THR B 334 21.67 37.56 9.82
C THR B 334 20.72 37.83 8.65
N LEU B 335 20.86 37.01 7.61
CA LEU B 335 19.92 36.95 6.50
C LEU B 335 19.14 35.64 6.64
N ILE B 336 17.80 35.74 6.65
CA ILE B 336 16.89 34.59 6.68
C ILE B 336 16.21 34.48 5.33
N LEU B 337 16.41 33.35 4.66
CA LEU B 337 15.84 33.12 3.35
C LEU B 337 14.84 31.98 3.38
N GLY B 338 13.98 31.99 2.35
CA GLY B 338 13.05 30.89 2.16
C GLY B 338 13.71 29.73 1.43
N GLY B 339 12.98 29.13 0.51
CA GLY B 339 13.45 27.97 -0.21
C GLY B 339 12.32 27.03 -0.50
N GLY B 340 12.51 25.74 -0.26
CA GLY B 340 11.47 24.78 -0.57
C GLY B 340 10.27 24.94 0.37
N GLY B 341 9.22 24.19 0.06
CA GLY B 341 7.99 24.25 0.84
C GLY B 341 6.79 24.20 -0.09
N TYR B 342 6.19 23.01 -0.22
CA TYR B 342 5.25 22.73 -1.28
C TYR B 342 3.82 22.57 -0.80
N ASN B 343 3.59 22.70 0.51
CA ASN B 343 2.28 22.93 1.10
C ASN B 343 2.25 24.44 1.34
N PHE B 344 1.57 25.19 0.46
CA PHE B 344 1.72 26.65 0.50
C PHE B 344 1.10 27.24 1.77
N PRO B 345 -0.12 26.87 2.18
CA PRO B 345 -0.63 27.41 3.46
C PRO B 345 0.23 27.04 4.66
N ASP B 346 0.74 25.80 4.72
CA ASP B 346 1.53 25.43 5.90
C ASP B 346 2.90 26.09 5.86
N THR B 347 3.44 26.34 4.67
CA THR B 347 4.66 27.13 4.55
C THR B 347 4.45 28.54 5.09
N ALA B 348 3.35 29.19 4.70
CA ALA B 348 3.05 30.53 5.21
C ALA B 348 2.85 30.48 6.73
N ARG B 349 2.18 29.44 7.23
CA ARG B 349 2.00 29.28 8.68
C ARG B 349 3.37 29.19 9.40
N LEU B 350 4.33 28.47 8.83
CA LEU B 350 5.64 28.37 9.47
C LEU B 350 6.39 29.69 9.37
N TRP B 351 6.49 30.25 8.17
CA TRP B 351 7.30 31.46 7.97
C TRP B 351 6.69 32.68 8.65
N THR B 352 5.38 32.69 8.88
CA THR B 352 4.79 33.76 9.70
C THR B 352 5.31 33.69 11.14
N ARG B 353 5.32 32.47 11.75
CA ARG B 353 5.87 32.32 13.09
C ARG B 353 7.37 32.63 13.12
N VAL B 354 8.12 32.26 12.07
CA VAL B 354 9.54 32.63 12.03
C VAL B 354 9.70 34.16 12.04
N THR B 355 8.87 34.86 11.26
CA THR B 355 8.92 36.33 11.23
C THR B 355 8.59 36.93 12.58
N ALA B 356 7.54 36.42 13.23
CA ALA B 356 7.16 36.96 14.53
C ALA B 356 8.25 36.67 15.56
N LEU B 357 8.85 35.47 15.51
CA LEU B 357 9.96 35.16 16.41
C LEU B 357 11.14 36.11 16.20
N THR B 358 11.49 36.38 14.95
CA THR B 358 12.61 37.27 14.68
C THR B 358 12.37 38.66 15.26
N ILE B 359 11.16 39.20 15.08
CA ILE B 359 10.80 40.47 15.72
C ILE B 359 11.00 40.39 17.23
N GLU B 360 10.51 39.31 17.83
CA GLU B 360 10.62 39.17 19.29
C GLU B 360 12.07 39.17 19.73
N GLU B 361 12.90 38.35 19.07
CA GLU B 361 14.26 38.16 19.58
C GLU B 361 15.12 39.37 19.30
N VAL B 362 14.89 40.05 18.19
CA VAL B 362 15.72 41.20 17.83
C VAL B 362 15.27 42.45 18.56
N LYS B 363 13.97 42.77 18.50
CA LYS B 363 13.45 43.99 19.07
C LYS B 363 13.10 43.86 20.55
N GLY B 364 13.14 42.65 21.11
CA GLY B 364 12.72 42.46 22.49
C GLY B 364 11.26 42.74 22.74
N LYS B 365 10.40 42.51 21.76
CA LYS B 365 9.04 43.01 21.75
C LYS B 365 8.09 41.83 21.56
N LYS B 366 7.20 41.61 22.54
CA LYS B 366 6.33 40.44 22.50
C LYS B 366 5.43 40.49 21.27
N MET B 367 5.40 39.39 20.53
CA MET B 367 4.49 39.21 19.41
C MET B 367 3.54 38.08 19.77
N THR B 368 2.26 38.40 19.88
CA THR B 368 1.27 37.38 20.19
C THR B 368 0.44 37.15 18.96
N ILE B 369 0.37 35.89 18.54
CA ILE B 369 -0.29 35.50 17.32
C ILE B 369 -1.51 34.69 17.70
N SER B 370 -2.68 35.15 17.31
CA SER B 370 -3.89 34.42 17.65
C SER B 370 -3.84 33.03 17.02
N PRO B 371 -4.34 32.00 17.70
CA PRO B 371 -4.41 30.68 17.07
C PRO B 371 -5.36 30.62 15.87
N GLU B 372 -6.28 31.57 15.75
CA GLU B 372 -7.20 31.61 14.62
C GLU B 372 -6.60 32.49 13.52
N ILE B 373 -6.63 32.00 12.29
CA ILE B 373 -6.14 32.78 11.15
C ILE B 373 -6.98 34.06 11.01
N PRO B 374 -6.36 35.22 10.88
CA PRO B 374 -7.14 36.46 10.73
C PRO B 374 -7.77 36.56 9.36
N GLU B 375 -8.88 37.31 9.31
CA GLU B 375 -9.50 37.74 8.07
C GLU B 375 -8.47 38.35 7.11
N HIS B 376 -8.47 37.85 5.87
CA HIS B 376 -7.71 38.45 4.76
C HIS B 376 -8.08 37.66 3.51
N SER B 377 -7.67 38.18 2.35
CA SER B 377 -8.22 37.63 1.12
C SER B 377 -7.77 36.20 0.83
N TYR B 378 -6.76 35.68 1.52
CA TYR B 378 -6.42 34.26 1.41
C TYR B 378 -6.92 33.43 2.59
N PHE B 379 -7.87 33.95 3.38
CA PHE B 379 -8.36 33.19 4.54
C PHE B 379 -8.82 31.79 4.14
N SER B 380 -9.50 31.65 2.99
CA SER B 380 -10.08 30.36 2.63
C SER B 380 -9.05 29.27 2.31
N ARG B 381 -7.79 29.64 2.09
CA ARG B 381 -6.75 28.64 1.83
C ARG B 381 -6.31 27.92 3.10
N TYR B 382 -6.78 28.36 4.27
CA TYR B 382 -6.33 27.83 5.55
C TYR B 382 -7.33 26.87 6.16
N GLY B 383 -8.26 26.36 5.37
CA GLY B 383 -9.27 25.46 5.88
C GLY B 383 -8.71 24.06 5.98
N PRO B 384 -9.48 23.13 6.57
CA PRO B 384 -10.83 23.32 7.10
C PRO B 384 -10.86 23.85 8.53
N ASP B 385 -9.67 23.98 9.12
CA ASP B 385 -9.53 24.38 10.52
C ASP B 385 -9.35 25.88 10.70
N PHE B 386 -8.68 26.55 9.76
CA PHE B 386 -8.40 27.99 9.86
C PHE B 386 -7.62 28.34 11.14
N GLU B 387 -6.71 27.44 11.55
CA GLU B 387 -5.83 27.67 12.68
C GLU B 387 -4.38 27.86 12.23
N LEU B 388 -3.59 28.49 13.09
CA LEU B 388 -2.20 28.76 12.74
C LEU B 388 -1.32 27.51 12.87
N ASP B 389 -1.55 26.67 13.88
CA ASP B 389 -0.81 25.41 13.98
C ASP B 389 -1.11 24.54 12.78
N ILE B 390 -0.07 23.91 12.21
CA ILE B 390 -0.33 22.95 11.13
C ILE B 390 -1.15 21.77 11.66
N ASP B 391 -1.96 21.18 10.79
CA ASP B 391 -2.90 20.12 11.16
C ASP B 391 -2.17 18.77 11.19
N TYR B 392 -1.34 18.60 12.22
CA TYR B 392 -0.57 17.38 12.40
C TYR B 392 -0.53 17.01 13.87
N PHE B 393 -0.52 15.70 14.13
CA PHE B 393 -0.51 15.22 15.52
C PHE B 393 0.76 14.39 15.74
N PRO B 394 1.78 14.98 16.35
CA PRO B 394 3.02 14.25 16.59
C PRO B 394 2.82 13.03 17.46
N HIS B 395 3.40 11.91 17.04
CA HIS B 395 3.37 10.66 17.78
C HIS B 395 4.75 10.02 17.70
N GLU B 396 4.98 9.02 18.54
CA GLU B 396 6.16 8.16 18.40
C GLU B 396 5.79 6.73 18.76
N ASP B 403 18.80 4.97 16.72
CA ASP B 403 18.58 6.07 15.77
C ASP B 403 19.41 7.30 16.11
N SER B 404 20.34 7.16 17.04
CA SER B 404 21.11 8.33 17.47
C SER B 404 22.19 8.68 16.45
N ILE B 405 22.80 9.84 16.64
CA ILE B 405 23.78 10.32 15.67
C ILE B 405 25.02 10.83 16.39
N GLN B 406 25.39 10.20 17.51
CA GLN B 406 26.52 10.72 18.27
C GLN B 406 27.83 10.59 17.50
N LYS B 407 27.96 9.58 16.64
CA LYS B 407 29.18 9.55 15.82
C LYS B 407 29.21 10.65 14.76
N HIS B 408 28.05 11.16 14.31
CA HIS B 408 28.03 12.35 13.46
C HIS B 408 28.52 13.57 14.21
N HIS B 409 28.05 13.76 15.45
CA HIS B 409 28.56 14.87 16.25
C HIS B 409 30.07 14.79 16.39
N ARG B 410 30.57 13.60 16.71
CA ARG B 410 32.01 13.41 16.87
C ARG B 410 32.78 13.70 15.59
N ARG B 411 32.25 13.24 14.45
CA ARG B 411 32.91 13.51 13.18
C ARG B 411 32.89 15.00 12.87
N ILE B 412 31.76 15.67 13.13
CA ILE B 412 31.62 17.07 12.77
C ILE B 412 32.53 17.95 13.64
N LEU B 413 32.63 17.60 14.93
CA LEU B 413 33.51 18.34 15.83
C LEU B 413 34.99 18.13 15.50
N GLU B 414 35.37 16.93 15.05
CA GLU B 414 36.74 16.74 14.59
C GLU B 414 37.00 17.58 13.35
N GLN B 415 36.04 17.64 12.43
CA GLN B 415 36.21 18.48 11.26
C GLN B 415 36.36 19.94 11.67
N LEU B 416 35.54 20.39 12.63
CA LEU B 416 35.67 21.76 13.13
C LEU B 416 37.05 22.02 13.72
N ARG B 417 37.57 21.05 14.49
CA ARG B 417 38.93 21.17 15.00
C ARG B 417 39.92 21.27 13.85
N ASN B 418 39.75 20.44 12.81
CA ASN B 418 40.66 20.49 11.67
C ASN B 418 40.54 21.81 10.91
N TYR B 419 39.32 22.34 10.81
CA TYR B 419 39.15 23.66 10.19
C TYR B 419 39.90 24.73 10.97
N ALA B 420 39.69 24.77 12.29
CA ALA B 420 40.35 25.77 13.12
C ALA B 420 41.88 25.64 13.03
N ASP B 421 42.39 24.40 13.06
CA ASP B 421 43.83 24.20 13.00
C ASP B 421 44.40 24.68 11.67
N LEU B 422 43.74 24.33 10.56
CA LEU B 422 44.22 24.72 9.24
C LEU B 422 44.18 26.23 9.02
N ASN B 423 43.19 26.92 9.60
CA ASN B 423 43.00 28.33 9.36
C ASN B 423 43.55 29.20 10.49
N LYS B 424 44.22 28.57 11.46
CA LYS B 424 44.91 29.24 12.56
C LYS B 424 43.95 30.10 13.39
N LEU B 425 42.80 29.52 13.71
CA LEU B 425 41.81 30.12 14.59
C LEU B 425 41.93 29.52 15.97
N ILE B 426 41.58 30.31 16.98
CA ILE B 426 41.50 29.78 18.34
C ILE B 426 40.42 28.71 18.38
N TYR B 427 40.77 27.54 18.90
CA TYR B 427 39.82 26.47 19.16
C TYR B 427 39.64 26.41 20.68
N ASP B 428 38.49 26.88 21.14
CA ASP B 428 38.20 26.98 22.58
C ASP B 428 37.57 25.67 23.05
N TYR B 429 38.43 24.69 23.33
CA TYR B 429 37.96 23.37 23.77
C TYR B 429 37.06 23.48 25.00
N ASP B 430 37.41 24.35 25.95
CA ASP B 430 36.63 24.42 27.18
C ASP B 430 35.20 24.87 26.89
N GLN B 431 35.03 25.83 25.99
CA GLN B 431 33.69 26.29 25.63
C GLN B 431 32.90 25.21 24.90
N VAL B 432 33.52 24.59 23.89
CA VAL B 432 32.84 23.54 23.14
C VAL B 432 32.49 22.37 24.06
N TYR B 433 33.43 21.97 24.92
CA TYR B 433 33.18 20.87 25.85
C TYR B 433 32.01 21.20 26.76
N GLN B 434 32.00 22.40 27.33
CA GLN B 434 30.93 22.79 28.25
C GLN B 434 29.58 22.72 27.56
N LEU B 435 29.53 23.11 26.29
CA LEU B 435 28.30 23.08 25.52
C LEU B 435 27.75 21.66 25.39
N TYR B 436 28.60 20.73 24.92
CA TYR B 436 28.20 19.33 24.79
C TYR B 436 27.99 18.68 26.15
N ASN B 437 28.72 19.13 27.18
CA ASN B 437 28.55 18.57 28.51
C ASN B 437 27.16 18.83 29.07
N LEU B 438 26.48 19.87 28.60
CA LEU B 438 25.12 20.14 29.06
C LEU B 438 24.20 18.96 28.79
N THR B 439 24.51 18.13 27.81
CA THR B 439 23.69 16.97 27.48
C THR B 439 24.43 15.66 27.69
N GLY B 440 25.46 15.65 28.53
CA GLY B 440 26.20 14.44 28.82
C GLY B 440 27.01 13.90 27.67
N MET B 441 27.37 14.75 26.71
CA MET B 441 28.12 14.32 25.53
C MET B 441 29.45 15.05 25.39
N GLY B 442 30.01 15.55 26.49
CA GLY B 442 31.29 16.24 26.40
C GLY B 442 32.44 15.39 25.87
N SER B 443 32.37 14.06 26.07
CA SER B 443 33.40 13.14 25.60
C SER B 443 33.51 13.11 24.09
N LEU B 444 32.52 13.63 23.37
CA LEU B 444 32.57 13.66 21.93
C LEU B 444 33.46 14.77 21.41
N VAL B 445 33.80 15.73 22.27
CA VAL B 445 34.52 16.92 21.82
C VAL B 445 36.02 16.62 21.79
N PRO B 446 36.69 16.85 20.68
CA PRO B 446 38.14 16.62 20.62
C PRO B 446 38.92 17.78 21.22
N ARG B 447 40.10 17.46 21.73
CA ARG B 447 41.02 18.47 22.24
C ARG B 447 41.60 19.29 21.11
N SER C 3 -32.92 -30.82 -25.37
CA SER C 3 -33.39 -29.48 -25.10
C SER C 3 -32.56 -28.83 -23.98
N VAL C 4 -31.89 -27.73 -24.29
CA VAL C 4 -31.28 -26.86 -23.29
C VAL C 4 -32.26 -25.73 -23.01
N GLY C 5 -32.74 -25.68 -21.78
CA GLY C 5 -33.65 -24.63 -21.37
C GLY C 5 -32.92 -23.47 -20.73
N ILE C 6 -33.54 -22.29 -20.82
CA ILE C 6 -33.04 -21.12 -20.12
C ILE C 6 -34.24 -20.33 -19.60
N VAL C 7 -34.17 -19.91 -18.33
CA VAL C 7 -35.28 -19.23 -17.68
C VAL C 7 -35.25 -17.76 -18.09
N TYR C 8 -36.35 -17.28 -18.66
CA TYR C 8 -36.49 -15.84 -18.90
C TYR C 8 -37.95 -15.48 -19.20
N GLY C 9 -38.20 -14.17 -19.18
CA GLY C 9 -39.52 -13.62 -19.31
C GLY C 9 -39.42 -12.13 -19.12
N ASP C 10 -40.40 -11.42 -19.67
CA ASP C 10 -40.35 -9.95 -19.62
C ASP C 10 -40.43 -9.43 -18.19
N GLN C 11 -41.43 -9.86 -17.43
CA GLN C 11 -41.53 -9.40 -16.05
C GLN C 11 -40.41 -10.00 -15.20
N TYR C 12 -40.04 -11.26 -15.45
CA TYR C 12 -38.89 -11.86 -14.78
C TYR C 12 -37.66 -10.99 -14.93
N ARG C 13 -37.37 -10.55 -16.14
CA ARG C 13 -36.23 -9.68 -16.35
C ARG C 13 -36.35 -8.41 -15.51
N GLN C 14 -37.53 -7.81 -15.48
CA GLN C 14 -37.72 -6.58 -14.71
C GLN C 14 -37.45 -6.82 -13.24
N LEU C 15 -37.98 -7.92 -12.69
CA LEU C 15 -37.78 -8.17 -11.27
C LEU C 15 -36.32 -8.51 -10.96
N CYS C 16 -35.69 -9.35 -11.78
CA CYS C 16 -34.29 -9.67 -11.55
C CYS C 16 -33.39 -8.44 -11.63
N CYS C 17 -33.86 -7.36 -12.26
CA CYS C 17 -33.08 -6.15 -12.44
C CYS C 17 -33.50 -5.05 -11.48
N SER C 18 -34.32 -5.37 -10.48
CA SER C 18 -34.90 -4.36 -9.61
C SER C 18 -34.16 -4.20 -8.28
N SER C 19 -33.02 -4.97 -8.04
CA SER C 19 -32.40 -4.84 -6.73
C SER C 19 -31.28 -3.81 -6.75
N PRO C 20 -30.98 -3.20 -5.60
CA PRO C 20 -29.86 -2.25 -5.56
C PRO C 20 -28.50 -2.89 -5.80
N LYS C 21 -28.24 -4.09 -5.25
CA LYS C 21 -26.90 -4.67 -5.34
C LYS C 21 -26.62 -5.24 -6.73
N PHE C 22 -27.59 -5.91 -7.36
CA PHE C 22 -27.26 -6.54 -8.65
C PHE C 22 -27.71 -5.73 -9.86
N GLY C 23 -28.42 -4.62 -9.65
CA GLY C 23 -28.67 -3.67 -10.72
C GLY C 23 -29.19 -4.35 -11.96
N ASP C 24 -28.60 -4.04 -13.11
CA ASP C 24 -29.06 -4.62 -14.37
C ASP C 24 -28.23 -5.80 -14.85
N ARG C 25 -27.47 -6.46 -13.95
CA ARG C 25 -26.61 -7.57 -14.36
C ARG C 25 -27.36 -8.60 -15.20
N TYR C 26 -28.55 -9.00 -14.74
CA TYR C 26 -29.28 -10.05 -15.44
C TYR C 26 -29.59 -9.64 -16.87
N ALA C 27 -29.92 -8.37 -17.08
CA ALA C 27 -30.16 -7.84 -18.42
C ALA C 27 -28.91 -7.93 -19.29
N LEU C 28 -27.76 -7.53 -18.76
CA LEU C 28 -26.51 -7.69 -19.52
C LEU C 28 -26.29 -9.15 -19.89
N VAL C 29 -26.46 -10.05 -18.92
CA VAL C 29 -26.21 -11.48 -19.18
C VAL C 29 -27.10 -11.98 -20.31
N MET C 30 -28.42 -11.81 -20.15
CA MET C 30 -29.36 -12.32 -21.15
C MET C 30 -29.19 -11.62 -22.50
N ASP C 31 -28.91 -10.31 -22.52
CA ASP C 31 -28.77 -9.61 -23.80
C ASP C 31 -27.48 -9.98 -24.53
N LEU C 32 -26.42 -10.31 -23.79
CA LEU C 32 -25.21 -10.77 -24.47
C LEU C 32 -25.44 -12.15 -25.05
N ILE C 33 -26.18 -12.99 -24.32
CA ILE C 33 -26.56 -14.30 -24.86
C ILE C 33 -27.38 -14.11 -26.13
N ASN C 34 -28.28 -13.12 -26.13
CA ASN C 34 -29.11 -12.83 -27.30
C ASN C 34 -28.27 -12.24 -28.43
N ALA C 35 -27.29 -11.39 -28.10
CA ALA C 35 -26.51 -10.72 -29.12
C ALA C 35 -25.64 -11.70 -29.90
N TYR C 36 -25.16 -12.75 -29.22
CA TYR C 36 -24.40 -13.82 -29.85
C TYR C 36 -25.29 -14.86 -30.52
N LYS C 37 -26.59 -14.57 -30.65
CA LYS C 37 -27.54 -15.40 -31.38
C LYS C 37 -27.76 -16.78 -30.76
N LEU C 38 -27.61 -16.91 -29.43
CA LEU C 38 -27.79 -18.19 -28.75
C LEU C 38 -29.24 -18.44 -28.36
N ILE C 39 -30.05 -17.38 -28.28
CA ILE C 39 -31.44 -17.53 -27.83
C ILE C 39 -32.24 -18.47 -28.72
N PRO C 40 -32.13 -18.43 -30.06
CA PRO C 40 -32.88 -19.41 -30.88
C PRO C 40 -32.48 -20.86 -30.64
N GLU C 41 -31.33 -21.13 -30.01
CA GLU C 41 -30.90 -22.50 -29.74
C GLU C 41 -31.51 -23.05 -28.47
N LEU C 42 -32.14 -22.19 -27.66
CA LEU C 42 -32.53 -22.53 -26.30
C LEU C 42 -34.05 -22.55 -26.20
N SER C 43 -34.54 -23.41 -25.30
CA SER C 43 -35.96 -23.48 -24.97
C SER C 43 -36.24 -22.56 -23.79
N ARG C 44 -37.07 -21.53 -24.01
CA ARG C 44 -37.44 -20.65 -22.90
C ARG C 44 -38.24 -21.42 -21.87
N VAL C 45 -37.80 -21.36 -20.62
CA VAL C 45 -38.51 -22.00 -19.50
C VAL C 45 -39.21 -20.89 -18.73
N PRO C 46 -40.55 -20.83 -18.72
CA PRO C 46 -41.25 -19.72 -18.05
C PRO C 46 -41.16 -19.87 -16.54
N PRO C 47 -40.91 -18.78 -15.80
CA PRO C 47 -40.95 -18.87 -14.34
C PRO C 47 -42.29 -19.39 -13.86
N LEU C 48 -42.24 -20.14 -12.76
CA LEU C 48 -43.45 -20.72 -12.21
C LEU C 48 -44.30 -19.63 -11.56
N GLN C 49 -45.60 -19.70 -11.80
CA GLN C 49 -46.55 -18.84 -11.12
C GLN C 49 -47.55 -19.76 -10.42
N TRP C 50 -48.15 -19.26 -9.35
CA TRP C 50 -49.08 -20.05 -8.57
C TRP C 50 -50.51 -19.57 -8.75
N ASP C 51 -51.44 -20.40 -8.30
CA ASP C 51 -52.85 -20.14 -8.51
C ASP C 51 -53.51 -19.44 -7.33
N SER C 52 -52.75 -19.08 -6.30
CA SER C 52 -53.28 -18.37 -5.15
C SER C 52 -52.12 -17.98 -4.23
N PRO C 53 -52.33 -16.97 -3.38
CA PRO C 53 -51.33 -16.68 -2.35
C PRO C 53 -51.01 -17.87 -1.45
N SER C 54 -52.01 -18.68 -1.08
CA SER C 54 -51.74 -19.85 -0.23
C SER C 54 -50.82 -20.84 -0.95
N ARG C 55 -51.02 -21.03 -2.26
CA ARG C 55 -50.17 -21.93 -3.02
C ARG C 55 -48.72 -21.43 -3.08
N MET C 56 -48.54 -20.13 -3.29
CA MET C 56 -47.18 -19.58 -3.26
C MET C 56 -46.56 -19.78 -1.89
N TYR C 57 -47.33 -19.51 -0.84
CA TYR C 57 -46.82 -19.57 0.51
C TYR C 57 -46.45 -21.01 0.88
N GLU C 58 -47.29 -21.96 0.45
CA GLU C 58 -47.01 -23.36 0.66
C GLU C 58 -45.68 -23.75 0.03
N ALA C 59 -45.40 -23.23 -1.17
CA ALA C 59 -44.18 -23.58 -1.89
C ALA C 59 -42.94 -23.02 -1.19
N VAL C 60 -42.98 -21.72 -0.83
CA VAL C 60 -41.82 -21.09 -0.21
C VAL C 60 -41.54 -21.68 1.16
N THR C 61 -42.59 -22.04 1.91
CA THR C 61 -42.42 -22.58 3.25
C THR C 61 -42.21 -24.08 3.27
N ALA C 62 -41.96 -24.70 2.12
CA ALA C 62 -41.32 -26.01 2.14
C ALA C 62 -39.93 -25.94 2.77
N PHE C 63 -39.31 -24.76 2.74
CA PHE C 63 -38.03 -24.53 3.38
C PHE C 63 -38.07 -23.42 4.41
N HIS C 64 -38.56 -22.24 4.04
CA HIS C 64 -38.46 -21.09 4.92
C HIS C 64 -39.58 -21.10 5.94
N SER C 65 -39.32 -20.48 7.09
CA SER C 65 -40.36 -20.43 8.10
C SER C 65 -41.47 -19.47 7.69
N THR C 66 -42.66 -19.72 8.24
CA THR C 66 -43.77 -18.81 8.00
C THR C 66 -43.44 -17.42 8.51
N GLU C 67 -42.84 -17.33 9.71
CA GLU C 67 -42.59 -16.02 10.27
C GLU C 67 -41.60 -15.24 9.41
N TYR C 68 -40.61 -15.94 8.85
CA TYR C 68 -39.62 -15.25 7.99
C TYR C 68 -40.26 -14.78 6.69
N VAL C 69 -41.05 -15.64 6.05
CA VAL C 69 -41.74 -15.22 4.83
C VAL C 69 -42.64 -14.02 5.11
N ASP C 70 -43.37 -14.05 6.24
CA ASP C 70 -44.23 -12.93 6.60
C ASP C 70 -43.43 -11.64 6.75
N ALA C 71 -42.27 -11.70 7.41
CA ALA C 71 -41.47 -10.50 7.62
C ALA C 71 -40.94 -9.96 6.31
N LEU C 72 -40.53 -10.83 5.40
CA LEU C 72 -40.02 -10.39 4.12
C LEU C 72 -41.10 -9.70 3.29
N LYS C 73 -42.33 -10.22 3.31
CA LYS C 73 -43.44 -9.54 2.64
C LYS C 73 -43.67 -8.18 3.28
N LYS C 74 -43.65 -8.13 4.61
CA LYS C 74 -43.89 -6.87 5.30
C LYS C 74 -42.80 -5.87 4.98
N LEU C 75 -41.55 -6.32 4.91
CA LEU C 75 -40.46 -5.42 4.56
C LEU C 75 -40.68 -4.75 3.21
N GLN C 76 -41.11 -5.52 2.21
CA GLN C 76 -41.47 -4.94 0.92
C GLN C 76 -42.58 -3.91 1.09
N MET C 77 -43.65 -4.27 1.81
CA MET C 77 -44.75 -3.33 1.99
C MET C 77 -44.25 -2.02 2.58
N LEU C 78 -43.43 -2.12 3.63
CA LEU C 78 -42.95 -0.92 4.31
C LEU C 78 -42.16 -0.03 3.36
N HIS C 79 -41.32 -0.62 2.53
CA HIS C 79 -40.51 0.18 1.63
C HIS C 79 -41.30 0.72 0.45
N CYS C 80 -42.52 0.24 0.21
CA CYS C 80 -43.39 0.81 -0.81
C CYS C 80 -44.22 1.99 -0.31
N GLU C 81 -43.93 2.49 0.88
CA GLU C 81 -44.68 3.61 1.44
C GLU C 81 -43.70 4.64 1.99
N GLU C 82 -44.24 5.80 2.35
CA GLU C 82 -43.39 6.95 2.66
C GLU C 82 -42.85 6.89 4.08
N LYS C 83 -43.67 6.50 5.05
CA LYS C 83 -43.30 6.62 6.45
C LYS C 83 -42.24 5.59 6.85
N GLU C 84 -41.35 6.01 7.73
CA GLU C 84 -40.26 5.17 8.22
C GLU C 84 -40.81 4.03 9.08
N LEU C 85 -39.92 3.10 9.42
CA LEU C 85 -40.30 1.94 10.22
C LEU C 85 -40.43 2.33 11.68
N THR C 86 -41.39 1.70 12.37
CA THR C 86 -41.48 1.87 13.81
C THR C 86 -40.33 1.14 14.50
N ALA C 87 -40.13 1.47 15.77
CA ALA C 87 -39.09 0.79 16.56
C ALA C 87 -39.34 -0.72 16.60
N ASP C 88 -40.60 -1.14 16.75
CA ASP C 88 -40.91 -2.56 16.72
C ASP C 88 -40.75 -3.16 15.32
N ASP C 89 -41.08 -2.41 14.27
CA ASP C 89 -40.81 -2.87 12.91
C ASP C 89 -39.31 -3.09 12.69
N GLU C 90 -38.47 -2.18 13.20
CA GLU C 90 -37.02 -2.37 13.08
C GLU C 90 -36.55 -3.62 13.83
N LEU C 91 -37.07 -3.85 15.05
CA LEU C 91 -36.67 -5.04 15.79
C LEU C 91 -37.07 -6.31 15.05
N LEU C 92 -38.26 -6.33 14.46
CA LEU C 92 -38.73 -7.51 13.73
C LEU C 92 -37.79 -7.83 12.57
N MET C 93 -37.42 -6.82 11.80
CA MET C 93 -36.51 -7.05 10.67
C MET C 93 -35.13 -7.47 11.15
N ASP C 94 -34.62 -6.86 12.23
CA ASP C 94 -33.32 -7.29 12.74
C ASP C 94 -33.34 -8.75 13.16
N SER C 95 -34.47 -9.24 13.67
CA SER C 95 -34.53 -10.62 14.14
C SER C 95 -34.42 -11.64 13.02
N PHE C 96 -34.58 -11.21 11.76
CA PHE C 96 -34.43 -12.06 10.58
C PHE C 96 -33.24 -11.64 9.72
N SER C 97 -32.38 -10.76 10.25
CA SER C 97 -31.20 -10.27 9.53
C SER C 97 -31.60 -9.52 8.25
N LEU C 98 -32.76 -8.89 8.25
CA LEU C 98 -33.19 -8.07 7.11
C LEU C 98 -32.70 -6.64 7.34
N ASN C 99 -31.37 -6.50 7.27
CA ASN C 99 -30.70 -5.24 7.51
C ASN C 99 -29.28 -5.35 6.94
N TYR C 100 -28.50 -4.28 7.13
CA TYR C 100 -27.10 -4.24 6.69
C TYR C 100 -26.92 -4.76 5.27
N ASP C 101 -26.31 -5.94 5.13
CA ASP C 101 -26.02 -6.55 3.83
C ASP C 101 -27.27 -7.05 3.10
N CYS C 102 -28.40 -7.16 3.80
CA CYS C 102 -29.65 -7.63 3.21
C CYS C 102 -30.75 -6.60 3.48
N PRO C 103 -30.60 -5.39 2.93
CA PRO C 103 -31.57 -4.32 3.21
C PRO C 103 -32.91 -4.54 2.55
N GLY C 104 -33.90 -3.80 3.03
CA GLY C 104 -35.13 -3.72 2.30
C GLY C 104 -35.03 -2.78 1.10
N PHE C 105 -35.91 -3.02 0.14
CA PHE C 105 -36.11 -2.12 -0.99
C PHE C 105 -37.50 -2.38 -1.56
N PRO C 106 -38.03 -1.45 -2.37
CA PRO C 106 -39.44 -1.57 -2.80
C PRO C 106 -39.84 -2.93 -3.37
N SER C 107 -38.94 -3.61 -4.07
CA SER C 107 -39.26 -4.89 -4.70
C SER C 107 -38.63 -6.10 -4.00
N VAL C 108 -38.23 -5.99 -2.72
CA VAL C 108 -37.37 -7.03 -2.14
C VAL C 108 -38.04 -8.40 -2.16
N PHE C 109 -39.36 -8.45 -1.90
CA PHE C 109 -40.02 -9.76 -1.89
C PHE C 109 -40.22 -10.27 -3.31
N ASP C 110 -40.78 -9.44 -4.20
CA ASP C 110 -40.95 -9.81 -5.60
C ASP C 110 -39.64 -10.29 -6.21
N TYR C 111 -38.56 -9.52 -5.97
CA TYR C 111 -37.23 -9.87 -6.48
C TYR C 111 -36.78 -11.24 -5.97
N SER C 112 -36.85 -11.44 -4.65
CA SER C 112 -36.48 -12.70 -4.01
C SER C 112 -37.30 -13.86 -4.56
N LEU C 113 -38.61 -13.66 -4.64
CA LEU C 113 -39.51 -14.70 -5.11
C LEU C 113 -39.26 -15.05 -6.56
N ALA C 114 -38.88 -14.06 -7.39
CA ALA C 114 -38.63 -14.34 -8.81
C ALA C 114 -37.60 -15.45 -8.98
N ALA C 115 -36.48 -15.38 -8.24
CA ALA C 115 -35.47 -16.44 -8.37
C ALA C 115 -36.06 -17.81 -8.01
N VAL C 116 -36.90 -17.89 -6.97
CA VAL C 116 -37.57 -19.15 -6.64
C VAL C 116 -38.44 -19.62 -7.79
N GLN C 117 -39.21 -18.70 -8.37
CA GLN C 117 -40.10 -19.02 -9.49
C GLN C 117 -39.32 -19.60 -10.65
N GLY C 118 -38.18 -18.98 -10.96
CA GLY C 118 -37.38 -19.46 -12.09
C GLY C 118 -36.77 -20.83 -11.81
N SER C 119 -36.26 -21.03 -10.59
CA SER C 119 -35.52 -22.26 -10.32
C SER C 119 -36.45 -23.43 -10.09
N LEU C 120 -37.63 -23.17 -9.51
CA LEU C 120 -38.67 -24.21 -9.42
C LEU C 120 -39.12 -24.64 -10.80
N ALA C 121 -39.33 -23.67 -11.69
CA ALA C 121 -39.73 -24.01 -13.06
C ALA C 121 -38.65 -24.82 -13.76
N ALA C 122 -37.39 -24.43 -13.58
CA ALA C 122 -36.28 -25.21 -14.12
C ALA C 122 -36.29 -26.65 -13.61
N ALA C 123 -36.48 -26.85 -12.30
CA ALA C 123 -36.52 -28.21 -11.77
C ALA C 123 -37.66 -28.99 -12.42
N SER C 124 -38.83 -28.36 -12.58
CA SER C 124 -39.97 -29.05 -13.17
C SER C 124 -39.71 -29.44 -14.61
N ALA C 125 -38.97 -28.62 -15.36
CA ALA C 125 -38.66 -28.96 -16.75
C ALA C 125 -37.71 -30.14 -16.82
N LEU C 126 -36.81 -30.31 -15.83
CA LEU C 126 -35.95 -31.48 -15.82
C LEU C 126 -36.73 -32.73 -15.46
N ILE C 127 -37.66 -32.60 -14.51
CA ILE C 127 -38.43 -33.74 -14.03
C ILE C 127 -39.28 -34.34 -15.13
N CYS C 128 -39.92 -33.49 -15.93
CA CYS C 128 -40.77 -34.02 -17.00
C CYS C 128 -39.99 -34.30 -18.27
N ARG C 129 -38.67 -34.11 -18.22
CA ARG C 129 -37.77 -34.47 -19.32
C ARG C 129 -38.00 -33.60 -20.54
N HIS C 130 -38.64 -32.44 -20.35
CA HIS C 130 -38.69 -31.46 -21.42
C HIS C 130 -37.29 -30.99 -21.78
N CYS C 131 -36.43 -30.79 -20.78
CA CYS C 131 -35.07 -30.32 -20.99
C CYS C 131 -34.07 -31.28 -20.36
N GLU C 132 -32.93 -31.47 -21.02
CA GLU C 132 -31.85 -32.22 -20.39
C GLU C 132 -31.05 -31.36 -19.43
N VAL C 133 -31.01 -30.05 -19.69
CA VAL C 133 -30.32 -29.07 -18.87
C VAL C 133 -31.16 -27.80 -18.87
N VAL C 134 -31.23 -27.11 -17.74
CA VAL C 134 -31.88 -25.81 -17.67
C VAL C 134 -30.95 -24.82 -16.97
N ILE C 135 -30.84 -23.63 -17.55
CA ILE C 135 -30.01 -22.54 -17.06
C ILE C 135 -30.92 -21.48 -16.44
N ASN C 136 -30.58 -21.02 -15.23
CA ASN C 136 -31.28 -19.87 -14.64
C ASN C 136 -30.25 -18.85 -14.16
N TRP C 137 -29.93 -17.85 -14.98
CA TRP C 137 -28.97 -16.85 -14.56
C TRP C 137 -29.57 -15.81 -13.60
N GLY C 138 -30.85 -15.93 -13.27
CA GLY C 138 -31.37 -15.14 -12.17
C GLY C 138 -31.45 -15.87 -10.84
N GLY C 139 -30.95 -17.09 -10.76
CA GLY C 139 -30.96 -17.86 -9.53
C GLY C 139 -29.57 -18.10 -8.97
N GLY C 140 -29.54 -18.88 -7.89
CA GLY C 140 -28.30 -19.30 -7.26
C GLY C 140 -28.04 -18.67 -5.91
N TRP C 141 -29.08 -18.37 -5.13
CA TRP C 141 -28.89 -17.55 -3.92
C TRP C 141 -28.68 -18.46 -2.71
N HIS C 142 -27.43 -18.94 -2.58
CA HIS C 142 -27.08 -20.09 -1.74
C HIS C 142 -26.95 -19.75 -0.27
N HIS C 143 -26.90 -18.48 0.13
CA HIS C 143 -26.68 -18.16 1.53
C HIS C 143 -27.95 -18.05 2.35
N ALA C 144 -29.11 -17.95 1.72
CA ALA C 144 -30.35 -17.73 2.48
C ALA C 144 -30.64 -18.92 3.39
N LYS C 145 -31.05 -18.64 4.63
CA LYS C 145 -31.37 -19.68 5.60
C LYS C 145 -32.87 -19.76 5.82
N ARG C 146 -33.28 -20.81 6.54
CA ARG C 146 -34.67 -21.06 6.89
C ARG C 146 -35.40 -19.80 7.34
N SER C 147 -34.84 -19.09 8.32
CA SER C 147 -35.43 -17.89 8.88
C SER C 147 -34.43 -16.74 8.91
N GLU C 148 -33.61 -16.60 7.87
CA GLU C 148 -32.56 -15.59 7.94
C GLU C 148 -32.08 -15.24 6.54
N ALA C 149 -32.02 -13.96 6.24
CA ALA C 149 -31.36 -13.48 5.02
C ALA C 149 -29.86 -13.39 5.24
N SER C 150 -29.08 -13.61 4.18
CA SER C 150 -27.63 -13.55 4.36
C SER C 150 -26.97 -13.28 3.02
N GLY C 151 -25.99 -12.38 3.01
CA GLY C 151 -25.22 -12.19 1.77
C GLY C 151 -26.04 -11.77 0.56
N PHE C 152 -27.02 -10.89 0.75
CA PHE C 152 -27.99 -10.46 -0.25
C PHE C 152 -28.74 -11.64 -0.86
N CYS C 153 -28.85 -12.74 -0.10
CA CYS C 153 -29.70 -13.89 -0.43
C CYS C 153 -30.89 -13.87 0.52
N TYR C 154 -32.08 -13.66 -0.01
CA TYR C 154 -33.28 -13.53 0.83
C TYR C 154 -34.13 -14.79 0.83
N LEU C 155 -34.25 -15.47 -0.31
CA LEU C 155 -34.94 -16.76 -0.40
C LEU C 155 -34.03 -17.74 -1.10
N ASN C 156 -33.96 -18.96 -0.60
CA ASN C 156 -33.01 -19.93 -1.13
C ASN C 156 -33.67 -20.72 -2.26
N ASP C 157 -33.59 -20.17 -3.49
CA ASP C 157 -34.17 -20.84 -4.64
C ASP C 157 -33.51 -22.19 -4.90
N ILE C 158 -32.21 -22.31 -4.57
CA ILE C 158 -31.52 -23.57 -4.75
C ILE C 158 -32.14 -24.67 -3.89
N VAL C 159 -32.27 -24.41 -2.59
CA VAL C 159 -32.84 -25.43 -1.69
C VAL C 159 -34.22 -25.85 -2.18
N LEU C 160 -35.04 -24.88 -2.58
CA LEU C 160 -36.40 -25.19 -3.02
C LEU C 160 -36.39 -25.99 -4.30
N ALA C 161 -35.49 -25.66 -5.24
CA ALA C 161 -35.34 -26.44 -6.46
C ALA C 161 -34.87 -27.86 -6.16
N ILE C 162 -33.86 -28.00 -5.29
CA ILE C 162 -33.36 -29.34 -4.96
C ILE C 162 -34.45 -30.16 -4.30
N HIS C 163 -35.23 -29.54 -3.40
CA HIS C 163 -36.32 -30.25 -2.75
C HIS C 163 -37.34 -30.78 -3.76
N ARG C 164 -37.65 -29.99 -4.80
CA ARG C 164 -38.56 -30.48 -5.83
C ARG C 164 -37.96 -31.65 -6.60
N LEU C 165 -36.67 -31.59 -6.93
CA LEU C 165 -36.00 -32.67 -7.65
C LEU C 165 -35.95 -33.94 -6.80
N VAL C 166 -35.51 -33.81 -5.54
CA VAL C 166 -35.27 -35.02 -4.78
C VAL C 166 -36.58 -35.66 -4.36
N SER C 167 -37.69 -34.90 -4.42
CA SER C 167 -39.02 -35.43 -4.14
C SER C 167 -39.63 -36.19 -5.32
N SER C 168 -39.13 -35.98 -6.52
CA SER C 168 -39.72 -36.56 -7.73
C SER C 168 -39.39 -38.04 -7.84
N THR C 169 -40.28 -38.77 -8.50
CA THR C 169 -40.26 -40.23 -8.49
C THR C 169 -40.00 -40.81 -9.88
N GLN C 178 -33.87 -43.73 -3.52
CA GLN C 178 -33.06 -43.96 -4.71
C GLN C 178 -32.74 -42.66 -5.47
N THR C 179 -33.67 -41.70 -5.50
CA THR C 179 -33.35 -40.42 -6.11
C THR C 179 -32.36 -39.67 -5.25
N ARG C 180 -31.22 -39.32 -5.82
CA ARG C 180 -30.21 -38.55 -5.11
C ARG C 180 -29.85 -37.36 -5.98
N VAL C 181 -29.55 -36.24 -5.33
CA VAL C 181 -29.12 -35.03 -6.03
C VAL C 181 -27.71 -34.70 -5.59
N LEU C 182 -26.86 -34.38 -6.56
CA LEU C 182 -25.52 -33.89 -6.28
C LEU C 182 -25.54 -32.38 -6.50
N TYR C 183 -25.23 -31.63 -5.46
CA TYR C 183 -25.13 -30.16 -5.54
C TYR C 183 -23.67 -29.75 -5.59
N VAL C 184 -23.31 -28.95 -6.60
CA VAL C 184 -21.94 -28.50 -6.83
C VAL C 184 -21.95 -26.98 -6.82
N ASP C 185 -21.19 -26.37 -5.92
CA ASP C 185 -21.22 -24.94 -5.68
C ASP C 185 -19.85 -24.35 -6.05
N LEU C 186 -19.77 -23.67 -7.19
CA LEU C 186 -18.51 -23.15 -7.75
C LEU C 186 -18.24 -21.70 -7.38
N ASP C 187 -19.15 -21.05 -6.66
CA ASP C 187 -19.06 -19.67 -6.22
C ASP C 187 -17.78 -19.46 -5.38
N LEU C 188 -17.31 -18.20 -5.33
CA LEU C 188 -16.16 -17.87 -4.50
C LEU C 188 -16.41 -18.16 -3.02
N HIS C 189 -17.65 -18.06 -2.58
CA HIS C 189 -18.03 -18.24 -1.19
C HIS C 189 -18.60 -19.63 -0.92
N HIS C 190 -18.44 -20.07 0.33
CA HIS C 190 -19.01 -21.34 0.80
C HIS C 190 -20.54 -21.33 0.65
N GLY C 191 -21.09 -22.40 0.08
CA GLY C 191 -22.53 -22.54 -0.07
C GLY C 191 -23.25 -22.99 1.20
N ASP C 192 -23.22 -22.12 2.21
CA ASP C 192 -23.57 -22.53 3.57
C ASP C 192 -25.07 -22.79 3.74
N GLY C 193 -25.92 -21.97 3.10
CA GLY C 193 -27.36 -22.17 3.25
C GLY C 193 -27.86 -23.48 2.66
N VAL C 194 -27.32 -23.86 1.50
CA VAL C 194 -27.70 -25.15 0.91
C VAL C 194 -27.16 -26.30 1.75
N GLU C 195 -25.88 -26.22 2.15
CA GLU C 195 -25.30 -27.26 3.00
C GLU C 195 -26.10 -27.45 4.27
N GLU C 196 -26.53 -26.34 4.89
CA GLU C 196 -27.24 -26.44 6.16
C GLU C 196 -28.61 -27.06 5.98
N ALA C 197 -29.30 -26.68 4.90
CA ALA C 197 -30.65 -27.19 4.65
C ALA C 197 -30.66 -28.71 4.55
N PHE C 198 -29.61 -29.31 4.00
CA PHE C 198 -29.59 -30.75 3.75
C PHE C 198 -28.60 -31.48 4.66
N TRP C 199 -28.21 -30.85 5.77
CA TRP C 199 -27.17 -31.39 6.65
C TRP C 199 -27.52 -32.78 7.18
N TYR C 200 -28.81 -33.04 7.38
CA TYR C 200 -29.26 -34.33 7.92
C TYR C 200 -29.82 -35.25 6.84
N SER C 201 -29.62 -34.93 5.56
CA SER C 201 -30.24 -35.69 4.47
C SER C 201 -29.15 -36.37 3.64
N PRO C 202 -29.11 -37.70 3.58
CA PRO C 202 -28.15 -38.35 2.67
C PRO C 202 -28.52 -38.24 1.21
N ARG C 203 -29.76 -37.91 0.85
CA ARG C 203 -30.14 -37.98 -0.54
C ARG C 203 -29.72 -36.74 -1.33
N VAL C 204 -29.28 -35.67 -0.65
CA VAL C 204 -28.71 -34.50 -1.30
C VAL C 204 -27.26 -34.39 -0.82
N VAL C 205 -26.31 -34.71 -1.68
CA VAL C 205 -24.90 -34.57 -1.36
C VAL C 205 -24.47 -33.18 -1.82
N THR C 206 -23.93 -32.37 -0.90
CA THR C 206 -23.47 -31.04 -1.29
C THR C 206 -21.94 -31.00 -1.38
N PHE C 207 -21.43 -30.25 -2.36
CA PHE C 207 -19.99 -30.07 -2.52
C PHE C 207 -19.73 -28.63 -2.90
N SER C 208 -19.01 -27.91 -2.04
CA SER C 208 -18.67 -26.51 -2.29
C SER C 208 -17.16 -26.38 -2.35
N VAL C 209 -16.67 -25.72 -3.40
CA VAL C 209 -15.28 -25.29 -3.49
C VAL C 209 -15.29 -23.78 -3.39
N HIS C 210 -14.37 -23.20 -2.59
CA HIS C 210 -14.52 -21.78 -2.24
C HIS C 210 -13.24 -21.29 -1.59
N HIS C 211 -13.15 -19.97 -1.44
CA HIS C 211 -12.12 -19.42 -0.56
C HIS C 211 -12.61 -19.43 0.87
N ALA C 212 -11.70 -19.72 1.80
CA ALA C 212 -11.93 -19.54 3.22
C ALA C 212 -10.65 -19.01 3.86
N SER C 213 -10.81 -18.07 4.78
CA SER C 213 -9.70 -17.51 5.53
C SER C 213 -10.32 -16.74 6.70
N PRO C 214 -9.55 -16.37 7.71
CA PRO C 214 -10.16 -15.74 8.89
C PRO C 214 -10.83 -14.42 8.55
N GLY C 215 -12.10 -14.30 8.96
CA GLY C 215 -12.89 -13.12 8.73
C GLY C 215 -13.55 -13.03 7.36
N PHE C 216 -13.28 -14.00 6.47
CA PHE C 216 -13.90 -14.01 5.15
C PHE C 216 -15.30 -14.63 5.23
N PHE C 217 -16.27 -13.92 4.64
CA PHE C 217 -17.66 -14.35 4.57
C PHE C 217 -17.85 -15.70 3.88
N PRO C 218 -18.71 -16.59 4.42
CA PRO C 218 -19.48 -16.47 5.66
C PRO C 218 -18.81 -17.14 6.85
N GLY C 219 -17.63 -17.74 6.63
CA GLY C 219 -16.82 -18.30 7.69
C GLY C 219 -16.82 -19.81 7.79
N THR C 220 -17.72 -20.49 7.09
CA THR C 220 -17.90 -21.94 7.19
C THR C 220 -17.26 -22.63 6.00
N GLY C 221 -17.44 -23.94 5.91
CA GLY C 221 -16.80 -24.72 4.85
C GLY C 221 -15.30 -24.91 5.01
N THR C 222 -14.80 -24.94 6.24
CA THR C 222 -13.37 -25.13 6.47
C THR C 222 -13.19 -25.83 7.82
N TRP C 223 -11.95 -25.92 8.28
CA TRP C 223 -11.67 -26.64 9.53
C TRP C 223 -12.43 -25.99 10.68
N ASN C 224 -12.88 -26.83 11.62
CA ASN C 224 -13.78 -26.40 12.69
C ASN C 224 -13.07 -26.28 14.04
N LYS C 230 -6.98 -30.74 20.49
CA LYS C 230 -6.86 -31.79 19.47
C LYS C 230 -6.97 -31.20 18.07
N LEU C 231 -6.52 -31.97 17.08
CA LEU C 231 -6.42 -31.44 15.72
C LEU C 231 -7.79 -31.01 15.20
N PRO C 232 -7.86 -29.88 14.51
CA PRO C 232 -9.14 -29.44 13.92
C PRO C 232 -9.65 -30.45 12.89
N ILE C 233 -10.97 -30.46 12.72
CA ILE C 233 -11.64 -31.40 11.85
C ILE C 233 -12.62 -30.66 10.94
N PHE C 234 -13.00 -31.33 9.86
CA PHE C 234 -14.11 -30.89 9.01
C PHE C 234 -15.40 -31.54 9.47
N LEU C 235 -16.38 -30.74 9.85
CA LEU C 235 -17.73 -31.26 9.97
C LEU C 235 -18.25 -31.62 8.58
N ASN C 236 -19.14 -32.61 8.50
CA ASN C 236 -19.51 -33.10 7.17
C ASN C 236 -20.94 -33.61 7.09
N GLY C 237 -21.82 -33.20 7.99
CA GLY C 237 -23.17 -33.71 8.05
C GLY C 237 -23.43 -34.42 9.37
N ALA C 238 -24.70 -34.71 9.60
CA ALA C 238 -25.03 -35.31 10.88
C ALA C 238 -26.19 -36.29 10.72
N GLY C 239 -26.27 -37.23 11.66
CA GLY C 239 -27.36 -38.18 11.62
C GLY C 239 -27.27 -39.03 10.36
N ARG C 240 -28.42 -39.22 9.70
CA ARG C 240 -28.41 -39.97 8.44
C ARG C 240 -27.62 -39.23 7.38
N GLY C 241 -27.35 -37.93 7.60
CA GLY C 241 -26.61 -37.09 6.69
C GLY C 241 -25.11 -37.06 6.93
N ARG C 242 -24.61 -37.86 7.87
CA ARG C 242 -23.16 -37.92 8.07
C ARG C 242 -22.44 -38.24 6.77
N PHE C 243 -21.36 -37.51 6.51
CA PHE C 243 -20.46 -37.66 5.36
C PHE C 243 -21.06 -37.11 4.05
N SER C 244 -22.23 -36.47 4.07
CA SER C 244 -22.88 -36.04 2.83
C SER C 244 -22.62 -34.58 2.49
N ALA C 245 -21.88 -33.85 3.32
CA ALA C 245 -21.55 -32.44 3.06
C ALA C 245 -20.05 -32.29 2.81
N PHE C 246 -19.67 -32.01 1.57
CA PHE C 246 -18.27 -31.98 1.14
C PHE C 246 -17.82 -30.53 0.97
N ASN C 247 -16.56 -30.25 1.35
CA ASN C 247 -16.00 -28.90 1.22
C ASN C 247 -14.54 -28.94 0.83
N LEU C 248 -14.17 -28.03 -0.08
CA LEU C 248 -12.77 -27.84 -0.47
C LEU C 248 -12.46 -26.36 -0.35
N PRO C 249 -11.95 -25.92 0.78
CA PRO C 249 -11.52 -24.53 0.92
C PRO C 249 -10.12 -24.34 0.33
N LEU C 250 -9.92 -23.22 -0.34
CA LEU C 250 -8.72 -22.98 -1.11
C LEU C 250 -8.15 -21.61 -0.79
N GLU C 251 -6.81 -21.52 -0.80
CA GLU C 251 -6.15 -20.25 -0.55
C GLU C 251 -6.32 -19.29 -1.73
N GLU C 252 -6.11 -18.02 -1.46
CA GLU C 252 -6.30 -17.05 -2.52
C GLU C 252 -5.24 -17.22 -3.60
N GLY C 253 -5.58 -16.74 -4.81
CA GLY C 253 -4.68 -16.64 -5.93
C GLY C 253 -4.75 -17.76 -6.95
N ILE C 254 -5.65 -18.73 -6.78
CA ILE C 254 -5.62 -19.93 -7.62
C ILE C 254 -6.05 -19.60 -9.03
N ASN C 255 -5.37 -20.21 -10.01
CA ASN C 255 -5.61 -19.99 -11.42
C ASN C 255 -6.51 -21.08 -12.03
N ASP C 256 -6.78 -20.95 -13.34
CA ASP C 256 -7.70 -21.89 -14.02
C ASP C 256 -7.24 -23.33 -13.86
N LEU C 257 -5.96 -23.60 -14.16
CA LEU C 257 -5.48 -24.98 -14.22
C LEU C 257 -5.50 -25.63 -12.84
N ASP C 258 -4.99 -24.94 -11.83
CA ASP C 258 -4.92 -25.55 -10.50
C ASP C 258 -6.31 -25.75 -9.93
N TRP C 259 -7.24 -24.82 -10.20
CA TRP C 259 -8.61 -25.00 -9.76
C TRP C 259 -9.28 -26.16 -10.50
N SER C 260 -9.05 -26.25 -11.81
CA SER C 260 -9.54 -27.39 -12.58
C SER C 260 -9.00 -28.70 -12.02
N ASN C 261 -7.69 -28.77 -11.77
CA ASN C 261 -7.10 -30.00 -11.24
C ASN C 261 -7.52 -30.27 -9.81
N ALA C 262 -7.89 -29.23 -9.09
CA ALA C 262 -8.34 -29.41 -7.71
C ALA C 262 -9.69 -30.11 -7.66
N ILE C 263 -10.65 -29.67 -8.47
CA ILE C 263 -12.00 -30.19 -8.33
C ILE C 263 -12.35 -31.29 -9.34
N GLY C 264 -11.64 -31.38 -10.47
CA GLY C 264 -12.01 -32.31 -11.52
C GLY C 264 -12.12 -33.76 -11.07
N PRO C 265 -11.09 -34.29 -10.41
CA PRO C 265 -11.18 -35.67 -9.92
C PRO C 265 -12.21 -35.84 -8.83
N ILE C 266 -12.40 -34.82 -8.00
CA ILE C 266 -13.40 -34.96 -6.93
C ILE C 266 -14.81 -35.04 -7.52
N LEU C 267 -15.11 -34.17 -8.49
CA LEU C 267 -16.40 -34.21 -9.18
C LEU C 267 -16.63 -35.58 -9.82
N ASP C 268 -15.62 -36.07 -10.55
CA ASP C 268 -15.77 -37.36 -11.22
C ASP C 268 -16.00 -38.47 -10.21
N SER C 269 -15.33 -38.41 -9.06
CA SER C 269 -15.50 -39.46 -8.05
C SER C 269 -16.88 -39.37 -7.43
N LEU C 270 -17.36 -38.15 -7.18
CA LEU C 270 -18.70 -37.99 -6.64
C LEU C 270 -19.72 -38.59 -7.58
N ASN C 271 -19.57 -38.34 -8.88
CA ASN C 271 -20.50 -38.92 -9.85
C ASN C 271 -20.47 -40.44 -9.81
N ILE C 272 -19.26 -41.02 -9.81
CA ILE C 272 -19.11 -42.48 -9.82
C ILE C 272 -19.79 -43.09 -8.61
N VAL C 273 -19.56 -42.53 -7.42
CA VAL C 273 -20.07 -43.15 -6.21
C VAL C 273 -21.52 -42.77 -5.94
N ILE C 274 -21.88 -41.48 -6.06
CA ILE C 274 -23.23 -41.04 -5.71
C ILE C 274 -24.25 -41.49 -6.73
N GLN C 275 -23.85 -41.61 -8.00
CA GLN C 275 -24.77 -41.89 -9.10
C GLN C 275 -26.01 -40.99 -9.03
N PRO C 276 -25.81 -39.67 -8.99
CA PRO C 276 -26.95 -38.75 -8.86
C PRO C 276 -27.95 -38.87 -10.00
N SER C 277 -29.23 -38.70 -9.65
CA SER C 277 -30.30 -38.57 -10.64
C SER C 277 -30.33 -37.19 -11.27
N TYR C 278 -29.88 -36.18 -10.53
CA TYR C 278 -29.84 -34.79 -10.98
C TYR C 278 -28.59 -34.17 -10.42
N VAL C 279 -28.03 -33.22 -11.16
CA VAL C 279 -26.95 -32.38 -10.68
C VAL C 279 -27.46 -30.94 -10.65
N VAL C 280 -27.17 -30.23 -9.56
CA VAL C 280 -27.44 -28.79 -9.47
C VAL C 280 -26.11 -28.09 -9.25
N VAL C 281 -25.79 -27.16 -10.14
CA VAL C 281 -24.50 -26.45 -10.18
C VAL C 281 -24.78 -24.98 -9.96
N GLN C 282 -24.18 -24.42 -8.91
CA GLN C 282 -24.18 -22.98 -8.70
C GLN C 282 -22.89 -22.45 -9.36
N CYS C 283 -23.02 -21.47 -10.23
CA CYS C 283 -21.90 -21.03 -11.07
CA CYS C 283 -21.92 -21.01 -11.08
C CYS C 283 -21.57 -19.56 -10.83
N GLY C 284 -21.61 -19.14 -9.58
CA GLY C 284 -21.26 -17.77 -9.24
C GLY C 284 -19.94 -17.36 -9.86
N ALA C 285 -19.90 -16.16 -10.42
CA ALA C 285 -18.78 -15.68 -11.22
C ALA C 285 -17.77 -14.87 -10.41
N ASP C 286 -17.86 -14.90 -9.08
CA ASP C 286 -16.96 -14.05 -8.31
C ASP C 286 -15.56 -14.64 -8.14
N CYS C 287 -15.24 -15.79 -8.76
CA CYS C 287 -13.89 -16.31 -8.83
C CYS C 287 -13.10 -15.74 -9.99
N LEU C 288 -13.75 -15.01 -10.90
CA LEU C 288 -13.01 -14.42 -12.01
C LEU C 288 -11.89 -13.54 -11.46
N ALA C 289 -10.75 -13.53 -12.17
CA ALA C 289 -9.64 -12.69 -11.77
C ALA C 289 -10.00 -11.21 -11.72
N THR C 290 -11.01 -10.78 -12.47
CA THR C 290 -11.42 -9.39 -12.58
C THR C 290 -12.63 -9.06 -11.71
N ASP C 291 -13.11 -10.00 -10.92
CA ASP C 291 -14.13 -9.67 -9.96
C ASP C 291 -13.55 -8.74 -8.89
N PRO C 292 -14.31 -7.76 -8.42
CA PRO C 292 -13.73 -6.82 -7.44
C PRO C 292 -13.29 -7.47 -6.13
N HIS C 293 -13.72 -8.71 -5.80
CA HIS C 293 -13.12 -9.40 -4.65
C HIS C 293 -11.63 -9.60 -4.81
N ARG C 294 -11.17 -9.82 -6.04
CA ARG C 294 -9.77 -10.07 -6.37
C ARG C 294 -9.15 -11.13 -5.44
N ILE C 295 -9.78 -12.31 -5.41
CA ILE C 295 -9.29 -13.42 -4.61
C ILE C 295 -8.77 -14.58 -5.47
N PHE C 296 -9.59 -15.11 -6.36
CA PHE C 296 -9.13 -16.14 -7.28
C PHE C 296 -8.80 -15.50 -8.62
N ARG C 297 -8.18 -16.30 -9.50
CA ARG C 297 -7.74 -15.77 -10.80
C ARG C 297 -8.26 -16.63 -11.94
N LEU C 298 -9.52 -17.02 -11.87
CA LEU C 298 -10.12 -17.75 -12.98
C LEU C 298 -10.43 -16.81 -14.13
N THR C 299 -10.57 -17.37 -15.33
CA THR C 299 -10.95 -16.60 -16.50
C THR C 299 -12.19 -17.21 -17.15
N ASN C 300 -12.55 -16.63 -18.31
CA ASN C 300 -13.53 -17.20 -19.23
C ASN C 300 -12.87 -17.65 -20.55
N PHE C 301 -11.57 -17.88 -20.55
CA PHE C 301 -10.85 -18.14 -21.80
C PHE C 301 -11.21 -19.51 -22.36
N TYR C 302 -11.27 -19.61 -23.70
CA TYR C 302 -11.70 -20.84 -24.34
C TYR C 302 -10.79 -21.09 -25.53
N PRO C 303 -9.69 -21.82 -25.34
CA PRO C 303 -8.71 -22.09 -26.41
C PRO C 303 -9.31 -22.89 -27.54
N LEU C 317 -7.57 -23.22 -20.24
CA LEU C 317 -9.03 -23.30 -20.31
C LEU C 317 -9.63 -22.79 -19.01
N SER C 318 -10.60 -21.89 -19.13
CA SER C 318 -11.37 -21.40 -18.00
C SER C 318 -11.74 -22.54 -17.05
N GLY C 319 -11.40 -22.38 -15.78
CA GLY C 319 -11.78 -23.39 -14.79
C GLY C 319 -13.28 -23.68 -14.82
N TYR C 320 -14.10 -22.64 -14.93
CA TYR C 320 -15.54 -22.81 -14.98
C TYR C 320 -15.96 -23.67 -16.16
N LEU C 321 -15.42 -23.37 -17.34
CA LEU C 321 -15.83 -24.13 -18.52
C LEU C 321 -15.38 -25.58 -18.41
N TYR C 322 -14.17 -25.79 -17.87
CA TYR C 322 -13.68 -27.14 -17.60
C TYR C 322 -14.66 -27.92 -16.71
N ALA C 323 -15.07 -27.31 -15.60
CA ALA C 323 -15.96 -27.97 -14.66
C ALA C 323 -17.34 -28.24 -15.26
N ILE C 324 -17.90 -27.25 -15.96
CA ILE C 324 -19.21 -27.41 -16.60
C ILE C 324 -19.14 -28.50 -17.68
N LYS C 325 -18.10 -28.46 -18.50
CA LYS C 325 -17.98 -29.49 -19.53
C LYS C 325 -17.89 -30.88 -18.89
N LYS C 326 -17.15 -31.00 -17.79
CA LYS C 326 -17.01 -32.30 -17.12
C LYS C 326 -18.36 -32.78 -16.59
N ILE C 327 -19.06 -31.93 -15.84
CA ILE C 327 -20.37 -32.28 -15.32
C ILE C 327 -21.31 -32.70 -16.45
N LEU C 328 -21.34 -31.93 -17.54
CA LEU C 328 -22.25 -32.27 -18.63
C LEU C 328 -21.86 -33.58 -19.30
N SER C 329 -20.58 -33.98 -19.21
CA SER C 329 -20.16 -35.24 -19.83
C SER C 329 -20.79 -36.46 -19.15
N TRP C 330 -21.26 -36.32 -17.92
CA TRP C 330 -21.92 -37.42 -17.21
C TRP C 330 -23.28 -37.76 -17.80
N LYS C 331 -23.89 -36.84 -18.54
CA LYS C 331 -25.20 -37.05 -19.17
C LYS C 331 -26.30 -37.26 -18.12
N VAL C 332 -26.22 -36.50 -17.03
CA VAL C 332 -27.21 -36.49 -15.96
C VAL C 332 -28.01 -35.19 -16.08
N PRO C 333 -29.35 -35.20 -15.97
CA PRO C 333 -30.12 -33.95 -16.03
C PRO C 333 -29.59 -32.95 -15.01
N THR C 334 -29.35 -31.71 -15.47
CA THR C 334 -28.58 -30.71 -14.73
C THR C 334 -29.27 -29.35 -14.73
N LEU C 335 -29.22 -28.69 -13.58
CA LEU C 335 -29.68 -27.32 -13.40
C LEU C 335 -28.43 -26.48 -13.19
N ILE C 336 -28.26 -25.44 -14.02
CA ILE C 336 -27.14 -24.49 -13.92
C ILE C 336 -27.67 -23.14 -13.46
N LEU C 337 -27.19 -22.65 -12.32
CA LEU C 337 -27.68 -21.43 -11.71
C LEU C 337 -26.57 -20.40 -11.67
N GLY C 338 -26.94 -19.14 -11.49
CA GLY C 338 -25.92 -18.12 -11.29
C GLY C 338 -25.53 -18.02 -9.84
N GLY C 339 -25.39 -16.81 -9.36
CA GLY C 339 -24.91 -16.56 -8.01
C GLY C 339 -24.16 -15.23 -7.97
N GLY C 340 -23.06 -15.23 -7.24
CA GLY C 340 -22.24 -14.04 -7.14
C GLY C 340 -21.63 -13.68 -8.47
N GLY C 341 -21.05 -12.48 -8.51
CA GLY C 341 -20.49 -11.94 -9.73
C GLY C 341 -20.68 -10.44 -9.76
N TYR C 342 -19.65 -9.67 -9.38
CA TYR C 342 -19.81 -8.26 -9.12
C TYR C 342 -19.16 -7.39 -10.16
N ASN C 343 -18.47 -7.98 -11.13
CA ASN C 343 -18.10 -7.29 -12.37
C ASN C 343 -19.16 -7.72 -13.39
N PHE C 344 -20.13 -6.82 -13.67
CA PHE C 344 -21.30 -7.27 -14.43
C PHE C 344 -20.94 -7.63 -15.87
N PRO C 345 -20.20 -6.81 -16.62
CA PRO C 345 -19.82 -7.24 -17.98
C PRO C 345 -18.99 -8.52 -17.99
N ASP C 346 -18.06 -8.68 -17.05
CA ASP C 346 -17.25 -9.90 -17.07
C ASP C 346 -18.08 -11.11 -16.66
N THR C 347 -19.05 -10.93 -15.77
CA THR C 347 -19.98 -12.03 -15.47
C THR C 347 -20.78 -12.42 -16.71
N ALA C 348 -21.30 -11.43 -17.46
CA ALA C 348 -21.98 -11.74 -18.71
C ALA C 348 -21.04 -12.46 -19.68
N ARG C 349 -19.78 -12.04 -19.75
CA ARG C 349 -18.83 -12.69 -20.67
C ARG C 349 -18.61 -14.15 -20.34
N LEU C 350 -18.53 -14.47 -19.04
CA LEU C 350 -18.36 -15.87 -18.60
C LEU C 350 -19.62 -16.68 -18.84
N TRP C 351 -20.76 -16.16 -18.36
CA TRP C 351 -21.99 -16.94 -18.43
C TRP C 351 -22.45 -17.11 -19.86
N THR C 352 -22.08 -16.18 -20.74
CA THR C 352 -22.38 -16.35 -22.17
C THR C 352 -21.61 -17.55 -22.72
N ARG C 353 -20.32 -17.65 -22.37
CA ARG C 353 -19.53 -18.81 -22.76
C ARG C 353 -20.05 -20.10 -22.12
N VAL C 354 -20.50 -20.05 -20.86
CA VAL C 354 -21.07 -21.26 -20.27
C VAL C 354 -22.32 -21.69 -21.03
N THR C 355 -23.15 -20.72 -21.45
CA THR C 355 -24.38 -21.06 -22.18
C THR C 355 -24.05 -21.70 -23.52
N ALA C 356 -23.09 -21.13 -24.22
CA ALA C 356 -22.67 -21.68 -25.51
C ALA C 356 -22.11 -23.09 -25.35
N LEU C 357 -21.24 -23.29 -24.35
CA LEU C 357 -20.69 -24.62 -24.10
C LEU C 357 -21.81 -25.62 -23.82
N THR C 358 -22.80 -25.23 -23.03
CA THR C 358 -23.89 -26.16 -22.69
C THR C 358 -24.64 -26.59 -23.93
N ILE C 359 -24.89 -25.66 -24.86
CA ILE C 359 -25.53 -25.99 -26.13
C ILE C 359 -24.67 -26.98 -26.90
N GLU C 360 -23.35 -26.73 -26.96
CA GLU C 360 -22.44 -27.62 -27.69
C GLU C 360 -22.47 -29.03 -27.11
N GLU C 361 -22.30 -29.15 -25.80
CA GLU C 361 -22.14 -30.45 -25.17
C GLU C 361 -23.44 -31.26 -25.20
N VAL C 362 -24.58 -30.59 -25.06
CA VAL C 362 -25.86 -31.27 -25.02
C VAL C 362 -26.41 -31.55 -26.41
N LYS C 363 -26.42 -30.55 -27.29
CA LYS C 363 -26.96 -30.70 -28.65
C LYS C 363 -25.94 -31.26 -29.63
N GLY C 364 -24.65 -31.27 -29.30
CA GLY C 364 -23.64 -31.71 -30.25
C GLY C 364 -23.41 -30.75 -31.39
N LYS C 365 -23.72 -29.47 -31.18
CA LYS C 365 -23.85 -28.47 -32.24
C LYS C 365 -22.82 -27.36 -32.00
N LYS C 366 -21.91 -27.17 -32.95
CA LYS C 366 -20.82 -26.22 -32.77
C LYS C 366 -21.36 -24.82 -32.55
N MET C 367 -20.90 -24.16 -31.49
CA MET C 367 -21.30 -22.79 -31.18
C MET C 367 -20.06 -21.91 -31.27
N THR C 368 -19.91 -21.19 -32.38
CA THR C 368 -18.75 -20.34 -32.59
C THR C 368 -19.08 -18.90 -32.19
N ILE C 369 -18.30 -18.36 -31.27
CA ILE C 369 -18.54 -17.03 -30.72
C ILE C 369 -17.44 -16.09 -31.20
N SER C 370 -17.83 -14.99 -31.86
CA SER C 370 -16.86 -14.01 -32.33
C SER C 370 -16.11 -13.44 -31.13
N PRO C 371 -14.78 -13.23 -31.24
CA PRO C 371 -14.06 -12.55 -30.15
C PRO C 371 -14.51 -11.10 -29.96
N GLU C 372 -15.08 -10.45 -30.98
CA GLU C 372 -15.61 -9.11 -30.82
C GLU C 372 -17.05 -9.16 -30.31
N ILE C 373 -17.34 -8.39 -29.27
CA ILE C 373 -18.71 -8.28 -28.75
C ILE C 373 -19.66 -7.79 -29.86
N PRO C 374 -20.80 -8.42 -30.08
CA PRO C 374 -21.72 -7.99 -31.14
C PRO C 374 -22.46 -6.71 -30.78
N GLU C 375 -22.99 -6.06 -31.83
CA GLU C 375 -23.84 -4.89 -31.63
C GLU C 375 -25.05 -5.26 -30.79
N HIS C 376 -25.34 -4.44 -29.77
CA HIS C 376 -26.57 -4.55 -28.98
C HIS C 376 -26.58 -3.39 -27.98
N SER C 377 -27.72 -3.20 -27.31
CA SER C 377 -27.89 -1.94 -26.61
C SER C 377 -27.00 -1.81 -25.36
N TYR C 378 -26.38 -2.89 -24.89
CA TYR C 378 -25.38 -2.78 -23.83
C TYR C 378 -23.94 -2.86 -24.34
N PHE C 379 -23.72 -2.70 -25.65
CA PHE C 379 -22.38 -2.81 -26.20
C PHE C 379 -21.38 -1.93 -25.47
N SER C 380 -21.81 -0.72 -25.09
CA SER C 380 -20.92 0.24 -24.46
C SER C 380 -20.43 -0.23 -23.09
N ARG C 381 -21.07 -1.24 -22.50
CA ARG C 381 -20.60 -1.71 -21.20
C ARG C 381 -19.37 -2.61 -21.31
N TYR C 382 -18.95 -2.96 -22.53
CA TYR C 382 -17.86 -3.90 -22.72
C TYR C 382 -16.56 -3.21 -23.15
N GLY C 383 -16.44 -1.91 -22.90
CA GLY C 383 -15.23 -1.17 -23.22
C GLY C 383 -14.09 -1.44 -22.25
N PRO C 384 -12.86 -1.00 -22.60
CA PRO C 384 -12.49 -0.29 -23.82
C PRO C 384 -12.11 -1.22 -24.98
N ASP C 385 -12.06 -2.54 -24.74
CA ASP C 385 -11.66 -3.46 -25.80
C ASP C 385 -12.84 -4.05 -26.55
N PHE C 386 -14.02 -4.13 -25.94
CA PHE C 386 -15.20 -4.72 -26.58
C PHE C 386 -14.89 -6.11 -27.14
N GLU C 387 -14.08 -6.87 -26.40
CA GLU C 387 -13.80 -8.27 -26.68
C GLU C 387 -14.47 -9.19 -25.67
N LEU C 388 -14.70 -10.44 -26.10
CA LEU C 388 -15.37 -11.43 -25.25
C LEU C 388 -14.47 -11.93 -24.12
N ASP C 389 -13.18 -12.14 -24.37
CA ASP C 389 -12.27 -12.58 -23.31
C ASP C 389 -12.14 -11.48 -22.27
N ILE C 390 -12.15 -11.86 -20.99
CA ILE C 390 -11.95 -10.85 -19.95
C ILE C 390 -10.54 -10.27 -20.06
N ASP C 391 -10.40 -9.03 -19.59
CA ASP C 391 -9.17 -8.24 -19.75
C ASP C 391 -8.24 -8.55 -18.59
N TYR C 392 -7.63 -9.73 -18.68
CA TYR C 392 -6.73 -10.23 -17.67
C TYR C 392 -5.59 -10.98 -18.34
N PHE C 393 -4.40 -10.85 -17.76
CA PHE C 393 -3.20 -11.49 -18.31
C PHE C 393 -2.66 -12.47 -17.29
N PRO C 394 -2.92 -13.77 -17.47
CA PRO C 394 -2.41 -14.75 -16.52
C PRO C 394 -0.90 -14.75 -16.52
N HIS C 395 -0.33 -14.95 -15.34
CA HIS C 395 1.11 -14.92 -15.17
C HIS C 395 1.48 -15.85 -14.04
N ASP C 403 1.78 -25.60 -2.14
CA ASP C 403 0.45 -25.09 -2.41
C ASP C 403 -0.49 -26.20 -2.89
N SER C 404 0.01 -27.44 -2.94
CA SER C 404 -0.81 -28.55 -3.37
C SER C 404 -1.81 -28.93 -2.29
N ILE C 405 -2.80 -29.73 -2.68
CA ILE C 405 -3.91 -30.07 -1.80
C ILE C 405 -4.17 -31.57 -1.82
N GLN C 406 -3.11 -32.37 -1.97
CA GLN C 406 -3.32 -33.81 -2.08
C GLN C 406 -3.91 -34.37 -0.78
N LYS C 407 -3.56 -33.80 0.37
CA LYS C 407 -4.21 -34.28 1.59
C LYS C 407 -5.70 -33.93 1.64
N HIS C 408 -6.15 -32.88 0.94
CA HIS C 408 -7.59 -32.64 0.84
C HIS C 408 -8.26 -33.72 -0.01
N HIS C 409 -7.65 -34.09 -1.14
CA HIS C 409 -8.15 -35.20 -1.94
C HIS C 409 -8.29 -36.48 -1.10
N ARG C 410 -7.24 -36.80 -0.33
CA ARG C 410 -7.28 -38.01 0.49
C ARG C 410 -8.39 -37.94 1.52
N ARG C 411 -8.55 -36.78 2.14
CA ARG C 411 -9.60 -36.58 3.14
C ARG C 411 -10.98 -36.71 2.51
N ILE C 412 -11.19 -36.04 1.38
CA ILE C 412 -12.47 -36.04 0.68
C ILE C 412 -12.79 -37.45 0.18
N LEU C 413 -11.79 -38.17 -0.37
CA LEU C 413 -12.06 -39.54 -0.81
C LEU C 413 -12.39 -40.47 0.36
N GLU C 414 -11.74 -40.29 1.51
CA GLU C 414 -12.11 -41.08 2.68
C GLU C 414 -13.54 -40.79 3.10
N GLN C 415 -13.94 -39.51 3.05
CA GLN C 415 -15.32 -39.17 3.38
C GLN C 415 -16.30 -39.82 2.39
N LEU C 416 -15.94 -39.83 1.10
CA LEU C 416 -16.81 -40.46 0.11
C LEU C 416 -16.92 -41.96 0.32
N ARG C 417 -15.82 -42.60 0.74
CA ARG C 417 -15.88 -44.01 1.12
C ARG C 417 -16.81 -44.19 2.32
N ASN C 418 -16.72 -43.29 3.31
CA ASN C 418 -17.56 -43.41 4.49
C ASN C 418 -19.03 -43.17 4.16
N TYR C 419 -19.31 -42.23 3.25
CA TYR C 419 -20.67 -42.01 2.78
C TYR C 419 -21.24 -43.26 2.11
N ALA C 420 -20.47 -43.86 1.21
CA ALA C 420 -20.94 -45.06 0.51
C ALA C 420 -21.24 -46.18 1.49
N ASP C 421 -20.37 -46.36 2.49
CA ASP C 421 -20.56 -47.43 3.46
CA ASP C 421 -20.54 -47.42 3.48
C ASP C 421 -21.78 -47.18 4.34
N LEU C 422 -21.96 -45.95 4.82
CA LEU C 422 -23.12 -45.64 5.64
C LEU C 422 -24.42 -45.87 4.88
N ASN C 423 -24.45 -45.51 3.60
CA ASN C 423 -25.67 -45.56 2.81
C ASN C 423 -25.78 -46.81 1.96
N LYS C 424 -24.90 -47.79 2.17
CA LYS C 424 -24.99 -49.12 1.57
C LYS C 424 -24.89 -49.08 0.06
N LEU C 425 -24.00 -48.22 -0.45
CA LEU C 425 -23.80 -48.04 -1.87
C LEU C 425 -22.50 -48.70 -2.30
N ILE C 426 -22.48 -49.19 -3.53
CA ILE C 426 -21.26 -49.76 -4.08
C ILE C 426 -20.21 -48.68 -4.14
N TYR C 427 -19.04 -48.98 -3.58
CA TYR C 427 -17.87 -48.13 -3.68
C TYR C 427 -16.91 -48.80 -4.67
N ASP C 428 -16.89 -48.29 -5.89
CA ASP C 428 -16.14 -48.88 -7.00
C ASP C 428 -14.68 -48.45 -6.91
N TYR C 429 -13.94 -49.11 -6.02
CA TYR C 429 -12.54 -48.74 -5.80
C TYR C 429 -11.75 -48.68 -7.11
N ASP C 430 -11.92 -49.68 -7.98
CA ASP C 430 -11.10 -49.74 -9.18
C ASP C 430 -11.33 -48.54 -10.09
N GLN C 431 -12.59 -48.11 -10.22
CA GLN C 431 -12.92 -46.96 -11.07
C GLN C 431 -12.35 -45.66 -10.50
N VAL C 432 -12.52 -45.44 -9.19
CA VAL C 432 -11.99 -44.25 -8.57
C VAL C 432 -10.47 -44.24 -8.61
N TYR C 433 -9.84 -45.38 -8.31
CA TYR C 433 -8.39 -45.48 -8.40
C TYR C 433 -7.91 -45.11 -9.80
N GLN C 434 -8.49 -45.74 -10.83
CA GLN C 434 -8.03 -45.51 -12.20
C GLN C 434 -8.18 -44.05 -12.58
N LEU C 435 -9.24 -43.40 -12.08
CA LEU C 435 -9.45 -41.98 -12.32
C LEU C 435 -8.29 -41.14 -11.77
N TYR C 436 -7.90 -41.40 -10.52
CA TYR C 436 -6.78 -40.67 -9.92
C TYR C 436 -5.44 -41.12 -10.48
N ASN C 437 -5.34 -42.38 -10.90
CA ASN C 437 -4.11 -42.88 -11.51
C ASN C 437 -3.75 -42.13 -12.79
N LEU C 438 -4.74 -41.53 -13.46
CA LEU C 438 -4.46 -40.76 -14.67
C LEU C 438 -3.52 -39.58 -14.39
N THR C 439 -3.52 -39.06 -13.17
CA THR C 439 -2.57 -38.03 -12.77
C THR C 439 -1.51 -38.57 -11.83
N GLY C 440 -1.40 -39.89 -11.67
CA GLY C 440 -0.42 -40.48 -10.79
C GLY C 440 -0.75 -40.45 -9.31
N MET C 441 -1.98 -40.11 -8.95
CA MET C 441 -2.39 -39.97 -7.56
C MET C 441 -3.32 -41.09 -7.11
N GLY C 442 -3.24 -42.25 -7.78
CA GLY C 442 -4.08 -43.36 -7.39
C GLY C 442 -3.87 -43.80 -5.96
N SER C 443 -2.69 -43.50 -5.40
CA SER C 443 -2.37 -43.87 -4.03
C SER C 443 -3.18 -43.07 -3.01
N LEU C 444 -3.82 -41.99 -3.43
CA LEU C 444 -4.67 -41.24 -2.53
C LEU C 444 -6.03 -41.91 -2.32
N VAL C 445 -6.38 -42.92 -3.10
CA VAL C 445 -7.73 -43.49 -3.12
C VAL C 445 -7.81 -44.58 -2.05
N PRO C 446 -8.68 -44.45 -1.05
CA PRO C 446 -8.86 -45.53 -0.07
C PRO C 446 -9.67 -46.66 -0.66
N ARG C 447 -9.43 -47.87 -0.14
CA ARG C 447 -10.16 -49.05 -0.63
C ARG C 447 -11.58 -49.09 -0.06
N SER D 3 -32.67 2.64 19.95
CA SER D 3 -32.54 1.18 19.82
C SER D 3 -31.27 0.65 20.49
N VAL D 4 -31.36 -0.50 21.16
CA VAL D 4 -30.20 -1.09 21.83
C VAL D 4 -29.78 -2.33 21.05
N GLY D 5 -28.55 -2.32 20.55
CA GLY D 5 -28.01 -3.48 19.87
C GLY D 5 -27.12 -4.35 20.74
N ILE D 6 -26.97 -5.61 20.34
CA ILE D 6 -26.10 -6.54 21.04
C ILE D 6 -25.52 -7.50 20.01
N VAL D 7 -24.21 -7.74 20.11
CA VAL D 7 -23.49 -8.53 19.12
C VAL D 7 -23.63 -9.99 19.50
N TYR D 8 -24.21 -10.78 18.59
CA TYR D 8 -24.15 -12.23 18.75
C TYR D 8 -24.41 -12.87 17.39
N GLY D 9 -24.30 -14.19 17.38
CA GLY D 9 -24.37 -15.04 16.20
C GLY D 9 -23.83 -16.40 16.56
N ASP D 10 -24.25 -17.40 15.78
CA ASP D 10 -23.85 -18.78 16.09
C ASP D 10 -22.35 -19.00 15.94
N GLN D 11 -21.77 -18.56 14.82
CA GLN D 11 -20.32 -18.70 14.66
C GLN D 11 -19.59 -17.88 15.71
N TYR D 12 -20.05 -16.65 15.92
CA TYR D 12 -19.42 -15.76 16.89
C TYR D 12 -19.38 -16.41 18.26
N ARG D 13 -20.49 -17.03 18.67
CA ARG D 13 -20.55 -17.67 19.98
C ARG D 13 -19.56 -18.83 20.07
N GLN D 14 -19.43 -19.62 19.00
CA GLN D 14 -18.49 -20.73 19.01
C GLN D 14 -17.06 -20.23 19.16
N LEU D 15 -16.72 -19.17 18.44
CA LEU D 15 -15.35 -18.64 18.51
C LEU D 15 -15.08 -17.97 19.85
N CYS D 16 -16.05 -17.20 20.38
CA CYS D 16 -15.85 -16.57 21.69
C CYS D 16 -15.74 -17.58 22.81
N CYS D 17 -16.19 -18.82 22.59
CA CYS D 17 -16.12 -19.89 23.57
C CYS D 17 -14.98 -20.87 23.29
N SER D 18 -14.04 -20.50 22.41
CA SER D 18 -13.03 -21.44 21.95
C SER D 18 -11.68 -21.29 22.68
N SER D 19 -11.59 -20.36 23.73
CA SER D 19 -10.28 -20.14 24.32
C SER D 19 -10.10 -20.93 25.61
N PRO D 20 -8.85 -21.23 26.00
CA PRO D 20 -8.64 -21.96 27.26
C PRO D 20 -8.94 -21.12 28.49
N LYS D 21 -8.72 -19.80 28.45
CA LYS D 21 -8.88 -18.99 29.66
C LYS D 21 -10.34 -18.62 29.90
N PHE D 22 -11.09 -18.27 28.85
CA PHE D 22 -12.46 -17.84 29.09
C PHE D 22 -13.50 -18.90 28.78
N GLY D 23 -13.09 -20.08 28.30
CA GLY D 23 -14.00 -21.22 28.24
C GLY D 23 -15.33 -20.84 27.63
N ASP D 24 -16.43 -21.20 28.31
CA ASP D 24 -17.78 -20.95 27.84
C ASP D 24 -18.44 -19.73 28.51
N ARG D 25 -17.65 -18.83 29.09
CA ARG D 25 -18.22 -17.64 29.72
C ARG D 25 -19.23 -16.92 28.82
N TYR D 26 -18.86 -16.69 27.55
CA TYR D 26 -19.73 -15.93 26.67
C TYR D 26 -21.08 -16.62 26.50
N ALA D 27 -21.07 -17.95 26.38
CA ALA D 27 -22.33 -18.70 26.30
C ALA D 27 -23.20 -18.46 27.53
N LEU D 28 -22.59 -18.46 28.72
CA LEU D 28 -23.38 -18.26 29.93
C LEU D 28 -24.01 -16.87 29.93
N VAL D 29 -23.24 -15.86 29.51
CA VAL D 29 -23.73 -14.48 29.50
C VAL D 29 -24.94 -14.36 28.57
N MET D 30 -24.79 -14.83 27.33
CA MET D 30 -25.88 -14.66 26.38
C MET D 30 -27.07 -15.55 26.72
N ASP D 31 -26.83 -16.74 27.28
CA ASP D 31 -27.95 -17.61 27.64
C ASP D 31 -28.69 -17.12 28.88
N LEU D 32 -28.01 -16.43 29.80
CA LEU D 32 -28.73 -15.83 30.91
C LEU D 32 -29.56 -14.64 30.43
N ILE D 33 -29.00 -13.84 29.52
CA ILE D 33 -29.75 -12.75 28.90
C ILE D 33 -30.99 -13.27 28.20
N ASN D 34 -30.84 -14.36 27.45
CA ASN D 34 -31.98 -14.96 26.76
C ASN D 34 -32.96 -15.59 27.76
N ALA D 35 -32.45 -16.19 28.83
CA ALA D 35 -33.31 -16.79 29.85
C ALA D 35 -34.21 -15.75 30.51
N TYR D 36 -33.74 -14.50 30.60
CA TYR D 36 -34.52 -13.42 31.19
C TYR D 36 -35.40 -12.68 30.17
N LYS D 37 -35.60 -13.24 28.98
CA LYS D 37 -36.49 -12.70 27.95
C LYS D 37 -36.07 -11.30 27.46
N LEU D 38 -34.76 -11.02 27.50
CA LEU D 38 -34.24 -9.74 27.05
C LEU D 38 -33.97 -9.68 25.56
N ILE D 39 -33.80 -10.84 24.91
CA ILE D 39 -33.36 -10.83 23.51
C ILE D 39 -34.39 -10.20 22.59
N PRO D 40 -35.70 -10.37 22.76
CA PRO D 40 -36.67 -9.66 21.90
C PRO D 40 -36.60 -8.15 22.01
N GLU D 41 -36.04 -7.61 23.11
CA GLU D 41 -35.91 -6.17 23.27
C GLU D 41 -34.72 -5.60 22.53
N LEU D 42 -33.83 -6.45 22.03
CA LEU D 42 -32.53 -6.05 21.52
C LEU D 42 -32.46 -6.29 20.02
N SER D 43 -31.68 -5.46 19.35
CA SER D 43 -31.41 -5.61 17.92
C SER D 43 -30.08 -6.35 17.77
N ARG D 44 -30.10 -7.53 17.16
CA ARG D 44 -28.86 -8.27 16.95
C ARG D 44 -27.96 -7.55 15.95
N VAL D 45 -26.72 -7.29 16.35
CA VAL D 45 -25.70 -6.70 15.49
C VAL D 45 -24.77 -7.81 15.01
N PRO D 46 -24.70 -8.09 13.71
CA PRO D 46 -23.87 -9.20 13.25
C PRO D 46 -22.41 -8.79 13.20
N PRO D 47 -21.49 -9.67 13.61
CA PRO D 47 -20.06 -9.36 13.50
C PRO D 47 -19.67 -9.05 12.06
N LEU D 48 -18.73 -8.12 11.92
CA LEU D 48 -18.28 -7.71 10.60
C LEU D 48 -17.48 -8.82 9.96
N GLN D 49 -17.69 -9.02 8.66
CA GLN D 49 -16.87 -9.93 7.89
C GLN D 49 -16.37 -9.17 6.67
N TRP D 50 -15.22 -9.61 6.15
CA TRP D 50 -14.53 -8.87 5.11
C TRP D 50 -14.62 -9.57 3.77
N ASP D 51 -14.37 -8.78 2.71
CA ASP D 51 -14.43 -9.21 1.32
C ASP D 51 -13.17 -9.93 0.84
N SER D 52 -12.09 -9.95 1.62
CA SER D 52 -10.84 -10.54 1.18
C SER D 52 -9.85 -10.55 2.34
N PRO D 53 -8.85 -11.42 2.29
CA PRO D 53 -7.73 -11.31 3.23
C PRO D 53 -7.15 -9.90 3.28
N SER D 54 -7.01 -9.23 2.13
CA SER D 54 -6.39 -7.90 2.12
C SER D 54 -7.21 -6.91 2.91
N ARG D 55 -8.54 -6.97 2.78
CA ARG D 55 -9.39 -6.06 3.52
C ARG D 55 -9.33 -6.36 5.02
N MET D 56 -9.25 -7.65 5.39
CA MET D 56 -9.12 -7.98 6.81
C MET D 56 -7.82 -7.43 7.38
N TYR D 57 -6.71 -7.61 6.66
CA TYR D 57 -5.46 -7.04 7.13
C TYR D 57 -5.51 -5.52 7.17
N GLU D 58 -6.20 -4.90 6.20
CA GLU D 58 -6.27 -3.44 6.20
C GLU D 58 -6.99 -2.94 7.45
N ALA D 59 -8.02 -3.67 7.87
CA ALA D 59 -8.77 -3.30 9.07
C ALA D 59 -7.94 -3.49 10.33
N VAL D 60 -7.30 -4.66 10.48
CA VAL D 60 -6.63 -4.96 11.74
C VAL D 60 -5.35 -4.15 11.86
N THR D 61 -4.68 -3.87 10.73
CA THR D 61 -3.42 -3.16 10.81
C THR D 61 -3.61 -1.66 10.87
N ALA D 62 -4.87 -1.19 10.97
CA ALA D 62 -5.10 0.21 11.33
C ALA D 62 -4.49 0.52 12.68
N PHE D 63 -4.30 -0.49 13.53
CA PHE D 63 -3.58 -0.37 14.79
C PHE D 63 -2.38 -1.29 14.88
N HIS D 64 -2.58 -2.59 14.64
CA HIS D 64 -1.53 -3.59 14.84
C HIS D 64 -0.57 -3.62 13.67
N SER D 65 0.67 -4.03 13.94
CA SER D 65 1.63 -4.13 12.83
C SER D 65 1.34 -5.36 11.98
N THR D 66 1.75 -5.30 10.72
CA THR D 66 1.55 -6.47 9.86
C THR D 66 2.31 -7.67 10.39
N GLU D 67 3.54 -7.44 10.88
CA GLU D 67 4.37 -8.53 11.38
C GLU D 67 3.73 -9.21 12.57
N TYR D 68 3.08 -8.42 13.45
CA TYR D 68 2.38 -9.01 14.60
C TYR D 68 1.19 -9.84 14.15
N VAL D 69 0.37 -9.32 13.22
CA VAL D 69 -0.77 -10.07 12.71
C VAL D 69 -0.32 -11.36 12.03
N ASP D 70 0.75 -11.28 11.23
CA ASP D 70 1.32 -12.48 10.62
C ASP D 70 1.72 -13.52 11.67
N ALA D 71 2.37 -13.06 12.75
CA ALA D 71 2.82 -13.97 13.81
C ALA D 71 1.64 -14.59 14.53
N LEU D 72 0.58 -13.81 14.77
CA LEU D 72 -0.60 -14.35 15.42
C LEU D 72 -1.26 -15.42 14.55
N LYS D 73 -1.36 -15.18 13.23
CA LYS D 73 -1.93 -16.19 12.36
C LYS D 73 -1.05 -17.43 12.29
N LYS D 74 0.28 -17.24 12.23
CA LYS D 74 1.19 -18.39 12.20
C LYS D 74 1.08 -19.20 13.49
N LEU D 75 0.89 -18.52 14.63
CA LEU D 75 0.71 -19.21 15.89
C LEU D 75 -0.50 -20.14 15.85
N GLN D 76 -1.62 -19.66 15.32
CA GLN D 76 -2.78 -20.53 15.16
C GLN D 76 -2.46 -21.70 14.23
N MET D 77 -1.83 -21.42 13.09
CA MET D 77 -1.46 -22.52 12.19
C MET D 77 -0.59 -23.56 12.90
N LEU D 78 0.41 -23.11 13.68
CA LEU D 78 1.30 -24.05 14.33
C LEU D 78 0.59 -24.88 15.38
N HIS D 79 -0.41 -24.30 16.03
CA HIS D 79 -1.14 -25.01 17.06
C HIS D 79 -2.23 -25.91 16.50
N CYS D 80 -2.42 -25.92 15.18
CA CYS D 80 -3.29 -26.88 14.52
C CYS D 80 -2.52 -28.05 13.89
N GLU D 81 -1.20 -28.11 14.06
CA GLU D 81 -0.38 -29.27 13.73
C GLU D 81 -0.16 -30.14 14.97
N GLU D 82 0.36 -31.34 14.73
CA GLU D 82 0.80 -32.20 15.85
C GLU D 82 2.15 -31.74 16.39
N LYS D 83 3.03 -31.33 15.48
CA LYS D 83 4.42 -31.02 15.79
C LYS D 83 4.54 -29.96 16.88
N GLU D 84 5.66 -29.98 17.60
CA GLU D 84 6.01 -28.89 18.48
C GLU D 84 6.65 -27.76 17.67
N LEU D 85 6.67 -26.56 18.24
CA LEU D 85 7.27 -25.43 17.58
C LEU D 85 8.79 -25.60 17.48
N THR D 86 9.35 -25.06 16.40
CA THR D 86 10.80 -25.00 16.30
C THR D 86 11.34 -23.89 17.21
N ALA D 87 12.65 -23.98 17.48
CA ALA D 87 13.32 -22.95 18.28
C ALA D 87 13.19 -21.58 17.61
N ASP D 88 13.37 -21.53 16.29
CA ASP D 88 13.20 -20.24 15.61
C ASP D 88 11.78 -19.72 15.75
N ASP D 89 10.78 -20.60 15.65
CA ASP D 89 9.41 -20.13 15.83
C ASP D 89 9.11 -19.75 17.27
N GLU D 90 9.72 -20.42 18.25
CA GLU D 90 9.53 -19.99 19.64
C GLU D 90 10.10 -18.60 19.86
N LEU D 91 11.28 -18.32 19.31
CA LEU D 91 11.85 -16.99 19.42
C LEU D 91 10.98 -15.95 18.73
N LEU D 92 10.40 -16.31 17.59
CA LEU D 92 9.51 -15.39 16.88
C LEU D 92 8.31 -15.02 17.74
N MET D 93 7.69 -16.03 18.35
CA MET D 93 6.53 -15.76 19.20
C MET D 93 6.94 -14.94 20.42
N ASP D 94 8.10 -15.24 20.98
CA ASP D 94 8.57 -14.46 22.13
C ASP D 94 8.73 -12.98 21.78
N SER D 95 9.13 -12.67 20.54
CA SER D 95 9.34 -11.27 20.18
C SER D 95 8.04 -10.47 20.13
N PHE D 96 6.89 -11.16 20.15
CA PHE D 96 5.58 -10.52 20.17
C PHE D 96 4.83 -10.79 21.46
N SER D 97 5.50 -11.39 22.46
CA SER D 97 4.90 -11.80 23.74
C SER D 97 3.74 -12.79 23.57
N LEU D 98 3.82 -13.63 22.53
CA LEU D 98 2.85 -14.69 22.31
C LEU D 98 3.32 -15.94 23.04
N ASN D 99 3.21 -15.87 24.36
CA ASN D 99 3.77 -16.88 25.26
C ASN D 99 3.20 -16.60 26.64
N TYR D 100 3.58 -17.45 27.60
CA TYR D 100 3.25 -17.28 29.02
C TYR D 100 1.75 -17.06 29.19
N ASP D 101 1.32 -15.86 29.53
CA ASP D 101 -0.11 -15.64 29.77
C ASP D 101 -0.89 -15.35 28.50
N CYS D 102 -0.23 -15.34 27.34
CA CYS D 102 -0.89 -15.23 26.05
C CYS D 102 -0.44 -16.40 25.20
N PRO D 103 -0.78 -17.62 25.58
CA PRO D 103 -0.29 -18.78 24.85
C PRO D 103 -1.00 -18.92 23.51
N GLY D 104 -0.45 -19.80 22.68
CA GLY D 104 -1.18 -20.26 21.52
C GLY D 104 -2.22 -21.32 21.86
N PHE D 105 -3.19 -21.44 20.96
CA PHE D 105 -4.16 -22.54 20.97
C PHE D 105 -4.77 -22.62 19.57
N PRO D 106 -5.47 -23.72 19.25
CA PRO D 106 -5.85 -23.96 17.85
C PRO D 106 -6.67 -22.85 17.23
N SER D 107 -7.42 -22.08 18.01
CA SER D 107 -8.27 -21.05 17.44
C SER D 107 -7.85 -19.62 17.81
N VAL D 108 -6.58 -19.42 18.21
CA VAL D 108 -6.17 -18.15 18.84
C VAL D 108 -6.37 -16.96 17.90
N PHE D 109 -6.12 -17.11 16.60
CA PHE D 109 -6.34 -15.99 15.70
C PHE D 109 -7.83 -15.77 15.41
N ASP D 110 -8.60 -16.83 15.13
CA ASP D 110 -10.03 -16.65 14.87
C ASP D 110 -10.75 -16.12 16.11
N TYR D 111 -10.34 -16.58 17.29
CA TYR D 111 -10.92 -16.11 18.54
C TYR D 111 -10.67 -14.63 18.75
N SER D 112 -9.42 -14.19 18.58
CA SER D 112 -9.08 -12.78 18.78
C SER D 112 -9.72 -11.91 17.71
N LEU D 113 -9.67 -12.36 16.46
CA LEU D 113 -10.27 -11.59 15.38
C LEU D 113 -11.77 -11.45 15.60
N ALA D 114 -12.42 -12.50 16.13
CA ALA D 114 -13.87 -12.42 16.34
C ALA D 114 -14.24 -11.21 17.19
N ALA D 115 -13.50 -10.95 18.27
CA ALA D 115 -13.79 -9.77 19.08
C ALA D 115 -13.68 -8.50 18.25
N VAL D 116 -12.69 -8.43 17.36
CA VAL D 116 -12.56 -7.27 16.48
C VAL D 116 -13.77 -7.14 15.57
N GLN D 117 -14.18 -8.25 14.95
CA GLN D 117 -15.36 -8.25 14.10
C GLN D 117 -16.57 -7.72 14.84
N GLY D 118 -16.75 -8.17 16.07
CA GLY D 118 -17.91 -7.73 16.84
C GLY D 118 -17.87 -6.25 17.18
N SER D 119 -16.72 -5.75 17.63
CA SER D 119 -16.68 -4.36 18.09
C SER D 119 -16.67 -3.37 16.93
N LEU D 120 -16.07 -3.73 15.79
CA LEU D 120 -16.17 -2.89 14.61
C LEU D 120 -17.60 -2.81 14.10
N ALA D 121 -18.30 -3.94 14.11
CA ALA D 121 -19.71 -3.94 13.72
C ALA D 121 -20.53 -3.07 14.67
N ALA D 122 -20.24 -3.18 15.96
CA ALA D 122 -20.94 -2.35 16.94
C ALA D 122 -20.69 -0.88 16.68
N ALA D 123 -19.44 -0.50 16.41
CA ALA D 123 -19.15 0.89 16.09
C ALA D 123 -19.94 1.35 14.87
N SER D 124 -20.01 0.51 13.83
CA SER D 124 -20.69 0.91 12.61
C SER D 124 -22.18 1.12 12.83
N ALA D 125 -22.79 0.29 13.69
CA ALA D 125 -24.18 0.44 14.05
C ALA D 125 -24.44 1.79 14.72
N LEU D 126 -23.49 2.26 15.53
CA LEU D 126 -23.63 3.59 16.14
C LEU D 126 -23.47 4.68 15.09
N ILE D 127 -22.50 4.52 14.20
CA ILE D 127 -22.20 5.56 13.21
C ILE D 127 -23.37 5.78 12.28
N CYS D 128 -24.02 4.70 11.83
CA CYS D 128 -25.16 4.86 10.91
C CYS D 128 -26.46 5.13 11.66
N ARG D 129 -26.42 5.27 12.97
CA ARG D 129 -27.55 5.62 13.81
C ARG D 129 -28.64 4.56 13.80
N HIS D 130 -28.29 3.31 13.49
CA HIS D 130 -29.24 2.21 13.65
C HIS D 130 -29.51 1.92 15.13
N CYS D 131 -28.48 2.06 15.97
CA CYS D 131 -28.58 1.82 17.41
C CYS D 131 -28.08 3.03 18.18
N GLU D 132 -28.75 3.34 19.30
CA GLU D 132 -28.25 4.35 20.23
C GLU D 132 -27.17 3.81 21.15
N VAL D 133 -27.24 2.52 21.49
CA VAL D 133 -26.24 1.84 22.31
C VAL D 133 -26.06 0.45 21.71
N VAL D 134 -24.82 -0.02 21.69
CA VAL D 134 -24.54 -1.40 21.29
C VAL D 134 -23.68 -2.06 22.36
N ILE D 135 -24.03 -3.28 22.72
CA ILE D 135 -23.32 -4.10 23.70
C ILE D 135 -22.56 -5.19 22.95
N ASN D 136 -21.30 -5.42 23.33
CA ASN D 136 -20.54 -6.58 22.84
C ASN D 136 -19.86 -7.28 24.02
N TRP D 137 -20.51 -8.30 24.58
CA TRP D 137 -19.91 -9.04 25.69
C TRP D 137 -18.81 -10.00 25.26
N GLY D 138 -18.51 -10.10 23.97
CA GLY D 138 -17.34 -10.82 23.53
C GLY D 138 -16.13 -9.95 23.29
N GLY D 139 -16.25 -8.64 23.52
CA GLY D 139 -15.17 -7.70 23.33
C GLY D 139 -14.66 -7.13 24.66
N GLY D 140 -13.72 -6.21 24.53
CA GLY D 140 -13.17 -5.47 25.66
C GLY D 140 -11.71 -5.75 25.96
N TRP D 141 -10.90 -6.09 24.95
CA TRP D 141 -9.58 -6.68 25.20
C TRP D 141 -8.55 -5.56 25.26
N HIS D 142 -8.52 -4.87 26.40
CA HIS D 142 -7.90 -3.55 26.44
C HIS D 142 -6.38 -3.54 26.60
N HIS D 143 -5.74 -4.69 26.87
CA HIS D 143 -4.29 -4.75 27.11
C HIS D 143 -3.45 -4.92 25.84
N ALA D 144 -4.04 -5.34 24.73
CA ALA D 144 -3.23 -5.64 23.55
C ALA D 144 -2.61 -4.36 23.00
N LYS D 145 -1.37 -4.47 22.54
CA LYS D 145 -0.61 -3.35 21.98
C LYS D 145 -0.32 -3.61 20.50
N ARG D 146 0.26 -2.58 19.86
CA ARG D 146 0.47 -2.63 18.41
C ARG D 146 1.15 -3.92 17.97
N SER D 147 2.23 -4.31 18.66
CA SER D 147 2.94 -5.54 18.29
C SER D 147 3.18 -6.44 19.49
N GLU D 148 2.20 -6.56 20.37
CA GLU D 148 2.43 -7.33 21.59
C GLU D 148 1.10 -7.77 22.17
N ALA D 149 0.96 -9.08 22.43
CA ALA D 149 -0.13 -9.61 23.24
C ALA D 149 0.15 -9.39 24.73
N SER D 150 -0.93 -9.26 25.52
CA SER D 150 -0.75 -8.98 26.93
C SER D 150 -2.04 -9.31 27.67
N GLY D 151 -1.92 -10.04 28.79
CA GLY D 151 -3.11 -10.28 29.64
C GLY D 151 -4.23 -11.03 28.94
N PHE D 152 -3.87 -12.01 28.11
CA PHE D 152 -4.81 -12.76 27.28
C PHE D 152 -5.60 -11.87 26.35
N CYS D 153 -5.10 -10.67 26.05
CA CYS D 153 -5.61 -9.84 24.97
C CYS D 153 -4.65 -9.97 23.80
N TYR D 154 -5.14 -10.44 22.68
CA TYR D 154 -4.29 -10.64 21.51
C TYR D 154 -4.48 -9.58 20.44
N LEU D 155 -5.72 -9.14 20.21
CA LEU D 155 -6.00 -8.00 19.32
C LEU D 155 -6.87 -7.00 20.06
N ASN D 156 -6.57 -5.72 19.90
CA ASN D 156 -7.29 -4.67 20.65
C ASN D 156 -8.52 -4.22 19.86
N ASP D 157 -9.63 -4.92 20.11
CA ASP D 157 -10.91 -4.57 19.50
C ASP D 157 -11.37 -3.18 19.91
N ILE D 158 -11.02 -2.74 21.13
CA ILE D 158 -11.46 -1.41 21.58
C ILE D 158 -10.78 -0.31 20.77
N VAL D 159 -9.46 -0.39 20.63
CA VAL D 159 -8.75 0.63 19.85
C VAL D 159 -9.30 0.67 18.43
N LEU D 160 -9.50 -0.50 17.83
CA LEU D 160 -10.01 -0.52 16.46
C LEU D 160 -11.41 0.06 16.36
N ALA D 161 -12.29 -0.28 17.31
CA ALA D 161 -13.61 0.35 17.35
C ALA D 161 -13.49 1.87 17.55
N ILE D 162 -12.66 2.31 18.50
CA ILE D 162 -12.57 3.75 18.71
C ILE D 162 -12.05 4.45 17.46
N HIS D 163 -11.04 3.86 16.83
CA HIS D 163 -10.49 4.44 15.62
C HIS D 163 -11.57 4.63 14.56
N ARG D 164 -12.45 3.64 14.43
CA ARG D 164 -13.55 3.76 13.48
C ARG D 164 -14.49 4.89 13.88
N LEU D 165 -14.75 5.05 15.18
CA LEU D 165 -15.66 6.11 15.64
C LEU D 165 -15.07 7.49 15.39
N VAL D 166 -13.82 7.72 15.81
CA VAL D 166 -13.25 9.06 15.69
C VAL D 166 -13.05 9.45 14.24
N SER D 167 -12.94 8.47 13.35
CA SER D 167 -12.73 8.70 11.93
C SER D 167 -14.03 8.78 11.15
N SER D 168 -15.17 8.82 11.83
CA SER D 168 -16.45 8.89 11.14
C SER D 168 -16.79 10.33 10.74
N GLN D 178 -16.04 18.05 14.64
CA GLN D 178 -14.93 17.59 15.48
C GLN D 178 -15.37 16.39 16.31
N THR D 179 -15.09 15.18 15.83
CA THR D 179 -15.47 13.98 16.57
C THR D 179 -14.53 13.77 17.75
N ARG D 180 -15.11 13.60 18.94
CA ARG D 180 -14.33 13.26 20.13
C ARG D 180 -14.99 12.05 20.78
N VAL D 181 -14.17 11.14 21.28
CA VAL D 181 -14.64 9.93 21.95
C VAL D 181 -14.16 9.97 23.38
N LEU D 182 -15.05 9.66 24.32
CA LEU D 182 -14.68 9.41 25.70
C LEU D 182 -14.66 7.91 25.93
N TYR D 183 -13.53 7.40 26.40
CA TYR D 183 -13.37 5.99 26.75
C TYR D 183 -13.31 5.86 28.25
N VAL D 184 -14.19 5.01 28.82
CA VAL D 184 -14.25 4.75 30.25
C VAL D 184 -13.99 3.27 30.50
N ASP D 185 -13.02 2.97 31.36
CA ASP D 185 -12.52 1.60 31.55
C ASP D 185 -12.77 1.23 33.01
N LEU D 186 -13.80 0.40 33.23
CA LEU D 186 -14.23 0.02 34.58
C LEU D 186 -13.59 -1.27 35.08
N ASP D 187 -12.73 -1.92 34.29
CA ASP D 187 -12.07 -3.16 34.65
C ASP D 187 -11.23 -3.03 35.93
N LEU D 188 -11.02 -4.16 36.60
CA LEU D 188 -10.11 -4.18 37.76
C LEU D 188 -8.73 -3.70 37.36
N HIS D 189 -8.34 -3.93 36.13
CA HIS D 189 -6.99 -3.63 35.64
C HIS D 189 -6.94 -2.34 34.83
N HIS D 190 -5.78 -1.71 34.87
CA HIS D 190 -5.51 -0.51 34.08
C HIS D 190 -5.64 -0.81 32.59
N GLY D 191 -6.40 0.03 31.88
CA GLY D 191 -6.58 -0.14 30.45
C GLY D 191 -5.42 0.44 29.66
N ASP D 192 -4.27 -0.24 29.73
CA ASP D 192 -3.02 0.34 29.24
C ASP D 192 -2.93 0.36 27.71
N GLY D 193 -3.37 -0.71 27.04
CA GLY D 193 -3.29 -0.71 25.58
C GLY D 193 -4.08 0.42 24.92
N VAL D 194 -5.27 0.71 25.44
CA VAL D 194 -6.11 1.76 24.86
C VAL D 194 -5.52 3.13 25.18
N GLU D 195 -5.13 3.34 26.43
CA GLU D 195 -4.41 4.55 26.83
C GLU D 195 -3.22 4.82 25.91
N GLU D 196 -2.36 3.82 25.72
CA GLU D 196 -1.14 3.99 24.92
C GLU D 196 -1.47 4.31 23.47
N ALA D 197 -2.48 3.61 22.91
CA ALA D 197 -2.84 3.82 21.51
C ALA D 197 -3.22 5.27 21.25
N PHE D 198 -3.84 5.94 22.21
CA PHE D 198 -4.33 7.29 22.01
C PHE D 198 -3.56 8.33 22.83
N TRP D 199 -2.35 7.96 23.26
CA TRP D 199 -1.52 8.80 24.11
C TRP D 199 -1.29 10.17 23.52
N TYR D 200 -1.17 10.24 22.18
CA TYR D 200 -0.87 11.50 21.50
C TYR D 200 -2.10 12.16 20.88
N SER D 201 -3.31 11.65 21.17
CA SER D 201 -4.52 12.13 20.49
C SER D 201 -5.47 12.80 21.46
N PRO D 202 -5.70 14.11 21.35
CA PRO D 202 -6.65 14.76 22.26
C PRO D 202 -8.10 14.41 21.98
N ARG D 203 -8.42 13.88 20.80
CA ARG D 203 -9.82 13.62 20.45
C ARG D 203 -10.36 12.35 21.08
N VAL D 204 -9.49 11.48 21.57
CA VAL D 204 -9.89 10.30 22.31
C VAL D 204 -9.39 10.51 23.73
N VAL D 205 -10.28 10.87 24.63
CA VAL D 205 -9.89 11.01 26.02
C VAL D 205 -10.14 9.68 26.72
N THR D 206 -9.14 9.17 27.42
CA THR D 206 -9.25 7.88 28.09
C THR D 206 -9.30 8.06 29.60
N PHE D 207 -10.08 7.20 30.27
CA PHE D 207 -10.26 7.26 31.73
C PHE D 207 -10.39 5.83 32.23
N SER D 208 -9.42 5.38 33.02
CA SER D 208 -9.43 4.06 33.63
C SER D 208 -9.48 4.24 35.14
N VAL D 209 -10.39 3.50 35.79
CA VAL D 209 -10.37 3.30 37.22
C VAL D 209 -10.04 1.83 37.43
N HIS D 210 -9.19 1.54 38.42
CA HIS D 210 -8.56 0.22 38.51
C HIS D 210 -7.84 0.11 39.85
N HIS D 211 -7.55 -1.12 40.24
CA HIS D 211 -6.59 -1.33 41.32
C HIS D 211 -5.16 -1.13 40.80
N ALA D 212 -4.31 -0.57 41.64
CA ALA D 212 -2.87 -0.56 41.35
C ALA D 212 -2.12 -0.71 42.66
N SER D 213 -1.04 -1.50 42.62
CA SER D 213 -0.21 -1.74 43.79
C SER D 213 1.07 -2.44 43.32
N PRO D 214 2.13 -2.42 44.11
CA PRO D 214 3.42 -2.96 43.64
C PRO D 214 3.30 -4.41 43.20
N GLY D 215 3.73 -4.67 41.95
CA GLY D 215 3.70 -5.99 41.36
C GLY D 215 2.39 -6.37 40.69
N PHE D 216 1.35 -5.53 40.79
CA PHE D 216 0.04 -5.90 40.29
C PHE D 216 -0.04 -5.57 38.81
N PHE D 217 -0.51 -6.53 38.02
CA PHE D 217 -0.64 -6.37 36.57
C PHE D 217 -1.55 -5.20 36.17
N PRO D 218 -1.17 -4.42 35.13
CA PRO D 218 0.06 -4.50 34.33
C PRO D 218 1.12 -3.52 34.83
N GLY D 219 0.79 -2.77 35.88
CA GLY D 219 1.77 -1.92 36.54
C GLY D 219 1.59 -0.43 36.33
N THR D 220 0.80 -0.01 35.34
CA THR D 220 0.64 1.38 34.94
C THR D 220 -0.67 1.97 35.49
N GLY D 221 -0.98 3.20 35.08
CA GLY D 221 -2.16 3.87 35.60
C GLY D 221 -1.97 4.37 37.01
N THR D 222 -0.75 4.68 37.40
CA THR D 222 -0.49 5.17 38.76
C THR D 222 0.76 6.05 38.75
N TRP D 223 1.18 6.47 39.94
CA TRP D 223 2.31 7.38 40.08
C TRP D 223 3.50 6.84 39.32
N ASN D 224 4.12 7.70 38.51
CA ASN D 224 5.20 7.34 37.61
C ASN D 224 6.53 7.48 38.32
N MET D 225 7.36 6.47 38.19
CA MET D 225 8.30 6.11 39.24
C MET D 225 9.77 6.36 38.91
N PRO D 232 7.07 11.55 42.92
CA PRO D 232 6.76 11.04 41.58
C PRO D 232 5.51 11.72 41.01
N ILE D 233 5.22 11.53 39.73
CA ILE D 233 4.12 12.25 39.08
C ILE D 233 3.29 11.27 38.26
N PHE D 234 2.13 11.77 37.82
CA PHE D 234 1.23 11.05 36.92
C PHE D 234 1.49 11.50 35.49
N LEU D 235 1.93 10.57 34.63
CA LEU D 235 1.89 10.86 33.20
C LEU D 235 0.45 10.87 32.71
N ASN D 236 0.17 11.67 31.67
CA ASN D 236 -1.22 11.87 31.29
C ASN D 236 -1.36 12.18 29.80
N GLY D 237 -0.45 11.70 28.99
CA GLY D 237 -0.47 11.94 27.55
C GLY D 237 0.72 12.78 27.13
N ALA D 238 0.97 12.81 25.82
CA ALA D 238 2.10 13.59 25.33
C ALA D 238 1.76 14.26 24.00
N GLY D 239 2.57 15.26 23.65
CA GLY D 239 2.31 16.02 22.45
C GLY D 239 0.98 16.74 22.53
N ARG D 240 0.24 16.76 21.42
CA ARG D 240 -1.09 17.38 21.45
C ARG D 240 -2.05 16.59 22.32
N GLY D 241 -1.64 15.41 22.78
CA GLY D 241 -2.40 14.55 23.67
C GLY D 241 -2.17 14.79 25.15
N ARG D 242 -1.38 15.80 25.49
CA ARG D 242 -1.07 16.02 26.91
C ARG D 242 -2.37 16.31 27.67
N PHE D 243 -2.47 15.74 28.87
CA PHE D 243 -3.63 15.87 29.76
C PHE D 243 -4.86 15.06 29.31
N SER D 244 -4.74 14.27 28.24
CA SER D 244 -5.89 13.56 27.67
C SER D 244 -6.02 12.11 28.14
N ALA D 245 -5.12 11.62 28.98
CA ALA D 245 -5.22 10.29 29.57
C ALA D 245 -5.40 10.42 31.07
N PHE D 246 -6.56 9.98 31.57
CA PHE D 246 -6.93 10.09 32.99
C PHE D 246 -6.87 8.75 33.70
N ASN D 247 -6.43 8.75 34.96
CA ASN D 247 -6.36 7.51 35.74
C ASN D 247 -6.78 7.74 37.18
N LEU D 248 -7.48 6.76 37.73
CA LEU D 248 -7.89 6.72 39.14
C LEU D 248 -7.50 5.37 39.73
N PRO D 249 -6.32 5.26 40.32
CA PRO D 249 -5.94 4.02 41.01
C PRO D 249 -6.52 3.96 42.42
N LEU D 250 -7.02 2.78 42.80
CA LEU D 250 -7.73 2.59 44.06
C LEU D 250 -7.16 1.42 44.86
N GLU D 251 -7.15 1.56 46.19
CA GLU D 251 -6.64 0.49 47.05
C GLU D 251 -7.64 -0.67 47.11
N GLU D 252 -7.13 -1.82 47.53
CA GLU D 252 -7.95 -3.04 47.56
C GLU D 252 -9.02 -2.92 48.62
N GLY D 253 -10.17 -3.55 48.35
CA GLY D 253 -11.26 -3.67 49.29
C GLY D 253 -12.38 -2.66 49.14
N ILE D 254 -12.35 -1.81 48.11
CA ILE D 254 -13.33 -0.73 47.99
C ILE D 254 -14.70 -1.33 47.68
N ASN D 255 -15.75 -0.73 48.26
CA ASN D 255 -17.10 -1.25 48.10
C ASN D 255 -17.87 -0.45 47.06
N ASP D 256 -19.13 -0.84 46.85
CA ASP D 256 -19.96 -0.20 45.82
C ASP D 256 -20.02 1.32 46.01
N LEU D 257 -20.37 1.78 47.22
CA LEU D 257 -20.67 3.20 47.40
C LEU D 257 -19.41 4.05 47.29
N ASP D 258 -18.30 3.61 47.87
CA ASP D 258 -17.07 4.39 47.81
C ASP D 258 -16.53 4.46 46.39
N TRP D 259 -16.65 3.35 45.65
CA TRP D 259 -16.22 3.34 44.23
C TRP D 259 -17.11 4.25 43.39
N SER D 260 -18.42 4.22 43.64
CA SER D 260 -19.35 5.10 42.93
C SER D 260 -19.07 6.57 43.24
N ASN D 261 -18.81 6.91 44.50
CA ASN D 261 -18.49 8.29 44.84
C ASN D 261 -17.15 8.71 44.28
N ALA D 262 -16.22 7.77 44.12
CA ALA D 262 -14.89 8.10 43.61
C ALA D 262 -14.95 8.43 42.13
N ILE D 263 -15.74 7.68 41.37
CA ILE D 263 -15.79 7.87 39.93
C ILE D 263 -16.91 8.81 39.46
N GLY D 264 -17.99 8.97 40.24
CA GLY D 264 -19.15 9.69 39.77
C GLY D 264 -18.92 11.12 39.31
N PRO D 265 -18.29 11.93 40.17
CA PRO D 265 -17.98 13.31 39.77
C PRO D 265 -16.97 13.39 38.63
N ILE D 266 -16.03 12.45 38.54
CA ILE D 266 -15.09 12.47 37.43
C ILE D 266 -15.82 12.24 36.13
N LEU D 267 -16.72 11.25 36.11
CA LEU D 267 -17.48 10.94 34.89
C LEU D 267 -18.30 12.15 34.45
N ASP D 268 -19.01 12.78 35.37
CA ASP D 268 -19.84 13.91 34.99
C ASP D 268 -19.01 15.09 34.48
N SER D 269 -17.83 15.33 35.08
CA SER D 269 -17.05 16.47 34.61
C SER D 269 -16.42 16.18 33.25
N LEU D 270 -16.01 14.94 33.00
CA LEU D 270 -15.51 14.59 31.67
C LEU D 270 -16.57 14.83 30.60
N ASN D 271 -17.81 14.40 30.86
CA ASN D 271 -18.86 14.62 29.88
C ASN D 271 -19.13 16.12 29.68
N ILE D 272 -19.21 16.89 30.77
CA ILE D 272 -19.44 18.32 30.68
C ILE D 272 -18.35 18.99 29.84
N VAL D 273 -17.08 18.68 30.14
CA VAL D 273 -15.97 19.41 29.52
C VAL D 273 -15.68 18.88 28.11
N ILE D 274 -15.70 17.56 27.91
CA ILE D 274 -15.32 17.01 26.61
C ILE D 274 -16.47 17.08 25.59
N GLN D 275 -17.71 17.03 26.05
CA GLN D 275 -18.87 16.91 25.17
C GLN D 275 -18.66 15.84 24.10
N PRO D 276 -18.44 14.58 24.50
CA PRO D 276 -18.10 13.55 23.51
C PRO D 276 -19.23 13.27 22.53
N SER D 277 -18.82 12.90 21.31
CA SER D 277 -19.72 12.40 20.28
C SER D 277 -20.09 10.94 20.48
N TYR D 278 -19.18 10.16 21.07
CA TYR D 278 -19.39 8.76 21.43
C TYR D 278 -18.72 8.48 22.77
N VAL D 279 -19.31 7.56 23.52
CA VAL D 279 -18.69 7.01 24.72
C VAL D 279 -18.45 5.53 24.48
N VAL D 280 -17.28 5.05 24.89
CA VAL D 280 -16.97 3.62 24.84
C VAL D 280 -16.64 3.20 26.25
N VAL D 281 -17.39 2.23 26.77
CA VAL D 281 -17.24 1.77 28.15
C VAL D 281 -16.78 0.32 28.15
N GLN D 282 -15.63 0.06 28.78
CA GLN D 282 -15.17 -1.30 29.05
C GLN D 282 -15.71 -1.68 30.41
N CYS D 283 -16.43 -2.80 30.48
CA CYS D 283 -17.14 -3.15 31.71
CA CYS D 283 -17.13 -3.15 31.72
C CYS D 283 -16.64 -4.46 32.31
N GLY D 284 -15.32 -4.64 32.36
CA GLY D 284 -14.75 -5.85 32.92
C GLY D 284 -15.30 -6.12 34.31
N ALA D 285 -15.65 -7.37 34.57
CA ALA D 285 -16.38 -7.76 35.78
C ALA D 285 -15.48 -8.27 36.88
N ASP D 286 -14.17 -8.05 36.78
CA ASP D 286 -13.26 -8.59 37.78
C ASP D 286 -13.20 -7.74 39.05
N CYS D 287 -13.98 -6.64 39.11
CA CYS D 287 -14.15 -5.88 40.35
C CYS D 287 -15.17 -6.51 41.29
N LEU D 288 -15.96 -7.48 40.85
CA LEU D 288 -16.95 -8.07 41.74
C LEU D 288 -16.28 -8.67 42.97
N ALA D 289 -16.95 -8.54 44.12
CA ALA D 289 -16.46 -9.13 45.36
C ALA D 289 -16.20 -10.63 45.26
N THR D 290 -16.91 -11.33 44.35
CA THR D 290 -16.77 -12.77 44.19
C THR D 290 -15.82 -13.17 43.06
N ASP D 291 -15.17 -12.22 42.41
CA ASP D 291 -14.14 -12.58 41.45
C ASP D 291 -12.98 -13.27 42.17
N PRO D 292 -12.35 -14.27 41.56
CA PRO D 292 -11.20 -14.92 42.22
C PRO D 292 -10.03 -13.99 42.51
N HIS D 293 -9.96 -12.81 41.87
CA HIS D 293 -8.95 -11.82 42.25
C HIS D 293 -9.12 -11.40 43.70
N ARG D 294 -10.37 -11.26 44.14
CA ARG D 294 -10.70 -10.87 45.51
C ARG D 294 -9.98 -9.58 45.92
N ILE D 295 -10.10 -8.54 45.09
CA ILE D 295 -9.47 -7.25 45.32
CA ILE D 295 -9.48 -7.25 45.33
C ILE D 295 -10.49 -6.15 45.63
N PHE D 296 -11.47 -5.95 44.75
CA PHE D 296 -12.54 -4.99 45.05
C PHE D 296 -13.77 -5.72 45.58
N ARG D 297 -14.74 -4.95 46.07
CA ARG D 297 -15.94 -5.54 46.65
C ARG D 297 -17.20 -4.99 46.00
N LEU D 298 -17.21 -4.83 44.69
CA LEU D 298 -18.41 -4.38 44.01
C LEU D 298 -19.40 -5.55 43.87
N THR D 299 -20.68 -5.19 43.66
CA THR D 299 -21.69 -6.22 43.45
C THR D 299 -22.44 -5.99 42.14
N ASN D 300 -23.45 -6.82 41.91
CA ASN D 300 -24.46 -6.54 40.89
C ASN D 300 -25.81 -6.14 41.49
N PHE D 301 -25.82 -5.66 42.74
CA PHE D 301 -27.09 -5.40 43.40
C PHE D 301 -27.81 -4.21 42.78
N TYR D 302 -29.14 -4.32 42.65
CA TYR D 302 -29.96 -3.23 42.13
C TYR D 302 -31.15 -3.08 43.09
N PRO D 303 -31.02 -2.24 44.12
CA PRO D 303 -32.08 -2.19 45.14
C PRO D 303 -33.36 -1.51 44.65
N SER D 316 -27.07 -1.49 48.99
CA SER D 316 -26.40 -0.50 48.15
C SER D 316 -26.50 -0.90 46.68
N LEU D 317 -26.18 0.07 45.80
CA LEU D 317 -26.34 -0.06 44.36
C LEU D 317 -25.00 -0.45 43.75
N SER D 318 -25.00 -1.52 42.96
CA SER D 318 -23.81 -1.93 42.21
C SER D 318 -23.09 -0.72 41.62
N GLY D 319 -21.78 -0.64 41.85
CA GLY D 319 -21.02 0.45 41.27
C GLY D 319 -21.09 0.44 39.76
N TYR D 320 -21.10 -0.76 39.16
CA TYR D 320 -21.21 -0.87 37.72
C TYR D 320 -22.52 -0.28 37.20
N LEU D 321 -23.64 -0.64 37.85
CA LEU D 321 -24.92 -0.13 37.40
C LEU D 321 -25.03 1.38 37.61
N TYR D 322 -24.48 1.89 38.73
CA TYR D 322 -24.41 3.33 38.96
C TYR D 322 -23.71 4.04 37.82
N ALA D 323 -22.53 3.54 37.44
CA ALA D 323 -21.72 4.17 36.40
C ALA D 323 -22.39 4.11 35.04
N ILE D 324 -22.92 2.94 34.67
CA ILE D 324 -23.57 2.78 33.37
C ILE D 324 -24.82 3.65 33.28
N LYS D 325 -25.61 3.71 34.34
CA LYS D 325 -26.81 4.56 34.34
C LYS D 325 -26.43 6.02 34.20
N LYS D 326 -25.38 6.45 34.89
CA LYS D 326 -24.89 7.80 34.73
C LYS D 326 -24.48 8.08 33.29
N ILE D 327 -23.66 7.20 32.71
CA ILE D 327 -23.19 7.42 31.34
C ILE D 327 -24.36 7.48 30.37
N LEU D 328 -25.31 6.55 30.51
CA LEU D 328 -26.43 6.53 29.58
C LEU D 328 -27.31 7.78 29.74
N SER D 329 -27.38 8.36 30.95
CA SER D 329 -28.19 9.56 31.15
C SER D 329 -27.69 10.75 30.31
N TRP D 330 -26.48 10.68 29.76
CA TRP D 330 -25.96 11.71 28.90
C TRP D 330 -26.58 11.71 27.51
N LYS D 331 -27.20 10.59 27.10
CA LYS D 331 -27.86 10.47 25.80
C LYS D 331 -26.86 10.65 24.66
N VAL D 332 -25.68 10.08 24.85
CA VAL D 332 -24.63 10.10 23.83
C VAL D 332 -24.51 8.67 23.29
N PRO D 333 -24.37 8.47 21.98
CA PRO D 333 -24.18 7.12 21.45
C PRO D 333 -23.03 6.39 22.13
N THR D 334 -23.30 5.17 22.61
CA THR D 334 -22.42 4.47 23.54
C THR D 334 -22.21 3.03 23.11
N LEU D 335 -20.97 2.59 23.21
CA LEU D 335 -20.58 1.20 23.00
C LEU D 335 -20.21 0.62 24.36
N ILE D 336 -20.86 -0.48 24.75
CA ILE D 336 -20.59 -1.14 26.02
C ILE D 336 -19.91 -2.47 25.74
N LEU D 337 -18.72 -2.64 26.29
CA LEU D 337 -17.92 -3.83 26.03
C LEU D 337 -17.69 -4.60 27.33
N GLY D 338 -17.30 -5.87 27.18
CA GLY D 338 -16.94 -6.76 28.28
C GLY D 338 -15.48 -6.62 28.67
N GLY D 339 -14.82 -7.73 28.94
CA GLY D 339 -13.45 -7.69 29.42
C GLY D 339 -13.20 -8.74 30.47
N GLY D 340 -12.46 -8.39 31.51
CA GLY D 340 -12.18 -9.36 32.56
C GLY D 340 -13.45 -9.88 33.20
N GLY D 341 -13.27 -10.95 33.99
CA GLY D 341 -14.33 -11.55 34.78
C GLY D 341 -14.15 -13.05 34.80
N TYR D 342 -13.65 -13.59 35.91
CA TYR D 342 -13.20 -14.98 35.96
C TYR D 342 -14.06 -15.85 36.86
N ASN D 343 -15.10 -15.30 37.45
CA ASN D 343 -16.20 -16.06 38.01
C ASN D 343 -17.30 -15.99 36.96
N PHE D 344 -17.42 -17.05 36.13
CA PHE D 344 -18.26 -16.93 34.95
C PHE D 344 -19.73 -16.74 35.30
N PRO D 345 -20.32 -17.50 36.22
CA PRO D 345 -21.74 -17.25 36.53
C PRO D 345 -21.98 -15.86 37.08
N ASP D 346 -21.08 -15.35 37.92
CA ASP D 346 -21.29 -14.01 38.47
C ASP D 346 -21.06 -12.92 37.42
N THR D 347 -20.16 -13.14 36.47
CA THR D 347 -20.03 -12.19 35.36
C THR D 347 -21.31 -12.14 34.54
N ALA D 348 -21.92 -13.31 34.31
CA ALA D 348 -23.22 -13.37 33.64
C ALA D 348 -24.29 -12.64 34.46
N ARG D 349 -24.31 -12.86 35.77
CA ARG D 349 -25.25 -12.16 36.62
C ARG D 349 -25.11 -10.64 36.51
N LEU D 350 -23.88 -10.14 36.46
CA LEU D 350 -23.69 -8.70 36.35
C LEU D 350 -24.09 -8.20 34.97
N TRP D 351 -23.58 -8.85 33.92
CA TRP D 351 -23.81 -8.30 32.59
C TRP D 351 -25.26 -8.46 32.14
N THR D 352 -26.00 -9.41 32.70
CA THR D 352 -27.44 -9.48 32.44
C THR D 352 -28.15 -8.26 33.02
N ARG D 353 -27.77 -7.82 34.22
CA ARG D 353 -28.35 -6.60 34.77
C ARG D 353 -27.90 -5.36 34.00
N VAL D 354 -26.64 -5.33 33.57
CA VAL D 354 -26.21 -4.21 32.73
C VAL D 354 -27.07 -4.15 31.48
N THR D 355 -27.33 -5.29 30.87
CA THR D 355 -28.08 -5.30 29.63
C THR D 355 -29.51 -4.82 29.86
N ALA D 356 -30.13 -5.28 30.95
CA ALA D 356 -31.50 -4.86 31.27
C ALA D 356 -31.57 -3.37 31.59
N LEU D 357 -30.61 -2.86 32.36
CA LEU D 357 -30.55 -1.43 32.65
C LEU D 357 -30.41 -0.61 31.37
N THR D 358 -29.60 -1.07 30.42
CA THR D 358 -29.44 -0.34 29.18
C THR D 358 -30.75 -0.25 28.41
N ILE D 359 -31.49 -1.35 28.35
CA ILE D 359 -32.82 -1.32 27.75
C ILE D 359 -33.70 -0.30 28.44
N GLU D 360 -33.74 -0.34 29.78
CA GLU D 360 -34.62 0.55 30.53
C GLU D 360 -34.30 2.00 30.26
N GLU D 361 -33.01 2.35 30.33
CA GLU D 361 -32.61 3.75 30.21
C GLU D 361 -32.79 4.24 28.78
N VAL D 362 -32.47 3.42 27.79
CA VAL D 362 -32.55 3.87 26.41
C VAL D 362 -34.00 3.90 25.93
N LYS D 363 -34.75 2.82 26.16
CA LYS D 363 -36.12 2.71 25.66
C LYS D 363 -37.16 3.33 26.58
N GLY D 364 -36.82 3.62 27.83
CA GLY D 364 -37.81 4.15 28.76
C GLY D 364 -38.85 3.15 29.17
N LYS D 365 -38.54 1.86 29.05
CA LYS D 365 -39.48 0.78 29.29
C LYS D 365 -38.96 -0.05 30.45
N LYS D 366 -39.82 -0.33 31.42
CA LYS D 366 -39.36 -1.03 32.62
C LYS D 366 -39.04 -2.49 32.29
N MET D 367 -37.87 -2.94 32.74
CA MET D 367 -37.48 -4.34 32.67
C MET D 367 -37.59 -4.94 34.06
N THR D 368 -38.31 -6.04 34.16
CA THR D 368 -38.56 -6.71 35.43
C THR D 368 -37.83 -8.03 35.41
N ILE D 369 -36.86 -8.18 36.30
CA ILE D 369 -35.98 -9.34 36.35
C ILE D 369 -36.25 -10.07 37.67
N SER D 370 -36.71 -11.32 37.58
CA SER D 370 -36.95 -12.10 38.79
C SER D 370 -35.64 -12.29 39.56
N PRO D 371 -35.67 -12.22 40.89
CA PRO D 371 -34.45 -12.48 41.68
C PRO D 371 -33.95 -13.92 41.64
N GLU D 372 -34.75 -14.87 41.14
CA GLU D 372 -34.28 -16.24 40.94
C GLU D 372 -33.90 -16.46 39.49
N ILE D 373 -32.81 -17.20 39.27
CA ILE D 373 -32.36 -17.54 37.92
C ILE D 373 -33.42 -18.39 37.24
N PRO D 374 -33.84 -18.07 36.02
CA PRO D 374 -34.81 -18.91 35.32
C PRO D 374 -34.20 -20.22 34.85
N GLU D 375 -35.06 -21.22 34.66
CA GLU D 375 -34.61 -22.45 34.04
C GLU D 375 -34.11 -22.18 32.63
N HIS D 376 -32.99 -22.81 32.29
CA HIS D 376 -32.34 -22.68 30.98
C HIS D 376 -31.14 -23.61 30.93
N SER D 377 -30.42 -23.61 29.81
CA SER D 377 -29.40 -24.61 29.53
C SER D 377 -28.33 -24.66 30.62
N TYR D 378 -27.94 -23.52 31.17
CA TYR D 378 -26.85 -23.45 32.12
C TYR D 378 -27.34 -23.20 33.55
N PHE D 379 -28.60 -23.51 33.84
CA PHE D 379 -29.16 -23.28 35.18
C PHE D 379 -28.27 -23.88 36.27
N SER D 380 -27.76 -25.09 36.02
CA SER D 380 -27.02 -25.81 37.06
C SER D 380 -25.78 -25.07 37.51
N ARG D 381 -25.18 -24.25 36.65
CA ARG D 381 -23.99 -23.49 37.00
C ARG D 381 -24.26 -22.38 38.02
N TYR D 382 -25.52 -22.12 38.36
CA TYR D 382 -25.88 -21.04 39.26
C TYR D 382 -26.20 -21.52 40.67
N GLY D 383 -25.87 -22.78 40.98
CA GLY D 383 -26.12 -23.34 42.29
C GLY D 383 -25.17 -22.85 43.34
N PRO D 384 -25.45 -23.16 44.62
CA PRO D 384 -26.57 -24.01 44.98
C PRO D 384 -27.87 -23.25 45.26
N ASP D 385 -27.84 -21.92 45.19
CA ASP D 385 -29.00 -21.11 45.54
C ASP D 385 -29.73 -20.51 44.34
N PHE D 386 -29.09 -20.36 43.18
CA PHE D 386 -29.78 -20.04 41.93
C PHE D 386 -30.49 -18.68 42.00
N GLU D 387 -29.85 -17.69 42.60
CA GLU D 387 -30.37 -16.33 42.65
C GLU D 387 -29.53 -15.39 41.80
N LEU D 388 -30.14 -14.25 41.42
CA LEU D 388 -29.49 -13.33 40.48
C LEU D 388 -28.44 -12.44 41.16
N ASP D 389 -28.74 -11.97 42.38
CA ASP D 389 -27.74 -11.32 43.23
C ASP D 389 -26.54 -12.24 43.44
N ILE D 390 -25.33 -11.67 43.36
CA ILE D 390 -24.17 -12.46 43.73
C ILE D 390 -24.20 -12.78 45.23
N ASP D 391 -23.51 -13.86 45.59
CA ASP D 391 -23.54 -14.39 46.95
C ASP D 391 -22.47 -13.68 47.78
N TYR D 392 -22.84 -12.50 48.27
CA TYR D 392 -21.88 -11.68 49.01
C TYR D 392 -22.60 -10.76 50.00
N PHE D 393 -22.10 -10.73 51.24
CA PHE D 393 -22.63 -9.87 52.29
C PHE D 393 -21.68 -8.72 52.56
N PRO D 394 -22.00 -7.49 52.15
CA PRO D 394 -21.13 -6.30 52.22
C PRO D 394 -20.87 -5.85 53.65
N ASP D 403 -9.69 10.35 51.78
CA ASP D 403 -8.62 11.33 51.83
C ASP D 403 -7.68 11.15 50.64
N SER D 404 -7.30 9.90 50.38
CA SER D 404 -6.57 9.58 49.16
C SER D 404 -7.38 9.99 47.94
N ILE D 405 -8.70 9.76 48.00
CA ILE D 405 -9.56 10.01 46.85
C ILE D 405 -9.81 11.50 46.67
N GLN D 406 -9.86 12.26 47.76
CA GLN D 406 -9.97 13.71 47.65
C GLN D 406 -8.76 14.30 46.92
N LYS D 407 -7.57 13.79 47.21
CA LYS D 407 -6.37 14.26 46.53
C LYS D 407 -6.39 13.90 45.04
N HIS D 408 -6.84 12.69 44.70
CA HIS D 408 -6.96 12.32 43.29
C HIS D 408 -7.98 13.21 42.57
N HIS D 409 -9.10 13.53 43.24
CA HIS D 409 -10.09 14.41 42.61
C HIS D 409 -9.52 15.79 42.33
N ARG D 410 -8.73 16.33 43.26
CA ARG D 410 -8.09 17.62 43.01
C ARG D 410 -7.10 17.52 41.86
N ARG D 411 -6.36 16.40 41.80
CA ARG D 411 -5.39 16.24 40.73
C ARG D 411 -6.08 16.08 39.38
N ILE D 412 -7.17 15.34 39.35
CA ILE D 412 -7.89 15.09 38.11
C ILE D 412 -8.62 16.36 37.65
N LEU D 413 -9.15 17.13 38.60
CA LEU D 413 -9.82 18.38 38.24
C LEU D 413 -8.84 19.36 37.60
N GLU D 414 -7.63 19.43 38.15
CA GLU D 414 -6.60 20.29 37.57
C GLU D 414 -6.20 19.80 36.18
N GLN D 415 -6.03 18.48 36.03
CA GLN D 415 -5.69 17.92 34.72
C GLN D 415 -6.77 18.23 33.68
N LEU D 416 -8.04 18.18 34.11
CA LEU D 416 -9.13 18.48 33.19
C LEU D 416 -9.11 19.95 32.78
N ARG D 417 -8.82 20.86 33.73
CA ARG D 417 -8.65 22.27 33.38
C ARG D 417 -7.51 22.46 32.38
N ASN D 418 -6.39 21.76 32.59
CA ASN D 418 -5.26 21.86 31.68
C ASN D 418 -5.58 21.29 30.31
N TYR D 419 -6.28 20.16 30.26
CA TYR D 419 -6.76 19.63 29.00
C TYR D 419 -7.64 20.65 28.28
N ALA D 420 -8.60 21.25 29.00
CA ALA D 420 -9.51 22.20 28.39
C ALA D 420 -8.79 23.45 27.90
N ASP D 421 -7.82 23.95 28.67
CA ASP D 421 -7.05 25.11 28.21
C ASP D 421 -6.22 24.76 26.99
N LEU D 422 -5.56 23.61 27.01
CA LEU D 422 -4.72 23.23 25.88
C LEU D 422 -5.54 23.09 24.60
N ASN D 423 -6.78 22.64 24.70
CA ASN D 423 -7.60 22.35 23.54
C ASN D 423 -8.64 23.42 23.24
N LYS D 424 -8.54 24.60 23.87
CA LYS D 424 -9.44 25.73 23.59
C LYS D 424 -10.92 25.38 23.83
N LEU D 425 -11.18 24.58 24.85
CA LEU D 425 -12.56 24.23 25.17
C LEU D 425 -13.08 25.18 26.25
N ILE D 426 -14.35 25.57 26.11
CA ILE D 426 -14.99 26.51 27.02
C ILE D 426 -15.99 25.75 27.89
N TYR D 427 -16.00 26.07 29.18
CA TYR D 427 -16.92 25.45 30.12
C TYR D 427 -16.87 26.27 31.41
N ASP D 428 -17.76 25.93 32.34
CA ASP D 428 -17.85 26.61 33.63
C ASP D 428 -16.97 25.88 34.64
N TYR D 429 -15.87 26.51 35.04
CA TYR D 429 -15.05 25.95 36.11
C TYR D 429 -15.92 25.64 37.33
N ASP D 430 -16.70 26.62 37.78
CA ASP D 430 -17.41 26.47 39.04
C ASP D 430 -18.49 25.41 38.98
N GLN D 431 -19.09 25.17 37.80
CA GLN D 431 -20.04 24.07 37.66
C GLN D 431 -19.33 22.72 37.76
N VAL D 432 -18.22 22.57 37.05
CA VAL D 432 -17.43 21.34 37.16
C VAL D 432 -16.91 21.18 38.59
N TYR D 433 -16.22 22.21 39.08
CA TYR D 433 -15.71 22.20 40.45
C TYR D 433 -16.80 21.89 41.47
N GLN D 434 -18.04 22.33 41.22
CA GLN D 434 -19.14 22.07 42.14
C GLN D 434 -19.51 20.58 42.21
N LEU D 435 -19.20 19.82 41.15
CA LEU D 435 -19.53 18.39 41.18
C LEU D 435 -18.77 17.67 42.29
N TYR D 436 -17.52 18.04 42.52
CA TYR D 436 -16.69 17.34 43.50
C TYR D 436 -16.90 17.89 44.90
#